data_6ID4
#
_entry.id   6ID4
#
_cell.length_a   124.560
_cell.length_b   215.330
_cell.length_c   80.980
_cell.angle_alpha   90.00
_cell.angle_beta   92.96
_cell.angle_gamma   90.00
#
_symmetry.space_group_name_H-M   'C 1 2 1'
#
loop_
_entity.id
_entity.type
_entity.pdbx_description
1 polymer 'MHC class I antigen'
2 polymer Beta-2-microglobulin
3 polymer 'Heavy chain'
4 polymer 'Light chain'
5 polymer peptide
6 non-polymer GLYCEROL
7 non-polymer DI(HYDROXYETHYL)ETHER
8 water water
#
loop_
_entity_poly.entity_id
_entity_poly.type
_entity_poly.pdbx_seq_one_letter_code
_entity_poly.pdbx_strand_id
1 'polypeptide(L)'
;MGSHSMRYFYTSVSRPGRGEPRFIAVGYVDDTQFVRFDSDAASQRMEPRAPWIEQEGPEYWDQETRNVKAQSQTDRVDLG
TLRGYYNQSEDGSHTIQIMYGCDVGPDGRFLRGYRQDAYDGKDYIALNEDLRSWTAADMAAQITKRKWEAAHAAEQQRAY
LEGRCVEWLRRYLENGKETLQRTDPPKTHMTHHPISDHEATLRCWALGFYPAEITLTWQRDGEDQTQDTELVETRPAGDG
TFQKWAAVVVPSGEEQRYTCHVQHEGLPKPLTLRWE
;
A,E
2 'polypeptide(L)'
;MIQRTPKIQVYSRHPAENGKSNFLNCYVSGFHPSDIEVDLLKNGERIEKVEHSDLSFSKDWSFYLLYYTEFTPTEKDEYA
CRVNHVTLSQPKIVKWDRDM
;
B,F
3 'polypeptide(L)'
;EVQLVQSGAEVKKPGASVKVSCKASGYTFTGYYMHWVRQAPGQGLEWMGWINPNSGGTSYAQKFQGRVTMTRDTSTSTVY
MELSSLRSEDTAVYYCARVTTVIAGPVFDYWGQGTLVTVSSASTKGPSVFPLAPSSKSTSGGTAALGCLVKDYFPEPVTV
SWNSGALTSGVHTFPAVLQSSGLYSLSSVVTVPSSSLGTQTYICNVNHKPSNTKVDKKVEPK
;
C,H
4 'polypeptide(L)'
;QAVLTQPSSLSASPGASASLTCTLRSGINVGPYNIYWYQQKPGSPPQYLMRYKSDPDKHQGSAVPSRFSGSKDASANAGI
LLISGLQSEDEADYYCMIWHNNAWVFGGGTKLTVLGQPKAAPSVTLFPPSSEELQANKATLVCLISDFYPGAVTVAWKAD
SSPVKAGVETTTPSKQSNNKYAASSYLSLTPEQWKSHKSYSCQVTHEGSTVEKTVAPTECS
;
D,L
5 'polypeptide(L)' AIFQSSMTK T,U
#
# COMPACT_ATOMS: atom_id res chain seq x y z
N GLY A 2 -13.91 33.91 -14.65
CA GLY A 2 -14.20 32.61 -15.24
C GLY A 2 -15.68 32.31 -15.40
N SER A 3 -16.01 31.02 -15.57
CA SER A 3 -17.39 30.54 -15.73
C SER A 3 -18.03 30.30 -14.33
N HIS A 4 -19.31 30.70 -14.17
CA HIS A 4 -20.04 30.62 -12.89
C HIS A 4 -21.43 30.07 -13.00
N SER A 5 -21.97 29.58 -11.88
CA SER A 5 -23.33 29.08 -11.87
C SER A 5 -24.04 29.33 -10.58
N MET A 6 -25.36 29.44 -10.64
CA MET A 6 -26.22 29.50 -9.48
C MET A 6 -27.12 28.26 -9.59
N ARG A 7 -27.21 27.45 -8.50
CA ARG A 7 -28.07 26.24 -8.46
C ARG A 7 -28.87 26.10 -7.14
N TYR A 8 -30.17 25.72 -7.23
CA TYR A 8 -31.05 25.44 -6.10
C TYR A 8 -31.49 23.99 -6.13
N PHE A 9 -31.34 23.31 -4.99
CA PHE A 9 -31.66 21.89 -4.73
C PHE A 9 -32.81 21.81 -3.75
N TYR A 10 -33.88 21.08 -4.11
CA TYR A 10 -35.06 20.86 -3.24
C TYR A 10 -35.30 19.37 -3.00
N THR A 11 -35.56 18.98 -1.77
CA THR A 11 -35.88 17.59 -1.43
C THR A 11 -37.17 17.58 -0.61
N SER A 12 -38.17 16.84 -1.08
CA SER A 12 -39.44 16.67 -0.37
C SER A 12 -39.63 15.22 -0.03
N VAL A 13 -39.73 14.90 1.26
CA VAL A 13 -39.89 13.54 1.72
C VAL A 13 -41.18 13.32 2.54
N SER A 14 -42.08 12.44 2.06
CA SER A 14 -43.23 12.09 2.88
C SER A 14 -42.77 11.07 3.94
N ARG A 15 -43.30 11.17 5.17
CA ARG A 15 -42.96 10.24 6.23
C ARG A 15 -44.26 9.93 7.00
N PRO A 16 -45.24 9.22 6.32
CA PRO A 16 -46.54 8.93 6.97
C PRO A 16 -46.46 8.31 8.37
N GLY A 17 -46.96 9.06 9.34
CA GLY A 17 -46.96 8.58 10.72
C GLY A 17 -45.84 9.06 11.59
N ARG A 18 -44.79 9.63 10.96
CA ARG A 18 -43.64 10.13 11.69
C ARG A 18 -43.82 11.63 11.89
N GLY A 19 -44.30 12.30 10.85
CA GLY A 19 -44.53 13.72 10.86
C GLY A 19 -45.07 14.18 9.54
N GLU A 20 -45.02 15.48 9.36
CA GLU A 20 -45.39 16.25 8.16
C GLU A 20 -44.34 15.95 7.04
N PRO A 21 -44.62 16.04 5.71
CA PRO A 21 -43.52 15.82 4.73
C PRO A 21 -42.36 16.80 4.97
N ARG A 22 -41.12 16.33 4.90
CA ARG A 22 -40.02 17.25 5.11
C ARG A 22 -39.58 17.89 3.80
N PHE A 23 -39.17 19.16 3.88
CA PHE A 23 -38.65 19.96 2.79
C PHE A 23 -37.31 20.63 3.18
N ILE A 24 -36.26 20.39 2.38
CA ILE A 24 -34.93 20.99 2.48
C ILE A 24 -34.66 21.64 1.16
N ALA A 25 -34.31 22.92 1.23
CA ALA A 25 -33.92 23.73 0.08
C ALA A 25 -32.49 24.21 0.34
N VAL A 26 -31.55 23.95 -0.60
CA VAL A 26 -30.15 24.43 -0.50
C VAL A 26 -29.83 25.24 -1.75
N GLY A 27 -29.20 26.40 -1.54
CA GLY A 27 -28.81 27.33 -2.59
C GLY A 27 -27.30 27.42 -2.67
N TYR A 28 -26.78 27.30 -3.90
CA TYR A 28 -25.34 27.33 -4.24
C TYR A 28 -24.96 28.35 -5.31
N VAL A 29 -23.76 28.92 -5.17
CA VAL A 29 -23.10 29.75 -6.20
C VAL A 29 -21.81 28.99 -6.35
N ASP A 30 -21.65 28.30 -7.52
CA ASP A 30 -20.57 27.37 -7.79
C ASP A 30 -20.58 26.26 -6.72
N ASP A 31 -19.51 26.10 -5.90
CA ASP A 31 -19.47 25.07 -4.83
C ASP A 31 -19.62 25.69 -3.42
N THR A 32 -20.14 26.90 -3.37
CA THR A 32 -20.42 27.61 -2.14
C THR A 32 -21.95 27.72 -1.90
N GLN A 33 -22.45 27.15 -0.79
CA GLN A 33 -23.80 27.25 -0.30
C GLN A 33 -23.99 28.65 0.33
N PHE A 34 -25.08 29.35 -0.02
CA PHE A 34 -25.35 30.70 0.51
C PHE A 34 -26.67 30.81 1.25
N VAL A 35 -27.59 29.88 0.99
CA VAL A 35 -28.91 29.84 1.63
C VAL A 35 -29.35 28.40 1.96
N ARG A 36 -30.25 28.30 2.94
CA ARG A 36 -30.87 27.03 3.31
C ARG A 36 -32.28 27.26 3.86
N PHE A 37 -33.15 26.27 3.70
CA PHE A 37 -34.49 26.20 4.31
C PHE A 37 -34.68 24.75 4.72
N ASP A 38 -35.12 24.53 5.96
CA ASP A 38 -35.47 23.19 6.45
C ASP A 38 -36.78 23.32 7.18
N SER A 39 -37.82 22.58 6.71
CA SER A 39 -39.16 22.61 7.31
C SER A 39 -39.14 22.15 8.77
N ASP A 40 -38.12 21.34 9.14
CA ASP A 40 -37.93 20.82 10.50
C ASP A 40 -37.27 21.81 11.45
N ALA A 41 -36.57 22.80 10.91
CA ALA A 41 -35.87 23.79 11.72
C ALA A 41 -36.82 24.79 12.41
N ALA A 42 -36.33 25.46 13.48
CA ALA A 42 -37.20 26.33 14.30
C ALA A 42 -37.57 27.67 13.68
N SER A 43 -36.74 28.26 12.82
CA SER A 43 -37.01 29.60 12.26
C SER A 43 -38.17 29.68 11.33
N GLN A 44 -38.30 28.70 10.39
CA GLN A 44 -39.31 28.69 9.34
C GLN A 44 -39.05 29.82 8.32
N ARG A 45 -37.75 30.18 8.19
CA ARG A 45 -37.27 31.18 7.27
C ARG A 45 -36.17 30.61 6.38
N MET A 46 -35.89 31.30 5.25
CA MET A 46 -34.75 31.09 4.39
C MET A 46 -33.59 31.65 5.23
N GLU A 47 -32.54 30.84 5.47
CA GLU A 47 -31.43 31.24 6.33
C GLU A 47 -30.12 31.49 5.59
N PRO A 48 -29.31 32.50 5.99
CA PRO A 48 -28.02 32.71 5.32
C PRO A 48 -26.96 31.66 5.70
N ARG A 49 -26.17 31.21 4.72
CA ARG A 49 -25.10 30.22 4.94
C ARG A 49 -23.74 30.70 4.37
N ALA A 50 -23.72 31.90 3.78
CA ALA A 50 -22.50 32.52 3.24
C ALA A 50 -22.46 33.95 3.76
N PRO A 51 -21.27 34.53 4.05
CA PRO A 51 -21.24 35.88 4.64
C PRO A 51 -21.71 37.01 3.75
N TRP A 52 -21.55 36.86 2.43
CA TRP A 52 -21.91 37.85 1.42
C TRP A 52 -23.42 37.93 1.11
N ILE A 53 -24.22 37.02 1.66
CA ILE A 53 -25.65 37.06 1.49
C ILE A 53 -26.29 37.83 2.68
N GLU A 54 -25.59 37.89 3.82
CA GLU A 54 -26.04 38.58 5.03
C GLU A 54 -26.35 40.06 4.82
N GLN A 55 -25.71 40.70 3.83
CA GLN A 55 -25.93 42.10 3.53
C GLN A 55 -27.30 42.36 2.86
N GLU A 56 -28.00 41.30 2.39
CA GLU A 56 -29.35 41.40 1.79
C GLU A 56 -30.36 41.84 2.84
N GLY A 57 -31.16 42.83 2.47
CA GLY A 57 -32.16 43.47 3.33
C GLY A 57 -33.30 42.57 3.76
N PRO A 58 -34.14 43.05 4.72
CA PRO A 58 -35.29 42.23 5.19
C PRO A 58 -36.30 41.81 4.14
N GLU A 59 -36.46 42.61 3.07
CA GLU A 59 -37.40 42.38 1.97
C GLU A 59 -36.97 41.20 1.10
N TYR A 60 -35.66 40.92 1.07
CA TYR A 60 -35.06 39.81 0.35
C TYR A 60 -35.43 38.54 1.09
N TRP A 61 -35.20 38.57 2.42
CA TRP A 61 -35.41 37.47 3.34
C TRP A 61 -36.87 37.10 3.46
N ASP A 62 -37.75 38.12 3.47
CA ASP A 62 -39.20 37.98 3.50
C ASP A 62 -39.69 37.31 2.23
N GLN A 63 -39.25 37.78 1.07
CA GLN A 63 -39.53 37.26 -0.29
C GLN A 63 -39.09 35.80 -0.43
N GLU A 64 -37.86 35.49 0.01
CA GLU A 64 -37.29 34.16 -0.09
C GLU A 64 -38.02 33.11 0.75
N THR A 65 -38.46 33.50 1.96
CA THR A 65 -39.19 32.68 2.94
C THR A 65 -40.58 32.37 2.36
N ARG A 66 -41.32 33.40 2.01
CA ARG A 66 -42.63 33.37 1.40
C ARG A 66 -42.69 32.40 0.22
N ASN A 67 -41.69 32.48 -0.65
CA ASN A 67 -41.55 31.75 -1.89
C ASN A 67 -41.10 30.31 -1.73
N VAL A 68 -40.16 30.06 -0.80
CA VAL A 68 -39.65 28.73 -0.55
C VAL A 68 -40.72 27.95 0.22
N LYS A 69 -41.54 28.66 1.03
CA LYS A 69 -42.70 28.08 1.73
C LYS A 69 -43.75 27.66 0.70
N ALA A 70 -44.07 28.53 -0.26
CA ALA A 70 -45.00 28.28 -1.37
C ALA A 70 -44.57 27.06 -2.22
N GLN A 71 -43.26 26.83 -2.35
CA GLN A 71 -42.69 25.71 -3.08
C GLN A 71 -42.88 24.39 -2.30
N SER A 72 -42.66 24.42 -0.99
CA SER A 72 -42.82 23.25 -0.13
C SER A 72 -44.24 22.76 -0.16
N GLN A 73 -45.19 23.68 -0.31
CA GLN A 73 -46.61 23.43 -0.42
C GLN A 73 -46.97 22.80 -1.75
N THR A 74 -46.32 23.23 -2.83
CA THR A 74 -46.48 22.64 -4.16
C THR A 74 -46.04 21.19 -4.13
N ASP A 75 -44.86 20.93 -3.50
CA ASP A 75 -44.21 19.64 -3.37
C ASP A 75 -44.99 18.64 -2.52
N ARG A 76 -45.64 19.12 -1.42
CA ARG A 76 -46.55 18.37 -0.54
C ARG A 76 -47.76 17.86 -1.34
N VAL A 77 -48.44 18.75 -2.12
CA VAL A 77 -49.56 18.30 -2.95
C VAL A 77 -49.03 17.35 -4.06
N ASP A 78 -47.79 17.55 -4.55
CA ASP A 78 -47.21 16.71 -5.60
C ASP A 78 -46.90 15.29 -5.12
N LEU A 79 -46.50 15.16 -3.86
CA LEU A 79 -46.21 13.90 -3.18
C LEU A 79 -47.55 13.10 -3.22
N GLY A 80 -48.65 13.77 -2.91
CA GLY A 80 -49.97 13.16 -2.98
C GLY A 80 -50.41 12.80 -4.39
N THR A 81 -50.13 13.69 -5.36
CA THR A 81 -50.47 13.50 -6.77
C THR A 81 -49.73 12.27 -7.36
N LEU A 82 -48.42 12.14 -7.09
CA LEU A 82 -47.53 11.09 -7.58
C LEU A 82 -47.80 9.73 -6.96
N ARG A 83 -48.26 9.70 -5.71
CA ARG A 83 -48.71 8.49 -5.03
C ARG A 83 -49.96 7.95 -5.79
N GLY A 84 -50.86 8.87 -6.16
CA GLY A 84 -52.07 8.61 -6.95
C GLY A 84 -51.74 8.17 -8.37
N TYR A 85 -50.66 8.72 -8.98
CA TYR A 85 -50.30 8.30 -10.35
C TYR A 85 -49.75 6.90 -10.38
N TYR A 86 -48.89 6.58 -9.40
CA TYR A 86 -48.20 5.31 -9.31
C TYR A 86 -48.92 4.22 -8.53
N ASN A 87 -50.08 4.54 -7.93
CA ASN A 87 -50.91 3.59 -7.15
C ASN A 87 -50.08 3.02 -5.96
N GLN A 88 -49.48 3.93 -5.20
CA GLN A 88 -48.65 3.60 -4.07
C GLN A 88 -49.46 3.72 -2.79
N SER A 89 -49.05 2.99 -1.75
CA SER A 89 -49.76 2.98 -0.48
C SER A 89 -49.55 4.30 0.27
N GLU A 90 -50.56 4.70 1.05
CA GLU A 90 -50.60 5.92 1.84
C GLU A 90 -49.67 5.89 3.03
N ASP A 91 -49.03 4.75 3.28
CA ASP A 91 -48.17 4.52 4.43
C ASP A 91 -46.68 4.49 4.12
N GLY A 92 -46.32 4.50 2.85
CA GLY A 92 -44.94 4.51 2.39
C GLY A 92 -44.36 5.91 2.29
N SER A 93 -43.04 6.00 2.39
CA SER A 93 -42.25 7.20 2.29
C SER A 93 -41.71 7.29 0.83
N HIS A 94 -41.90 8.47 0.25
CA HIS A 94 -41.57 8.81 -1.12
C HIS A 94 -40.87 10.14 -1.17
N THR A 95 -40.06 10.35 -2.23
CA THR A 95 -39.23 11.55 -2.27
C THR A 95 -39.20 12.15 -3.64
N ILE A 96 -39.43 13.48 -3.67
CA ILE A 96 -39.35 14.34 -4.85
C ILE A 96 -38.04 15.17 -4.68
N GLN A 97 -37.25 15.28 -5.76
CA GLN A 97 -36.01 16.06 -5.80
C GLN A 97 -36.07 16.93 -7.04
N ILE A 98 -35.78 18.24 -6.89
CA ILE A 98 -35.74 19.27 -7.94
C ILE A 98 -34.42 19.98 -7.90
N MET A 99 -33.80 20.15 -9.07
CA MET A 99 -32.59 20.92 -9.23
C MET A 99 -32.81 21.84 -10.44
N TYR A 100 -32.56 23.13 -10.25
CA TYR A 100 -32.57 24.11 -11.33
C TYR A 100 -31.41 25.12 -11.15
N GLY A 101 -31.01 25.74 -12.24
CA GLY A 101 -29.96 26.73 -12.22
C GLY A 101 -29.62 27.36 -13.54
N CYS A 102 -28.66 28.24 -13.52
CA CYS A 102 -28.22 28.91 -14.74
C CYS A 102 -26.74 29.11 -14.60
N ASP A 103 -26.04 29.12 -15.77
CA ASP A 103 -24.60 29.31 -15.94
C ASP A 103 -24.33 30.64 -16.67
N VAL A 104 -23.22 31.31 -16.32
CA VAL A 104 -22.72 32.55 -16.96
C VAL A 104 -21.26 32.32 -17.35
N GLY A 105 -20.81 33.00 -18.39
CA GLY A 105 -19.42 32.89 -18.82
C GLY A 105 -18.52 33.90 -18.14
N PRO A 106 -17.30 34.13 -18.70
CA PRO A 106 -16.39 35.14 -18.13
C PRO A 106 -16.90 36.58 -18.28
N ASP A 107 -17.71 36.80 -19.35
CA ASP A 107 -18.37 38.07 -19.70
C ASP A 107 -19.56 38.42 -18.81
N GLY A 108 -20.09 37.42 -18.08
CA GLY A 108 -21.24 37.57 -17.19
C GLY A 108 -22.55 37.33 -17.90
N ARG A 109 -22.50 36.85 -19.14
CA ARG A 109 -23.69 36.57 -19.97
C ARG A 109 -24.15 35.09 -19.86
N PHE A 110 -25.50 34.89 -19.87
CA PHE A 110 -26.18 33.61 -19.87
C PHE A 110 -25.52 32.59 -20.81
N LEU A 111 -25.32 31.37 -20.32
CA LEU A 111 -24.70 30.27 -21.08
C LEU A 111 -25.72 29.16 -21.26
N ARG A 112 -26.21 28.63 -20.15
CA ARG A 112 -27.14 27.52 -20.06
C ARG A 112 -28.05 27.71 -18.84
N GLY A 113 -29.23 27.15 -18.94
CA GLY A 113 -30.28 27.10 -17.93
C GLY A 113 -30.80 25.67 -17.89
N TYR A 114 -31.19 25.16 -16.71
CA TYR A 114 -31.63 23.77 -16.56
C TYR A 114 -32.64 23.63 -15.42
N ARG A 115 -33.51 22.61 -15.52
CA ARG A 115 -34.57 22.31 -14.54
C ARG A 115 -34.87 20.80 -14.64
N GLN A 116 -34.52 20.04 -13.60
CA GLN A 116 -34.71 18.59 -13.55
C GLN A 116 -35.39 18.13 -12.28
N ASP A 117 -36.35 17.20 -12.42
CA ASP A 117 -37.14 16.65 -11.31
C ASP A 117 -37.05 15.12 -11.29
N ALA A 118 -36.97 14.55 -10.07
CA ALA A 118 -36.96 13.10 -9.81
C ALA A 118 -38.10 12.71 -8.88
N TYR A 119 -38.43 11.41 -8.94
CA TYR A 119 -39.38 10.80 -8.02
C TYR A 119 -38.79 9.48 -7.64
N ASP A 120 -38.50 9.34 -6.34
CA ASP A 120 -37.91 8.18 -5.72
C ASP A 120 -36.53 7.82 -6.30
N GLY A 121 -35.72 8.85 -6.58
CA GLY A 121 -34.35 8.70 -7.07
C GLY A 121 -34.16 8.37 -8.53
N LYS A 122 -35.22 8.54 -9.29
CA LYS A 122 -35.31 8.28 -10.73
C LYS A 122 -35.82 9.55 -11.37
N ASP A 123 -35.36 9.84 -12.57
CA ASP A 123 -35.76 10.95 -13.42
C ASP A 123 -37.29 10.94 -13.58
N TYR A 124 -37.93 12.11 -13.50
CA TYR A 124 -39.38 12.22 -13.62
C TYR A 124 -39.74 13.02 -14.87
N ILE A 125 -39.35 14.31 -14.88
CA ILE A 125 -39.57 15.31 -15.92
C ILE A 125 -38.37 16.28 -15.94
N ALA A 126 -37.86 16.66 -17.14
CA ALA A 126 -36.73 17.58 -17.33
C ALA A 126 -37.04 18.62 -18.38
N LEU A 127 -36.61 19.88 -18.14
CA LEU A 127 -36.70 20.94 -19.12
C LEU A 127 -35.64 20.61 -20.16
N ASN A 128 -35.98 20.69 -21.46
CA ASN A 128 -35.02 20.38 -22.53
C ASN A 128 -34.00 21.50 -22.68
N GLU A 129 -32.87 21.22 -23.38
CA GLU A 129 -31.79 22.22 -23.61
C GLU A 129 -32.33 23.53 -24.20
N ASP A 130 -33.36 23.44 -25.07
CA ASP A 130 -34.00 24.58 -25.73
C ASP A 130 -34.79 25.50 -24.76
N LEU A 131 -35.11 25.02 -23.52
CA LEU A 131 -35.89 25.74 -22.49
C LEU A 131 -37.32 25.99 -23.00
N ARG A 132 -37.78 25.14 -23.93
CA ARG A 132 -39.09 25.30 -24.60
C ARG A 132 -39.99 24.09 -24.52
N SER A 133 -39.44 22.95 -24.11
CA SER A 133 -40.16 21.67 -24.04
C SER A 133 -39.65 20.81 -22.86
N TRP A 134 -40.43 19.77 -22.54
CA TRP A 134 -40.16 18.87 -21.45
C TRP A 134 -39.94 17.44 -21.91
N THR A 135 -39.11 16.71 -21.17
CA THR A 135 -38.89 15.29 -21.37
C THR A 135 -39.41 14.56 -20.13
N ALA A 136 -40.54 13.85 -20.30
CA ALA A 136 -41.24 12.98 -19.34
C ALA A 136 -40.56 11.57 -19.37
N ALA A 137 -40.08 11.07 -18.23
CA ALA A 137 -39.39 9.78 -18.15
C ALA A 137 -40.31 8.54 -18.18
N ASP A 138 -41.64 8.73 -17.92
CA ASP A 138 -42.67 7.68 -17.95
C ASP A 138 -44.08 8.22 -18.31
N MET A 139 -45.11 7.34 -18.24
CA MET A 139 -46.54 7.61 -18.47
C MET A 139 -47.10 8.64 -17.44
N ALA A 140 -46.61 8.62 -16.20
CA ALA A 140 -47.06 9.53 -15.14
C ALA A 140 -46.50 10.93 -15.37
N ALA A 141 -45.21 11.03 -15.78
CA ALA A 141 -44.53 12.30 -16.05
C ALA A 141 -45.06 12.94 -17.31
N GLN A 142 -45.77 12.15 -18.12
CA GLN A 142 -46.47 12.55 -19.33
C GLN A 142 -47.73 13.29 -18.98
N ILE A 143 -48.40 12.95 -17.87
CA ILE A 143 -49.57 13.67 -17.36
C ILE A 143 -49.14 15.12 -16.97
N THR A 144 -48.04 15.22 -16.18
CA THR A 144 -47.40 16.44 -15.71
C THR A 144 -46.97 17.33 -16.92
N LYS A 145 -46.33 16.69 -17.93
CA LYS A 145 -45.84 17.32 -19.15
C LYS A 145 -46.98 18.05 -19.82
N ARG A 146 -48.13 17.38 -20.02
CA ARG A 146 -49.35 17.93 -20.61
C ARG A 146 -49.93 19.08 -19.80
N LYS A 147 -49.87 19.02 -18.46
CA LYS A 147 -50.34 20.07 -17.53
C LYS A 147 -49.51 21.33 -17.75
N TRP A 148 -48.18 21.15 -17.74
CA TRP A 148 -47.13 22.15 -17.89
C TRP A 148 -47.10 22.78 -19.25
N GLU A 149 -47.42 22.01 -20.30
CA GLU A 149 -47.51 22.53 -21.66
C GLU A 149 -48.68 23.52 -21.75
N ALA A 150 -49.83 23.12 -21.22
CA ALA A 150 -51.08 23.89 -21.13
C ALA A 150 -50.97 25.14 -20.23
N ALA A 151 -50.12 25.07 -19.18
CA ALA A 151 -49.92 26.15 -18.22
C ALA A 151 -48.78 27.11 -18.61
N HIS A 152 -48.03 26.78 -19.69
CA HIS A 152 -46.88 27.53 -20.24
C HIS A 152 -45.70 27.59 -19.24
N ALA A 153 -45.43 26.49 -18.53
CA ALA A 153 -44.38 26.36 -17.51
C ALA A 153 -42.97 26.59 -18.05
N ALA A 154 -42.68 26.21 -19.33
CA ALA A 154 -41.39 26.38 -19.99
C ALA A 154 -41.10 27.86 -20.21
N GLU A 155 -42.09 28.65 -20.66
CA GLU A 155 -42.03 30.12 -20.83
C GLU A 155 -41.65 30.82 -19.48
N GLN A 156 -42.27 30.36 -18.35
CA GLN A 156 -42.08 30.83 -16.97
C GLN A 156 -40.67 30.50 -16.44
N GLN A 157 -40.18 29.30 -16.77
CA GLN A 157 -38.88 28.75 -16.42
C GLN A 157 -37.76 29.47 -17.19
N ARG A 158 -37.90 29.58 -18.51
CA ARG A 158 -36.98 30.26 -19.42
C ARG A 158 -36.84 31.74 -19.05
N ALA A 159 -37.95 32.43 -18.74
CA ALA A 159 -37.92 33.84 -18.35
C ALA A 159 -37.09 34.04 -17.08
N TYR A 160 -37.14 33.09 -16.17
CA TYR A 160 -36.41 33.10 -14.91
C TYR A 160 -34.91 32.82 -15.12
N LEU A 161 -34.58 31.71 -15.78
CA LEU A 161 -33.23 31.23 -16.07
C LEU A 161 -32.39 32.20 -16.90
N GLU A 162 -33.01 32.83 -17.93
CA GLU A 162 -32.38 33.79 -18.85
C GLU A 162 -32.41 35.22 -18.33
N GLY A 163 -33.22 35.49 -17.33
CA GLY A 163 -33.40 36.82 -16.78
C GLY A 163 -33.02 36.92 -15.32
N ARG A 164 -34.00 36.78 -14.43
CA ARG A 164 -33.88 36.88 -12.98
C ARG A 164 -32.70 36.09 -12.36
N CYS A 165 -32.50 34.81 -12.76
CA CYS A 165 -31.46 33.91 -12.31
C CYS A 165 -30.06 34.47 -12.59
N VAL A 166 -29.80 34.90 -13.86
CA VAL A 166 -28.51 35.46 -14.27
C VAL A 166 -28.27 36.82 -13.58
N GLU A 167 -29.30 37.70 -13.50
CA GLU A 167 -29.22 38.99 -12.78
C GLU A 167 -28.88 38.80 -11.31
N TRP A 168 -29.43 37.75 -10.62
CA TRP A 168 -29.14 37.46 -9.19
C TRP A 168 -27.75 36.90 -9.00
N LEU A 169 -27.34 35.90 -9.83
CA LEU A 169 -26.00 35.30 -9.85
C LEU A 169 -24.92 36.40 -9.97
N ARG A 170 -25.13 37.35 -10.90
CA ARG A 170 -24.23 38.49 -11.17
C ARG A 170 -24.07 39.39 -9.96
N ARG A 171 -25.15 39.61 -9.21
CA ARG A 171 -25.17 40.37 -7.96
C ARG A 171 -24.35 39.62 -6.86
N TYR A 172 -24.59 38.28 -6.73
CA TYR A 172 -23.93 37.44 -5.75
C TYR A 172 -22.43 37.40 -5.96
N LEU A 173 -21.97 37.27 -7.25
CA LEU A 173 -20.56 37.22 -7.67
C LEU A 173 -19.84 38.49 -7.37
N GLU A 174 -20.53 39.63 -7.51
CA GLU A 174 -19.98 40.95 -7.24
C GLU A 174 -19.84 41.18 -5.74
N ASN A 175 -20.90 40.87 -4.95
CA ASN A 175 -20.91 41.02 -3.48
C ASN A 175 -19.94 40.05 -2.79
N GLY A 176 -19.87 38.80 -3.31
CA GLY A 176 -19.00 37.72 -2.83
C GLY A 176 -17.65 37.59 -3.51
N LYS A 177 -17.28 38.54 -4.37
CA LYS A 177 -16.03 38.65 -5.14
C LYS A 177 -14.76 38.05 -4.50
N GLU A 178 -14.47 38.47 -3.25
CA GLU A 178 -13.28 38.08 -2.49
C GLU A 178 -13.16 36.57 -2.17
N THR A 179 -14.29 35.83 -2.30
CA THR A 179 -14.38 34.41 -2.03
C THR A 179 -14.90 33.61 -3.25
N LEU A 180 -15.97 34.10 -3.88
CA LEU A 180 -16.59 33.43 -5.02
C LEU A 180 -15.69 33.43 -6.26
N GLN A 181 -15.07 34.60 -6.54
CA GLN A 181 -14.20 34.82 -7.69
C GLN A 181 -12.71 34.52 -7.38
N ARG A 182 -12.44 33.67 -6.34
CA ARG A 182 -11.12 33.16 -5.88
C ARG A 182 -11.00 31.67 -6.27
N THR A 183 -9.75 31.18 -6.47
CA THR A 183 -9.47 29.75 -6.65
C THR A 183 -8.40 29.46 -5.61
N ASP A 184 -8.48 28.30 -4.98
CA ASP A 184 -7.46 27.88 -4.01
C ASP A 184 -6.79 26.70 -4.68
N PRO A 185 -5.47 26.76 -4.93
CA PRO A 185 -4.82 25.62 -5.58
C PRO A 185 -4.64 24.47 -4.59
N PRO A 186 -4.53 23.21 -5.04
CA PRO A 186 -4.32 22.12 -4.09
C PRO A 186 -2.91 22.12 -3.45
N LYS A 187 -2.86 21.79 -2.14
CA LYS A 187 -1.64 21.64 -1.37
C LYS A 187 -1.33 20.13 -1.44
N THR A 188 -0.52 19.79 -2.43
CA THR A 188 -0.20 18.41 -2.75
C THR A 188 1.00 17.85 -1.99
N HIS A 189 0.92 16.54 -1.69
CA HIS A 189 1.96 15.75 -1.06
C HIS A 189 1.76 14.25 -1.36
N MET A 190 2.83 13.49 -1.22
CA MET A 190 2.76 12.08 -1.48
C MET A 190 3.20 11.29 -0.27
N THR A 191 2.60 10.11 -0.09
CA THR A 191 2.88 9.24 1.03
C THR A 191 3.16 7.80 0.53
N HIS A 192 4.14 7.13 1.18
CA HIS A 192 4.56 5.76 0.88
C HIS A 192 4.05 4.80 1.97
N HIS A 193 3.35 3.73 1.55
CA HIS A 193 2.78 2.73 2.46
C HIS A 193 3.07 1.30 1.98
N PRO A 194 4.22 0.71 2.40
CA PRO A 194 4.54 -0.67 1.95
C PRO A 194 3.55 -1.74 2.40
N ILE A 195 3.27 -2.70 1.51
CA ILE A 195 2.35 -3.82 1.74
C ILE A 195 3.15 -5.08 2.06
N SER A 196 4.28 -5.28 1.35
CA SER A 196 5.16 -6.42 1.49
C SER A 196 6.61 -6.07 1.10
N ASP A 197 7.42 -7.13 0.81
CA ASP A 197 8.80 -7.06 0.35
C ASP A 197 8.75 -6.95 -1.19
N HIS A 198 7.54 -7.18 -1.77
CA HIS A 198 7.24 -7.18 -3.20
C HIS A 198 6.43 -5.95 -3.69
N GLU A 199 5.53 -5.39 -2.86
CA GLU A 199 4.70 -4.25 -3.27
C GLU A 199 4.53 -3.17 -2.19
N ALA A 200 4.18 -1.93 -2.63
CA ALA A 200 3.98 -0.74 -1.78
C ALA A 200 2.94 0.21 -2.38
N THR A 201 2.26 1.01 -1.53
CA THR A 201 1.25 1.99 -1.98
C THR A 201 1.82 3.41 -2.07
N LEU A 202 1.51 4.06 -3.19
CA LEU A 202 1.89 5.43 -3.46
C LEU A 202 0.60 6.25 -3.51
N ARG A 203 0.36 7.05 -2.47
CA ARG A 203 -0.83 7.89 -2.36
C ARG A 203 -0.53 9.36 -2.58
N CYS A 204 -1.20 9.95 -3.57
CA CYS A 204 -1.06 11.35 -3.90
C CYS A 204 -2.24 12.14 -3.34
N TRP A 205 -1.95 13.16 -2.51
CA TRP A 205 -2.97 13.99 -1.83
C TRP A 205 -3.07 15.39 -2.38
N ALA A 206 -4.31 15.89 -2.48
CA ALA A 206 -4.65 17.24 -2.88
C ALA A 206 -5.59 17.74 -1.77
N LEU A 207 -5.13 18.70 -0.96
CA LEU A 207 -5.88 19.27 0.16
C LEU A 207 -6.01 20.77 -0.03
N GLY A 208 -7.05 21.36 0.56
CA GLY A 208 -7.30 22.79 0.55
C GLY A 208 -7.64 23.43 -0.79
N PHE A 209 -8.20 22.67 -1.73
CA PHE A 209 -8.49 23.28 -3.02
C PHE A 209 -9.94 23.77 -3.15
N TYR A 210 -10.10 24.80 -3.97
CA TYR A 210 -11.38 25.40 -4.32
C TYR A 210 -11.27 25.91 -5.78
N PRO A 211 -12.23 25.62 -6.68
CA PRO A 211 -13.46 24.79 -6.51
C PRO A 211 -13.13 23.30 -6.39
N ALA A 212 -14.13 22.47 -6.26
CA ALA A 212 -14.01 21.01 -6.09
C ALA A 212 -13.50 20.26 -7.31
N GLU A 213 -13.67 20.83 -8.54
CA GLU A 213 -13.21 20.17 -9.76
C GLU A 213 -11.68 19.98 -9.71
N ILE A 214 -11.24 18.72 -9.75
CA ILE A 214 -9.83 18.32 -9.73
C ILE A 214 -9.72 16.99 -10.49
N THR A 215 -8.56 16.78 -11.14
CA THR A 215 -8.20 15.54 -11.81
C THR A 215 -6.86 15.10 -11.27
N LEU A 216 -6.84 13.93 -10.64
CA LEU A 216 -5.61 13.30 -10.15
C LEU A 216 -5.41 12.06 -11.04
N THR A 217 -4.25 11.97 -11.69
CA THR A 217 -3.91 10.88 -12.63
C THR A 217 -2.56 10.29 -12.32
N TRP A 218 -2.47 8.97 -12.23
CA TRP A 218 -1.19 8.30 -12.04
C TRP A 218 -0.71 7.83 -13.38
N GLN A 219 0.60 7.91 -13.59
CA GLN A 219 1.29 7.49 -14.82
C GLN A 219 2.49 6.61 -14.49
N ARG A 220 2.93 5.82 -15.47
CA ARG A 220 4.09 4.94 -15.36
C ARG A 220 4.79 5.02 -16.70
N ASP A 221 5.98 5.66 -16.69
CA ASP A 221 6.82 5.93 -17.87
C ASP A 221 6.06 6.66 -19.00
N GLY A 222 5.03 7.41 -18.63
CA GLY A 222 4.20 8.16 -19.56
C GLY A 222 2.79 7.65 -19.75
N GLU A 223 2.56 6.32 -19.58
CA GLU A 223 1.23 5.73 -19.73
C GLU A 223 0.38 5.99 -18.49
N ASP A 224 -0.91 6.30 -18.70
CA ASP A 224 -1.86 6.52 -17.62
C ASP A 224 -2.14 5.17 -16.94
N GLN A 225 -2.47 5.20 -15.62
CA GLN A 225 -2.73 3.98 -14.84
C GLN A 225 -4.18 3.96 -14.34
N THR A 226 -5.09 4.50 -15.18
CA THR A 226 -6.54 4.67 -14.99
C THR A 226 -7.24 3.46 -14.33
N GLN A 227 -7.01 2.25 -14.88
CA GLN A 227 -7.58 0.99 -14.38
C GLN A 227 -7.06 0.59 -12.98
N ASP A 228 -5.78 0.92 -12.65
CA ASP A 228 -5.08 0.56 -11.40
C ASP A 228 -4.89 1.70 -10.37
N THR A 229 -5.55 2.87 -10.60
CA THR A 229 -5.53 3.99 -9.65
C THR A 229 -6.79 3.83 -8.78
N GLU A 230 -6.61 3.79 -7.44
CA GLU A 230 -7.71 3.84 -6.46
C GLU A 230 -7.97 5.34 -6.25
N LEU A 231 -9.21 5.75 -6.46
CA LEU A 231 -9.62 7.13 -6.33
C LEU A 231 -10.70 7.29 -5.26
N VAL A 232 -10.53 8.20 -4.29
CA VAL A 232 -11.62 8.51 -3.34
C VAL A 232 -12.46 9.63 -3.92
N GLU A 233 -13.72 9.66 -3.56
CA GLU A 233 -14.62 10.74 -3.95
C GLU A 233 -14.13 12.02 -3.22
N THR A 234 -14.20 13.17 -3.92
CA THR A 234 -13.84 14.49 -3.41
C THR A 234 -14.72 14.75 -2.19
N ARG A 235 -14.08 15.10 -1.10
CA ARG A 235 -14.81 15.31 0.14
C ARG A 235 -14.65 16.74 0.66
N PRO A 236 -15.66 17.33 1.32
CA PRO A 236 -15.48 18.69 1.87
C PRO A 236 -14.57 18.70 3.11
N ALA A 237 -13.68 19.70 3.24
CA ALA A 237 -12.81 19.80 4.42
C ALA A 237 -13.61 20.40 5.62
N GLY A 238 -14.69 21.12 5.31
CA GLY A 238 -15.55 21.77 6.28
C GLY A 238 -15.41 23.28 6.33
N ASP A 239 -14.33 23.83 5.77
CA ASP A 239 -14.00 25.26 5.76
C ASP A 239 -14.23 25.93 4.39
N GLY A 240 -14.88 25.22 3.48
CA GLY A 240 -15.17 25.70 2.14
C GLY A 240 -14.29 25.10 1.07
N THR A 241 -13.25 24.35 1.49
CA THR A 241 -12.31 23.71 0.59
C THR A 241 -12.58 22.19 0.49
N PHE A 242 -11.88 21.55 -0.45
CA PHE A 242 -12.03 20.15 -0.77
C PHE A 242 -10.73 19.38 -0.62
N GLN A 243 -10.84 18.04 -0.53
CA GLN A 243 -9.70 17.12 -0.41
C GLN A 243 -9.93 15.93 -1.33
N LYS A 244 -8.86 15.30 -1.81
CA LYS A 244 -8.94 14.12 -2.65
C LYS A 244 -7.62 13.45 -2.67
N TRP A 245 -7.66 12.12 -2.85
CA TRP A 245 -6.44 11.35 -3.02
C TRP A 245 -6.61 10.29 -4.10
N ALA A 246 -5.48 9.92 -4.71
CA ALA A 246 -5.33 8.88 -5.74
C ALA A 246 -4.18 8.00 -5.29
N ALA A 247 -4.38 6.67 -5.28
CA ALA A 247 -3.37 5.71 -4.87
C ALA A 247 -3.14 4.67 -5.94
N VAL A 248 -1.94 4.11 -5.95
CA VAL A 248 -1.52 3.09 -6.90
C VAL A 248 -0.52 2.13 -6.22
N VAL A 249 -0.70 0.81 -6.42
CA VAL A 249 0.19 -0.22 -5.89
C VAL A 249 1.34 -0.41 -6.88
N VAL A 250 2.58 -0.22 -6.38
CA VAL A 250 3.78 -0.25 -7.18
C VAL A 250 4.72 -1.39 -6.81
N PRO A 251 5.51 -1.94 -7.77
CA PRO A 251 6.54 -2.92 -7.39
C PRO A 251 7.66 -2.18 -6.63
N SER A 252 8.04 -2.73 -5.46
CA SER A 252 8.99 -2.26 -4.46
C SER A 252 10.23 -1.48 -4.95
N GLY A 253 10.79 -1.81 -6.12
CA GLY A 253 11.96 -1.11 -6.64
C GLY A 253 11.71 -0.23 -7.85
N GLU A 254 10.43 0.10 -8.11
CA GLU A 254 9.99 0.90 -9.26
C GLU A 254 9.22 2.17 -8.92
N GLU A 255 9.31 2.67 -7.65
CA GLU A 255 8.61 3.89 -7.20
C GLU A 255 8.91 5.12 -8.07
N GLN A 256 10.17 5.25 -8.52
CA GLN A 256 10.65 6.38 -9.34
C GLN A 256 10.10 6.39 -10.79
N ARG A 257 9.51 5.27 -11.27
CA ARG A 257 8.94 5.16 -12.60
C ARG A 257 7.54 5.78 -12.68
N TYR A 258 6.95 6.09 -11.51
CA TYR A 258 5.60 6.64 -11.33
C TYR A 258 5.54 8.13 -10.97
N THR A 259 4.62 8.85 -11.65
CA THR A 259 4.33 10.27 -11.44
C THR A 259 2.83 10.53 -11.36
N CYS A 260 2.45 11.43 -10.45
CA CYS A 260 1.06 11.82 -10.32
C CYS A 260 0.83 13.22 -10.84
N HIS A 261 -0.15 13.34 -11.75
CA HIS A 261 -0.56 14.58 -12.42
C HIS A 261 -1.78 15.21 -11.78
N VAL A 262 -1.62 16.45 -11.30
CA VAL A 262 -2.67 17.23 -10.67
C VAL A 262 -3.16 18.36 -11.59
N GLN A 263 -4.47 18.34 -11.94
CA GLN A 263 -5.12 19.36 -12.77
C GLN A 263 -6.17 20.08 -11.93
N HIS A 264 -6.00 21.40 -11.77
CA HIS A 264 -6.89 22.27 -11.03
C HIS A 264 -6.85 23.68 -11.62
N GLU A 265 -7.99 24.41 -11.59
CA GLU A 265 -8.01 25.78 -12.13
C GLU A 265 -7.26 26.81 -11.24
N GLY A 266 -6.88 26.38 -10.05
CA GLY A 266 -6.07 27.17 -9.12
C GLY A 266 -4.60 27.18 -9.52
N LEU A 267 -4.19 26.14 -10.29
CA LEU A 267 -2.84 25.90 -10.80
C LEU A 267 -2.68 26.49 -12.23
N PRO A 268 -1.69 27.42 -12.45
CA PRO A 268 -1.47 27.94 -13.81
C PRO A 268 -0.95 26.85 -14.76
N LYS A 269 -0.13 25.93 -14.24
CA LYS A 269 0.40 24.77 -14.97
C LYS A 269 0.14 23.50 -14.15
N PRO A 270 -0.26 22.37 -14.79
CA PRO A 270 -0.48 21.13 -14.02
C PRO A 270 0.77 20.65 -13.28
N LEU A 271 0.57 20.10 -12.06
CA LEU A 271 1.63 19.59 -11.18
C LEU A 271 1.97 18.16 -11.52
N THR A 272 3.22 17.77 -11.26
CA THR A 272 3.72 16.42 -11.44
C THR A 272 4.53 16.03 -10.22
N LEU A 273 3.98 15.10 -9.40
CA LEU A 273 4.56 14.62 -8.15
C LEU A 273 5.25 13.26 -8.35
N ARG A 274 6.49 13.15 -7.89
CA ARG A 274 7.26 11.90 -7.94
C ARG A 274 7.72 11.58 -6.50
N TRP A 275 7.92 10.28 -6.20
CA TRP A 275 8.38 9.85 -4.88
C TRP A 275 9.91 9.89 -4.81
N ILE B 2 -33.96 3.77 -7.09
CA ILE B 2 -33.91 2.53 -6.29
C ILE B 2 -33.50 2.81 -4.81
N GLN B 3 -32.67 1.93 -4.21
CA GLN B 3 -32.09 2.09 -2.87
C GLN B 3 -30.60 1.99 -3.00
N ARG B 4 -29.87 3.03 -2.58
CA ARG B 4 -28.41 3.02 -2.68
C ARG B 4 -27.76 3.14 -1.31
N THR B 5 -26.72 2.34 -1.09
CA THR B 5 -25.97 2.26 0.15
C THR B 5 -25.08 3.46 0.37
N PRO B 6 -25.00 4.05 1.58
CA PRO B 6 -24.07 5.18 1.78
C PRO B 6 -22.58 4.82 1.67
N LYS B 7 -21.77 5.77 1.18
CA LYS B 7 -20.32 5.67 1.08
C LYS B 7 -19.82 6.47 2.27
N ILE B 8 -18.92 5.91 3.10
CA ILE B 8 -18.45 6.60 4.30
C ILE B 8 -16.96 6.92 4.25
N GLN B 9 -16.62 8.17 4.59
CA GLN B 9 -15.26 8.71 4.72
C GLN B 9 -15.14 9.40 6.08
N VAL B 10 -14.21 8.90 6.93
CA VAL B 10 -13.91 9.44 8.25
C VAL B 10 -12.53 10.06 8.16
N TYR B 11 -12.50 11.39 8.27
CA TYR B 11 -11.28 12.18 8.10
C TYR B 11 -11.28 13.45 8.97
N SER B 12 -10.17 14.19 8.95
CA SER B 12 -10.02 15.45 9.68
C SER B 12 -9.84 16.60 8.71
N ARG B 13 -10.32 17.79 9.10
CA ARG B 13 -10.25 19.04 8.32
C ARG B 13 -8.82 19.38 7.89
N HIS B 14 -7.86 19.29 8.83
CA HIS B 14 -6.44 19.60 8.71
C HIS B 14 -5.64 18.35 9.05
N PRO B 15 -4.39 18.17 8.57
CA PRO B 15 -3.62 16.98 8.97
C PRO B 15 -3.44 16.92 10.49
N ALA B 16 -3.75 15.75 11.08
CA ALA B 16 -3.71 15.51 12.52
C ALA B 16 -2.34 15.72 13.15
N GLU B 17 -2.34 16.54 14.21
CA GLU B 17 -1.22 16.88 15.06
C GLU B 17 -1.75 16.60 16.48
N ASN B 18 -1.10 15.67 17.20
CA ASN B 18 -1.50 15.24 18.54
C ASN B 18 -1.53 16.39 19.56
N GLY B 19 -2.70 16.61 20.16
CA GLY B 19 -2.90 17.69 21.13
C GLY B 19 -3.24 19.04 20.52
N LYS B 20 -3.43 19.08 19.19
CA LYS B 20 -3.81 20.29 18.46
C LYS B 20 -5.27 20.17 18.01
N SER B 21 -6.06 21.24 18.24
CA SER B 21 -7.47 21.28 17.89
C SER B 21 -7.70 21.14 16.39
N ASN B 22 -8.74 20.37 16.04
CA ASN B 22 -9.08 20.08 14.65
C ASN B 22 -10.60 19.87 14.54
N PHE B 23 -11.06 19.25 13.44
CA PHE B 23 -12.43 18.88 13.16
C PHE B 23 -12.49 17.46 12.59
N LEU B 24 -13.31 16.59 13.21
CA LEU B 24 -13.56 15.22 12.77
C LEU B 24 -14.79 15.25 11.86
N ASN B 25 -14.59 14.81 10.59
CA ASN B 25 -15.59 14.77 9.52
C ASN B 25 -16.03 13.37 9.14
N CYS B 26 -17.33 13.19 8.94
CA CYS B 26 -17.93 11.97 8.39
C CYS B 26 -18.72 12.37 7.16
N TYR B 27 -18.21 12.00 6.00
CA TYR B 27 -18.86 12.29 4.74
C TYR B 27 -19.53 11.04 4.20
N VAL B 28 -20.88 11.08 4.23
CA VAL B 28 -21.82 10.08 3.78
C VAL B 28 -22.36 10.57 2.44
N SER B 29 -22.15 9.77 1.38
CA SER B 29 -22.55 10.12 0.02
C SER B 29 -23.07 8.94 -0.77
N GLY B 30 -23.78 9.23 -1.85
CA GLY B 30 -24.30 8.22 -2.78
C GLY B 30 -25.39 7.34 -2.25
N PHE B 31 -26.14 7.84 -1.23
CA PHE B 31 -27.25 7.08 -0.64
C PHE B 31 -28.64 7.55 -1.09
N HIS B 32 -29.56 6.62 -1.04
CA HIS B 32 -30.97 6.78 -1.34
C HIS B 32 -31.75 5.67 -0.64
N PRO B 33 -32.79 5.96 0.17
CA PRO B 33 -33.40 7.27 0.45
C PRO B 33 -32.58 8.17 1.38
N SER B 34 -33.06 9.39 1.63
CA SER B 34 -32.35 10.39 2.47
C SER B 34 -32.33 10.12 3.95
N ASP B 35 -33.23 9.26 4.45
CA ASP B 35 -33.33 8.97 5.89
C ASP B 35 -32.11 8.17 6.36
N ILE B 36 -31.32 8.78 7.23
CA ILE B 36 -30.02 8.26 7.71
C ILE B 36 -29.76 8.70 9.17
N GLU B 37 -28.99 7.91 9.90
CA GLU B 37 -28.58 8.18 11.26
C GLU B 37 -27.07 8.18 11.26
N VAL B 38 -26.46 9.27 11.74
CA VAL B 38 -25.01 9.35 11.77
C VAL B 38 -24.56 9.82 13.13
N ASP B 39 -23.74 9.00 13.80
CA ASP B 39 -23.16 9.32 15.10
C ASP B 39 -21.66 9.27 15.05
N LEU B 40 -21.01 10.27 15.69
CA LEU B 40 -19.56 10.32 15.79
C LEU B 40 -19.20 9.81 17.17
N LEU B 41 -18.27 8.84 17.27
CA LEU B 41 -17.91 8.24 18.55
C LEU B 41 -16.47 8.46 18.97
N LYS B 42 -16.25 8.65 20.30
CA LYS B 42 -14.93 8.80 20.93
C LYS B 42 -14.85 7.64 21.91
N ASN B 43 -14.02 6.66 21.60
CA ASN B 43 -13.81 5.42 22.36
C ASN B 43 -15.14 4.63 22.52
N GLY B 44 -15.89 4.57 21.42
CA GLY B 44 -17.19 3.89 21.34
C GLY B 44 -18.36 4.65 21.94
N GLU B 45 -18.09 5.81 22.57
CA GLU B 45 -19.10 6.66 23.21
C GLU B 45 -19.48 7.81 22.30
N ARG B 46 -20.80 7.99 22.09
CA ARG B 46 -21.41 9.02 21.24
C ARG B 46 -21.01 10.45 21.64
N ILE B 47 -20.49 11.23 20.65
CA ILE B 47 -20.09 12.63 20.84
C ILE B 47 -21.38 13.43 20.87
N GLU B 48 -21.57 14.21 21.96
CA GLU B 48 -22.80 14.97 22.22
C GLU B 48 -23.14 16.07 21.21
N LYS B 49 -22.18 16.93 20.87
CA LYS B 49 -22.47 18.03 19.94
C LYS B 49 -21.82 17.84 18.60
N VAL B 50 -22.55 17.18 17.69
CA VAL B 50 -22.14 16.88 16.31
C VAL B 50 -23.07 17.65 15.37
N GLU B 51 -22.49 18.51 14.53
CA GLU B 51 -23.24 19.31 13.57
C GLU B 51 -23.23 18.66 12.18
N HIS B 52 -24.22 18.98 11.36
CA HIS B 52 -24.27 18.43 10.01
C HIS B 52 -24.64 19.47 8.98
N SER B 53 -24.27 19.21 7.73
CA SER B 53 -24.57 20.06 6.59
C SER B 53 -26.03 19.91 6.19
N ASP B 54 -26.48 20.77 5.25
CA ASP B 54 -27.85 20.74 4.73
C ASP B 54 -27.88 19.78 3.59
N LEU B 55 -28.90 18.93 3.57
CA LEU B 55 -29.06 17.85 2.58
C LEU B 55 -28.99 18.31 1.13
N SER B 56 -28.10 17.68 0.36
CA SER B 56 -27.98 17.96 -1.08
C SER B 56 -27.84 16.66 -1.82
N PHE B 57 -27.81 16.71 -3.14
CA PHE B 57 -27.71 15.50 -3.97
C PHE B 57 -26.86 15.72 -5.19
N SER B 58 -26.48 14.58 -5.84
CA SER B 58 -25.59 14.50 -6.98
C SER B 58 -26.39 14.28 -8.27
N LYS B 59 -25.70 14.18 -9.45
CA LYS B 59 -26.25 13.97 -10.79
C LYS B 59 -27.10 12.68 -10.92
N ASP B 60 -26.81 11.66 -10.10
CA ASP B 60 -27.55 10.40 -10.06
C ASP B 60 -28.74 10.44 -9.06
N TRP B 61 -28.97 11.64 -8.44
CA TRP B 61 -30.02 11.98 -7.43
C TRP B 61 -29.68 11.46 -6.04
N SER B 62 -28.55 10.82 -5.89
CA SER B 62 -28.18 10.29 -4.58
C SER B 62 -27.67 11.39 -3.68
N PHE B 63 -27.96 11.28 -2.39
CA PHE B 63 -27.63 12.30 -1.41
C PHE B 63 -26.25 12.24 -0.80
N TYR B 64 -25.86 13.38 -0.23
CA TYR B 64 -24.62 13.56 0.53
C TYR B 64 -24.88 14.53 1.66
N LEU B 65 -24.11 14.37 2.75
CA LEU B 65 -24.16 15.12 4.00
C LEU B 65 -22.77 15.03 4.67
N LEU B 66 -22.40 16.07 5.36
CA LEU B 66 -21.19 16.11 6.16
C LEU B 66 -21.62 16.29 7.60
N TYR B 67 -21.10 15.42 8.48
CA TYR B 67 -21.29 15.45 9.91
C TYR B 67 -19.91 15.76 10.46
N TYR B 68 -19.83 16.77 11.32
CA TYR B 68 -18.58 17.27 11.86
C TYR B 68 -18.64 17.67 13.33
N THR B 69 -17.49 17.58 14.01
CA THR B 69 -17.31 17.95 15.41
C THR B 69 -15.88 18.42 15.63
N GLU B 70 -15.73 19.42 16.49
CA GLU B 70 -14.45 19.97 16.91
C GLU B 70 -13.86 18.89 17.86
N PHE B 71 -12.63 18.46 17.59
CA PHE B 71 -11.95 17.41 18.36
C PHE B 71 -10.46 17.69 18.46
N THR B 72 -9.78 17.13 19.45
CA THR B 72 -8.34 17.33 19.52
C THR B 72 -7.74 15.92 19.57
N PRO B 73 -7.20 15.46 18.39
CA PRO B 73 -6.66 14.10 18.29
C PRO B 73 -5.48 13.83 19.23
N THR B 74 -5.60 12.73 19.98
CA THR B 74 -4.54 12.27 20.85
C THR B 74 -4.03 10.98 20.23
N GLU B 75 -2.92 10.47 20.74
CA GLU B 75 -2.25 9.28 20.25
C GLU B 75 -3.04 7.98 20.46
N LYS B 76 -3.69 7.85 21.62
CA LYS B 76 -4.43 6.66 22.05
C LYS B 76 -5.95 6.69 21.79
N ASP B 77 -6.60 7.88 21.87
CA ASP B 77 -8.06 8.03 21.65
C ASP B 77 -8.51 7.53 20.28
N GLU B 78 -9.56 6.68 20.27
CA GLU B 78 -10.13 6.08 19.07
C GLU B 78 -11.41 6.77 18.60
N TYR B 79 -11.42 7.21 17.34
CA TYR B 79 -12.59 7.87 16.77
C TYR B 79 -13.22 7.03 15.67
N ALA B 80 -14.56 7.09 15.55
CA ALA B 80 -15.30 6.33 14.53
C ALA B 80 -16.60 7.02 14.15
N CYS B 81 -17.24 6.53 13.08
CA CYS B 81 -18.53 6.97 12.56
C CYS B 81 -19.46 5.76 12.68
N ARG B 82 -20.69 5.95 13.18
CA ARG B 82 -21.70 4.90 13.21
C ARG B 82 -22.86 5.36 12.34
N VAL B 83 -23.06 4.67 11.21
CA VAL B 83 -24.10 5.02 10.24
C VAL B 83 -25.22 3.95 10.16
N ASN B 84 -26.49 4.38 10.08
CA ASN B 84 -27.65 3.51 9.88
C ASN B 84 -28.53 4.05 8.75
N HIS B 85 -29.03 3.13 7.91
CA HIS B 85 -29.79 3.42 6.70
C HIS B 85 -30.56 2.13 6.35
N VAL B 86 -31.77 2.22 5.73
CA VAL B 86 -32.65 1.08 5.35
C VAL B 86 -31.87 -0.11 4.69
N THR B 87 -30.87 0.26 3.97
CA THR B 87 -29.94 -0.48 3.15
C THR B 87 -29.00 -1.39 3.98
N LEU B 88 -28.86 -1.12 5.32
CA LEU B 88 -27.96 -1.84 6.23
C LEU B 88 -28.67 -2.77 7.21
N SER B 89 -28.19 -4.04 7.34
CA SER B 89 -28.67 -5.09 8.26
C SER B 89 -28.43 -4.66 9.70
N GLN B 90 -27.27 -4.05 9.94
CA GLN B 90 -26.89 -3.53 11.24
C GLN B 90 -26.18 -2.19 10.98
N PRO B 91 -26.20 -1.21 11.93
CA PRO B 91 -25.44 0.02 11.71
C PRO B 91 -23.95 -0.29 11.44
N LYS B 92 -23.33 0.50 10.52
CA LYS B 92 -21.95 0.35 10.10
C LYS B 92 -21.04 1.27 10.88
N ILE B 93 -19.99 0.69 11.47
CA ILE B 93 -18.93 1.44 12.16
C ILE B 93 -17.69 1.50 11.25
N VAL B 94 -17.25 2.74 10.90
CA VAL B 94 -16.03 3.02 10.12
C VAL B 94 -15.13 3.79 11.08
N LYS B 95 -13.92 3.28 11.35
CA LYS B 95 -12.94 3.88 12.27
C LYS B 95 -12.08 4.94 11.57
N TRP B 96 -11.74 6.01 12.31
CA TRP B 96 -10.89 7.08 11.81
C TRP B 96 -9.42 6.61 11.71
N ASP B 97 -8.95 6.53 10.46
CA ASP B 97 -7.61 6.16 10.04
C ASP B 97 -7.01 7.52 9.69
N ARG B 98 -5.99 7.98 10.45
CA ARG B 98 -5.43 9.30 10.19
C ARG B 98 -4.54 9.38 8.92
N ASP B 99 -4.21 8.22 8.28
CA ASP B 99 -3.45 8.16 7.03
C ASP B 99 -4.38 8.00 5.82
N MET B 100 -5.64 8.50 5.95
CA MET B 100 -6.73 8.47 4.96
C MET B 100 -7.64 9.75 5.02
N GLU C 1 26.56 -5.60 -24.89
CA GLU C 1 26.87 -5.83 -23.49
C GLU C 1 27.91 -6.95 -23.35
N VAL C 2 28.99 -6.70 -22.56
CA VAL C 2 30.03 -7.68 -22.26
C VAL C 2 29.46 -8.74 -21.34
N GLN C 3 29.62 -10.01 -21.76
CA GLN C 3 29.14 -11.20 -21.07
C GLN C 3 30.24 -12.26 -21.11
N LEU C 4 30.57 -12.86 -19.95
CA LEU C 4 31.54 -13.94 -19.79
C LEU C 4 30.80 -15.08 -19.15
N VAL C 5 30.60 -16.17 -19.88
CA VAL C 5 29.85 -17.33 -19.38
C VAL C 5 30.78 -18.52 -19.24
N GLN C 6 30.88 -19.06 -18.02
CA GLN C 6 31.73 -20.22 -17.71
C GLN C 6 30.96 -21.56 -17.67
N SER C 7 31.71 -22.68 -17.72
CA SER C 7 31.16 -24.02 -17.67
C SER C 7 30.61 -24.37 -16.28
N GLY C 8 29.91 -25.51 -16.21
CA GLY C 8 29.29 -25.98 -14.98
C GLY C 8 30.24 -26.55 -13.95
N ALA C 9 29.71 -26.77 -12.73
CA ALA C 9 30.41 -27.33 -11.58
C ALA C 9 31.05 -28.69 -11.87
N GLU C 10 32.15 -28.94 -11.19
CA GLU C 10 33.00 -30.09 -11.37
C GLU C 10 33.33 -30.73 -10.04
N VAL C 11 33.41 -32.07 -10.03
CA VAL C 11 33.79 -32.94 -8.90
C VAL C 11 34.94 -33.79 -9.41
N LYS C 12 36.09 -33.71 -8.75
CA LYS C 12 37.31 -34.38 -9.18
C LYS C 12 38.00 -35.01 -8.00
N LYS C 13 38.89 -35.98 -8.27
CA LYS C 13 39.64 -36.67 -7.22
C LYS C 13 41.07 -36.16 -7.12
N PRO C 14 41.74 -36.27 -5.94
CA PRO C 14 43.13 -35.82 -5.84
C PRO C 14 44.04 -36.47 -6.90
N GLY C 15 44.89 -35.64 -7.53
CA GLY C 15 45.82 -36.07 -8.57
C GLY C 15 45.30 -35.89 -9.98
N ALA C 16 43.97 -35.70 -10.13
CA ALA C 16 43.30 -35.48 -11.43
C ALA C 16 43.52 -34.03 -11.93
N SER C 17 42.90 -33.68 -13.07
CA SER C 17 42.98 -32.37 -13.72
C SER C 17 41.56 -31.88 -14.03
N VAL C 18 41.38 -30.55 -14.07
CA VAL C 18 40.11 -29.89 -14.38
C VAL C 18 40.39 -28.87 -15.49
N LYS C 19 39.44 -28.69 -16.42
CA LYS C 19 39.48 -27.71 -17.50
C LYS C 19 38.20 -26.89 -17.40
N VAL C 20 38.36 -25.62 -17.05
CA VAL C 20 37.29 -24.64 -16.92
C VAL C 20 37.30 -23.73 -18.17
N SER C 21 36.14 -23.59 -18.83
CA SER C 21 35.96 -22.75 -20.00
C SER C 21 35.30 -21.43 -19.61
N CYS C 22 35.53 -20.40 -20.42
CA CYS C 22 35.00 -19.07 -20.20
C CYS C 22 34.73 -18.48 -21.58
N LYS C 23 33.45 -18.50 -22.02
CA LYS C 23 33.05 -17.93 -23.31
C LYS C 23 32.73 -16.45 -23.18
N ALA C 24 33.44 -15.63 -23.97
CA ALA C 24 33.33 -14.19 -24.04
C ALA C 24 32.40 -13.73 -25.18
N SER C 25 31.74 -12.56 -25.01
CA SER C 25 30.85 -11.94 -26.00
C SER C 25 30.68 -10.47 -25.71
N GLY C 26 30.32 -9.71 -26.75
CA GLY C 26 30.03 -8.29 -26.68
C GLY C 26 31.18 -7.31 -26.75
N TYR C 27 32.35 -7.79 -27.19
CA TYR C 27 33.60 -7.03 -27.38
C TYR C 27 34.55 -7.84 -28.31
N THR C 28 35.65 -7.21 -28.76
CA THR C 28 36.69 -7.85 -29.56
C THR C 28 37.53 -8.73 -28.61
N PHE C 29 37.28 -10.05 -28.67
CA PHE C 29 37.91 -11.08 -27.86
C PHE C 29 39.45 -10.94 -27.73
N THR C 30 40.17 -10.66 -28.82
CA THR C 30 41.63 -10.57 -28.86
C THR C 30 42.20 -9.26 -28.26
N GLY C 31 41.36 -8.23 -28.14
CA GLY C 31 41.78 -6.94 -27.61
C GLY C 31 41.90 -6.78 -26.11
N TYR C 32 41.49 -7.80 -25.32
CA TYR C 32 41.54 -7.72 -23.85
C TYR C 32 42.14 -8.96 -23.21
N TYR C 33 43.07 -8.78 -22.24
CA TYR C 33 43.67 -9.88 -21.48
C TYR C 33 42.63 -10.50 -20.50
N MET C 34 42.66 -11.84 -20.38
CA MET C 34 41.79 -12.58 -19.48
C MET C 34 42.59 -13.17 -18.33
N HIS C 35 42.13 -12.91 -17.10
CA HIS C 35 42.79 -13.41 -15.89
C HIS C 35 41.90 -14.44 -15.24
N TRP C 36 42.46 -15.15 -14.27
CA TRP C 36 41.72 -16.15 -13.48
C TRP C 36 41.96 -15.84 -11.99
N VAL C 37 40.87 -15.82 -11.22
CA VAL C 37 40.86 -15.55 -9.77
C VAL C 37 40.01 -16.68 -9.13
N ARG C 38 40.54 -17.35 -8.12
CA ARG C 38 39.80 -18.41 -7.44
C ARG C 38 39.41 -18.00 -6.02
N GLN C 39 38.34 -18.64 -5.49
CA GLN C 39 37.79 -18.40 -4.16
C GLN C 39 37.40 -19.71 -3.47
N ALA C 40 38.18 -20.11 -2.45
CA ALA C 40 37.94 -21.33 -1.65
C ALA C 40 36.63 -21.12 -0.85
N PRO C 41 35.71 -22.13 -0.77
CA PRO C 41 34.43 -21.93 -0.08
C PRO C 41 34.52 -21.21 1.28
N GLY C 42 33.80 -20.10 1.38
CA GLY C 42 33.78 -19.24 2.56
C GLY C 42 35.06 -18.48 2.85
N GLN C 43 36.02 -18.45 1.90
CA GLN C 43 37.32 -17.78 2.06
C GLN C 43 37.50 -16.58 1.10
N GLY C 44 38.73 -16.04 1.03
CA GLY C 44 39.09 -14.91 0.18
C GLY C 44 39.42 -15.23 -1.25
N LEU C 45 39.88 -14.20 -1.98
CA LEU C 45 40.23 -14.25 -3.40
C LEU C 45 41.73 -14.48 -3.65
N GLU C 46 42.03 -15.30 -4.67
CA GLU C 46 43.39 -15.65 -5.01
C GLU C 46 43.61 -15.54 -6.51
N TRP C 47 44.53 -14.67 -6.92
CA TRP C 47 44.89 -14.44 -8.33
C TRP C 47 45.78 -15.57 -8.89
N MET C 48 45.43 -16.07 -10.08
CA MET C 48 46.17 -17.19 -10.66
C MET C 48 47.09 -16.83 -11.82
N GLY C 49 46.72 -15.82 -12.60
CA GLY C 49 47.51 -15.41 -13.75
C GLY C 49 46.66 -14.91 -14.89
N TRP C 50 47.29 -14.64 -16.05
CA TRP C 50 46.64 -14.12 -17.24
C TRP C 50 47.00 -14.81 -18.55
N ILE C 51 46.14 -14.55 -19.57
CA ILE C 51 46.30 -14.94 -20.97
C ILE C 51 46.04 -13.73 -21.88
N ASN C 52 46.88 -13.55 -22.90
CA ASN C 52 46.65 -12.60 -23.98
C ASN C 52 45.88 -13.48 -24.98
N PRO C 53 44.56 -13.22 -25.23
CA PRO C 53 43.80 -14.08 -26.15
C PRO C 53 44.20 -13.97 -27.62
N ASN C 54 45.01 -12.96 -27.94
CA ASN C 54 45.50 -12.71 -29.30
C ASN C 54 46.76 -13.55 -29.59
N SER C 55 47.82 -13.38 -28.79
CA SER C 55 49.08 -14.10 -28.94
C SER C 55 49.04 -15.50 -28.36
N GLY C 56 48.34 -15.67 -27.22
CA GLY C 56 48.28 -16.94 -26.50
C GLY C 56 49.34 -16.99 -25.39
N GLY C 57 50.02 -15.85 -25.18
CA GLY C 57 51.03 -15.61 -24.15
C GLY C 57 50.36 -15.58 -22.80
N THR C 58 51.06 -16.10 -21.78
CA THR C 58 50.54 -16.28 -20.44
C THR C 58 51.52 -15.91 -19.37
N SER C 59 51.01 -15.71 -18.14
CA SER C 59 51.82 -15.49 -16.95
C SER C 59 51.02 -15.96 -15.78
N TYR C 60 51.65 -16.82 -14.99
CA TYR C 60 51.05 -17.46 -13.83
C TYR C 60 51.69 -16.98 -12.56
N ALA C 61 50.92 -17.04 -11.45
CA ALA C 61 51.44 -16.73 -10.13
C ALA C 61 52.35 -17.93 -9.72
N GLN C 62 53.46 -17.63 -9.02
CA GLN C 62 54.47 -18.59 -8.55
C GLN C 62 53.87 -19.92 -7.99
N LYS C 63 52.75 -19.83 -7.24
CA LYS C 63 52.01 -20.95 -6.62
C LYS C 63 51.40 -21.95 -7.64
N PHE C 64 50.98 -21.46 -8.81
CA PHE C 64 50.34 -22.31 -9.83
C PHE C 64 51.28 -22.71 -10.97
N GLN C 65 52.44 -22.03 -11.08
CA GLN C 65 53.51 -22.31 -12.02
C GLN C 65 53.83 -23.83 -11.93
N GLY C 66 53.70 -24.53 -13.06
CA GLY C 66 53.94 -25.97 -13.14
C GLY C 66 52.67 -26.80 -13.14
N ARG C 67 51.55 -26.24 -12.62
CA ARG C 67 50.25 -26.94 -12.50
C ARG C 67 49.09 -26.34 -13.31
N VAL C 68 49.22 -25.12 -13.82
CA VAL C 68 48.14 -24.43 -14.56
C VAL C 68 48.57 -24.14 -16.01
N THR C 69 47.58 -24.21 -16.90
CA THR C 69 47.68 -23.93 -18.32
C THR C 69 46.44 -23.12 -18.72
N MET C 70 46.69 -21.94 -19.30
CA MET C 70 45.70 -21.05 -19.86
C MET C 70 45.88 -21.08 -21.39
N THR C 71 44.76 -21.28 -22.10
CA THR C 71 44.66 -21.44 -23.55
C THR C 71 43.40 -20.70 -24.02
N ARG C 72 43.27 -20.53 -25.33
CA ARG C 72 42.11 -19.87 -25.91
C ARG C 72 41.84 -20.38 -27.31
N ASP C 73 40.58 -20.26 -27.70
CA ASP C 73 40.06 -20.59 -29.01
C ASP C 73 39.46 -19.30 -29.53
N THR C 74 40.19 -18.60 -30.42
CA THR C 74 39.74 -17.35 -31.00
C THR C 74 38.45 -17.54 -31.84
N SER C 75 38.33 -18.71 -32.53
CA SER C 75 37.19 -19.05 -33.36
C SER C 75 35.86 -19.10 -32.58
N THR C 76 35.90 -19.51 -31.29
CA THR C 76 34.72 -19.62 -30.44
C THR C 76 34.71 -18.62 -29.28
N SER C 77 35.63 -17.64 -29.28
CA SER C 77 35.78 -16.62 -28.21
C SER C 77 35.84 -17.22 -26.77
N THR C 78 36.45 -18.43 -26.63
CA THR C 78 36.61 -19.16 -25.36
C THR C 78 38.07 -19.18 -24.84
N VAL C 79 38.23 -18.98 -23.52
CA VAL C 79 39.46 -19.03 -22.74
C VAL C 79 39.31 -20.28 -21.86
N TYR C 80 40.40 -21.02 -21.62
CA TYR C 80 40.36 -22.18 -20.77
C TYR C 80 41.44 -22.07 -19.72
N MET C 81 41.13 -22.55 -18.52
CA MET C 81 42.06 -22.65 -17.42
C MET C 81 42.02 -24.13 -17.07
N GLU C 82 43.20 -24.75 -17.01
CA GLU C 82 43.36 -26.16 -16.70
C GLU C 82 44.33 -26.30 -15.54
N LEU C 83 43.85 -26.81 -14.41
CA LEU C 83 44.65 -27.04 -13.21
C LEU C 83 44.82 -28.58 -13.04
N SER C 84 46.08 -29.03 -13.00
CA SER C 84 46.45 -30.43 -12.91
C SER C 84 47.04 -30.76 -11.53
N SER C 85 47.23 -32.08 -11.23
CA SER C 85 47.81 -32.59 -9.97
C SER C 85 47.07 -31.96 -8.75
N LEU C 86 45.74 -31.90 -8.89
CA LEU C 86 44.70 -31.36 -8.03
C LEU C 86 44.75 -31.96 -6.62
N ARG C 87 44.47 -31.13 -5.61
CA ARG C 87 44.40 -31.50 -4.20
C ARG C 87 43.15 -30.91 -3.61
N SER C 88 42.67 -31.44 -2.47
CA SER C 88 41.43 -30.95 -1.80
C SER C 88 41.46 -29.43 -1.53
N GLU C 89 42.67 -28.85 -1.32
CA GLU C 89 42.95 -27.43 -1.08
C GLU C 89 42.65 -26.57 -2.32
N ASP C 90 42.42 -27.25 -3.46
CA ASP C 90 42.08 -26.66 -4.75
C ASP C 90 40.57 -26.53 -4.95
N THR C 91 39.75 -27.08 -4.01
CA THR C 91 38.29 -26.91 -4.00
C THR C 91 38.04 -25.41 -3.86
N ALA C 92 37.37 -24.83 -4.83
CA ALA C 92 37.14 -23.40 -4.91
C ALA C 92 36.20 -23.09 -6.06
N VAL C 93 35.75 -21.81 -6.13
CA VAL C 93 35.00 -21.25 -7.24
C VAL C 93 36.07 -20.50 -8.09
N TYR C 94 36.17 -20.86 -9.38
CA TYR C 94 37.14 -20.31 -10.31
C TYR C 94 36.47 -19.33 -11.23
N TYR C 95 36.87 -18.04 -11.13
CA TYR C 95 36.34 -16.99 -11.99
C TYR C 95 37.30 -16.61 -13.12
N CYS C 96 36.75 -16.26 -14.27
CA CYS C 96 37.52 -15.65 -15.33
C CYS C 96 37.13 -14.15 -15.24
N ALA C 97 38.12 -13.26 -15.30
CA ALA C 97 37.89 -11.82 -15.22
C ALA C 97 38.65 -11.08 -16.32
N ARG C 98 37.90 -10.37 -17.17
CA ARG C 98 38.46 -9.54 -18.22
C ARG C 98 39.16 -8.35 -17.54
N VAL C 99 40.25 -7.89 -18.14
CA VAL C 99 40.97 -6.75 -17.59
C VAL C 99 40.85 -5.58 -18.57
N THR C 100 40.70 -4.33 -18.07
CA THR C 100 40.56 -3.13 -18.90
C THR C 100 41.83 -2.85 -19.69
N THR C 101 41.70 -2.11 -20.83
CA THR C 101 42.81 -1.61 -21.63
C THR C 101 43.11 -0.18 -21.14
N VAL C 102 42.07 0.59 -20.88
CA VAL C 102 42.16 1.96 -20.36
C VAL C 102 42.53 1.89 -18.88
N ILE C 103 43.69 2.47 -18.55
CA ILE C 103 44.23 2.48 -17.20
C ILE C 103 43.75 3.75 -16.53
N ALA C 104 42.71 3.62 -15.68
CA ALA C 104 42.08 4.74 -14.98
C ALA C 104 41.53 4.34 -13.62
N GLY C 105 40.68 3.30 -13.61
CA GLY C 105 40.00 2.82 -12.42
C GLY C 105 40.04 1.31 -12.26
N PRO C 106 39.01 0.58 -12.78
CA PRO C 106 39.02 -0.90 -12.61
C PRO C 106 40.16 -1.63 -13.28
N VAL C 107 40.49 -2.82 -12.76
CA VAL C 107 41.47 -3.71 -13.39
C VAL C 107 40.55 -4.79 -13.97
N PHE C 108 39.98 -5.66 -13.10
CA PHE C 108 38.99 -6.68 -13.47
C PHE C 108 37.67 -5.95 -13.62
N ASP C 109 37.17 -5.87 -14.84
CA ASP C 109 35.93 -5.13 -15.11
C ASP C 109 34.70 -6.05 -15.25
N TYR C 110 34.84 -7.15 -16.02
CA TYR C 110 33.78 -8.11 -16.23
C TYR C 110 34.24 -9.46 -15.81
N TRP C 111 33.41 -10.13 -15.00
CA TRP C 111 33.68 -11.45 -14.45
C TRP C 111 32.69 -12.45 -14.98
N GLY C 112 33.10 -13.70 -14.96
CA GLY C 112 32.23 -14.83 -15.24
C GLY C 112 31.45 -15.11 -13.96
N GLN C 113 30.46 -16.01 -14.01
CA GLN C 113 29.62 -16.34 -12.86
C GLN C 113 30.34 -17.20 -11.79
N GLY C 114 31.46 -17.81 -12.20
CA GLY C 114 32.26 -18.69 -11.37
C GLY C 114 31.97 -20.14 -11.70
N THR C 115 32.96 -21.01 -11.47
CA THR C 115 32.83 -22.46 -11.67
C THR C 115 33.34 -23.14 -10.42
N LEU C 116 32.45 -23.87 -9.71
CA LEU C 116 32.86 -24.60 -8.52
C LEU C 116 33.53 -25.90 -8.91
N VAL C 117 34.76 -26.07 -8.40
CA VAL C 117 35.56 -27.27 -8.59
C VAL C 117 35.71 -27.82 -7.17
N THR C 118 35.22 -29.06 -6.97
CA THR C 118 35.28 -29.77 -5.69
C THR C 118 36.29 -30.91 -5.85
N VAL C 119 37.38 -30.88 -5.06
CA VAL C 119 38.40 -31.93 -5.03
C VAL C 119 38.18 -32.75 -3.77
N SER C 120 37.90 -34.06 -3.95
CA SER C 120 37.53 -35.01 -2.90
C SER C 120 37.88 -36.46 -3.24
N SER C 121 38.55 -37.16 -2.30
CA SER C 121 38.92 -38.59 -2.37
C SER C 121 37.68 -39.48 -2.40
N ALA C 122 36.54 -38.97 -1.89
CA ALA C 122 35.25 -39.65 -1.82
C ALA C 122 34.69 -40.04 -3.19
N SER C 123 33.94 -41.15 -3.22
CA SER C 123 33.25 -41.69 -4.39
C SER C 123 31.76 -41.49 -4.09
N THR C 124 30.90 -41.62 -5.11
CA THR C 124 29.46 -41.50 -4.94
C THR C 124 28.97 -42.50 -3.90
N LYS C 125 28.24 -42.01 -2.88
CA LYS C 125 27.72 -42.82 -1.78
C LYS C 125 26.40 -42.24 -1.30
N GLY C 126 25.39 -43.10 -1.21
CA GLY C 126 24.06 -42.77 -0.71
C GLY C 126 24.06 -42.58 0.80
N PRO C 127 23.06 -41.86 1.36
CA PRO C 127 23.09 -41.63 2.82
C PRO C 127 22.39 -42.68 3.67
N SER C 128 22.83 -42.76 4.93
CA SER C 128 22.23 -43.58 5.96
C SER C 128 21.27 -42.60 6.65
N VAL C 129 20.02 -43.02 6.85
CA VAL C 129 19.06 -42.13 7.48
C VAL C 129 18.67 -42.71 8.83
N PHE C 130 18.78 -41.85 9.87
CA PHE C 130 18.47 -42.22 11.25
C PHE C 130 17.40 -41.32 11.80
N PRO C 131 16.48 -41.84 12.63
CA PRO C 131 15.44 -40.98 13.18
C PRO C 131 15.90 -40.19 14.38
N LEU C 132 15.63 -38.88 14.39
CA LEU C 132 15.93 -38.02 15.53
C LEU C 132 14.59 -37.92 16.27
N ALA C 133 14.29 -38.95 17.09
CA ALA C 133 13.05 -39.17 17.85
C ALA C 133 12.69 -38.05 18.84
N PRO C 134 11.40 -37.63 18.90
CA PRO C 134 11.01 -36.58 19.85
C PRO C 134 10.94 -37.06 21.31
N SER C 135 11.09 -36.09 22.26
CA SER C 135 11.02 -36.15 23.73
C SER C 135 10.50 -37.45 24.36
N GLY C 142 1.95 -28.72 24.29
CA GLY C 142 2.98 -27.79 23.84
C GLY C 142 3.54 -28.10 22.47
N THR C 143 4.84 -27.82 22.27
CA THR C 143 5.55 -28.04 21.00
C THR C 143 6.75 -28.99 21.21
N ALA C 144 6.88 -29.99 20.30
CA ALA C 144 7.95 -30.99 20.31
C ALA C 144 8.69 -31.02 18.95
N ALA C 145 10.04 -31.10 18.98
CA ALA C 145 10.88 -31.13 17.79
C ALA C 145 11.41 -32.54 17.48
N LEU C 146 11.20 -32.99 16.25
CA LEU C 146 11.66 -34.29 15.73
C LEU C 146 12.32 -34.09 14.38
N GLY C 147 13.15 -35.04 13.97
CA GLY C 147 13.83 -34.95 12.70
C GLY C 147 14.39 -36.23 12.15
N CYS C 148 15.26 -36.07 11.12
CA CYS C 148 15.98 -37.12 10.40
C CYS C 148 17.42 -36.69 10.27
N LEU C 149 18.35 -37.62 10.54
CA LEU C 149 19.77 -37.40 10.36
C LEU C 149 20.15 -38.13 9.08
N VAL C 150 20.58 -37.37 8.06
CA VAL C 150 21.00 -37.84 6.72
C VAL C 150 22.52 -37.87 6.76
N LYS C 151 23.07 -39.06 7.03
CA LYS C 151 24.48 -39.27 7.27
C LYS C 151 25.30 -39.83 6.11
N ASP C 152 26.57 -39.36 6.03
CA ASP C 152 27.67 -39.75 5.15
C ASP C 152 27.30 -40.00 3.66
N TYR C 153 26.98 -38.93 2.94
CA TYR C 153 26.63 -39.04 1.51
C TYR C 153 27.60 -38.22 0.64
N PHE C 154 27.73 -38.60 -0.63
CA PHE C 154 28.61 -37.90 -1.58
C PHE C 154 28.14 -38.07 -3.04
N PRO C 155 28.12 -36.97 -3.84
CA PRO C 155 28.39 -35.57 -3.46
C PRO C 155 27.10 -34.87 -3.03
N GLU C 156 27.10 -33.53 -3.00
CA GLU C 156 25.89 -32.75 -2.72
C GLU C 156 25.05 -32.72 -4.02
N PRO C 157 23.69 -32.64 -4.00
CA PRO C 157 22.79 -32.41 -2.87
C PRO C 157 21.86 -33.58 -2.47
N VAL C 158 21.17 -33.39 -1.32
CA VAL C 158 20.09 -34.24 -0.81
C VAL C 158 18.88 -33.36 -0.62
N THR C 159 17.70 -33.88 -0.97
CA THR C 159 16.43 -33.17 -0.76
C THR C 159 15.66 -33.89 0.32
N VAL C 160 15.23 -33.13 1.34
CA VAL C 160 14.44 -33.72 2.42
C VAL C 160 13.03 -33.11 2.46
N SER C 161 12.03 -33.99 2.34
CA SER C 161 10.60 -33.67 2.42
C SER C 161 10.02 -34.46 3.62
N TRP C 162 8.80 -34.09 4.04
CA TRP C 162 8.11 -34.73 5.16
C TRP C 162 6.70 -35.05 4.71
N ASN C 163 6.24 -36.28 4.96
CA ASN C 163 4.92 -36.81 4.58
C ASN C 163 4.62 -36.61 3.06
N SER C 164 5.64 -36.89 2.21
CA SER C 164 5.64 -36.76 0.74
C SER C 164 5.33 -35.35 0.25
N GLY C 165 5.54 -34.36 1.12
CA GLY C 165 5.29 -32.95 0.84
C GLY C 165 4.14 -32.36 1.63
N ALA C 166 3.25 -33.23 2.20
CA ALA C 166 2.07 -32.85 2.99
C ALA C 166 2.40 -32.17 4.36
N LEU C 167 3.69 -32.07 4.69
CA LEU C 167 4.17 -31.38 5.88
C LEU C 167 5.27 -30.39 5.47
N THR C 168 4.97 -29.08 5.61
CA THR C 168 5.88 -27.98 5.31
C THR C 168 5.98 -27.03 6.53
N SER C 169 4.93 -27.01 7.38
CA SER C 169 4.86 -26.15 8.56
C SER C 169 5.73 -26.66 9.70
N GLY C 170 6.76 -25.86 10.02
CA GLY C 170 7.70 -26.15 11.09
C GLY C 170 8.93 -26.89 10.62
N VAL C 171 8.97 -27.22 9.32
CA VAL C 171 10.07 -27.94 8.67
C VAL C 171 11.24 -26.97 8.44
N HIS C 172 12.46 -27.41 8.80
CA HIS C 172 13.72 -26.70 8.66
C HIS C 172 14.78 -27.71 8.31
N THR C 173 15.36 -27.60 7.10
CA THR C 173 16.45 -28.46 6.63
C THR C 173 17.70 -27.61 6.66
N PHE C 174 18.67 -28.05 7.47
CA PHE C 174 19.92 -27.36 7.71
C PHE C 174 20.96 -27.66 6.62
N PRO C 175 21.96 -26.77 6.43
CA PRO C 175 22.99 -27.04 5.43
C PRO C 175 23.90 -28.22 5.81
N ALA C 176 24.43 -28.89 4.80
CA ALA C 176 25.31 -30.04 4.98
C ALA C 176 26.68 -29.71 5.57
N VAL C 177 27.03 -30.36 6.70
CA VAL C 177 28.33 -30.25 7.31
C VAL C 177 29.20 -31.26 6.55
N LEU C 178 30.45 -30.90 6.28
CA LEU C 178 31.39 -31.80 5.63
C LEU C 178 32.32 -32.33 6.72
N GLN C 179 32.40 -33.67 6.81
CA GLN C 179 33.23 -34.35 7.81
C GLN C 179 34.69 -34.44 7.36
N SER C 180 35.59 -34.78 8.32
CA SER C 180 37.03 -34.99 8.07
C SER C 180 37.24 -36.20 7.14
N SER C 181 36.25 -37.14 7.14
CA SER C 181 36.16 -38.36 6.32
C SER C 181 35.96 -38.07 4.82
N GLY C 182 35.44 -36.89 4.49
CA GLY C 182 35.20 -36.45 3.11
C GLY C 182 33.75 -36.53 2.67
N LEU C 183 32.88 -37.05 3.56
CA LEU C 183 31.46 -37.24 3.31
C LEU C 183 30.61 -36.20 4.06
N TYR C 184 29.48 -35.82 3.44
CA TYR C 184 28.52 -34.84 3.97
C TYR C 184 27.48 -35.42 4.92
N SER C 185 27.00 -34.58 5.83
CA SER C 185 25.95 -34.97 6.78
C SER C 185 25.03 -33.78 7.05
N LEU C 186 23.71 -34.04 7.06
CA LEU C 186 22.74 -32.98 7.38
C LEU C 186 21.55 -33.50 8.19
N SER C 187 20.84 -32.58 8.82
CA SER C 187 19.65 -32.87 9.58
C SER C 187 18.50 -32.05 9.02
N SER C 188 17.28 -32.54 9.24
CA SER C 188 16.04 -31.89 8.86
C SER C 188 15.11 -32.05 10.04
N VAL C 189 14.73 -30.93 10.66
CA VAL C 189 13.78 -30.94 11.79
C VAL C 189 12.40 -30.45 11.40
N VAL C 190 11.42 -30.78 12.23
CA VAL C 190 10.02 -30.37 12.14
C VAL C 190 9.45 -30.27 13.56
N THR C 191 9.11 -29.04 13.99
CA THR C 191 8.50 -28.77 15.28
C THR C 191 6.98 -28.95 15.10
N VAL C 192 6.42 -29.90 15.86
CA VAL C 192 5.03 -30.34 15.76
C VAL C 192 4.25 -30.22 17.11
N PRO C 193 2.89 -30.26 17.12
CA PRO C 193 2.16 -30.25 18.41
C PRO C 193 2.45 -31.53 19.18
N SER C 194 2.65 -31.43 20.52
CA SER C 194 2.96 -32.56 21.39
C SER C 194 1.82 -33.59 21.50
N SER C 195 0.57 -33.13 21.29
CA SER C 195 -0.63 -33.96 21.30
C SER C 195 -0.67 -34.90 20.09
N SER C 196 -0.27 -34.36 18.91
CA SER C 196 -0.21 -35.03 17.62
C SER C 196 0.76 -36.22 17.58
N LEU C 197 1.76 -36.24 18.47
CA LEU C 197 2.80 -37.27 18.54
C LEU C 197 2.29 -38.71 18.56
N GLY C 198 1.32 -38.99 19.43
CA GLY C 198 0.73 -40.33 19.57
C GLY C 198 -0.11 -40.80 18.39
N THR C 199 -0.86 -39.87 17.77
CA THR C 199 -1.75 -40.17 16.64
C THR C 199 -1.07 -40.00 15.26
N GLN C 200 -0.71 -38.76 14.88
CA GLN C 200 -0.09 -38.38 13.60
C GLN C 200 1.26 -39.07 13.34
N THR C 201 1.47 -39.56 12.07
CA THR C 201 2.72 -40.19 11.66
C THR C 201 3.54 -39.22 10.80
N TYR C 202 4.86 -39.15 11.09
CA TYR C 202 5.82 -38.30 10.40
C TYR C 202 6.86 -39.19 9.72
N ILE C 203 6.95 -39.08 8.38
CA ILE C 203 7.90 -39.83 7.56
C ILE C 203 8.72 -38.84 6.76
N CYS C 204 10.05 -38.89 6.90
CA CYS C 204 10.92 -38.02 6.11
C CYS C 204 11.32 -38.75 4.83
N ASN C 205 11.28 -38.02 3.72
CA ASN C 205 11.60 -38.55 2.40
C ASN C 205 12.90 -37.93 1.95
N VAL C 206 13.93 -38.77 1.89
CA VAL C 206 15.27 -38.35 1.54
C VAL C 206 15.58 -38.78 0.12
N ASN C 207 16.06 -37.84 -0.69
CA ASN C 207 16.43 -38.13 -2.05
C ASN C 207 17.83 -37.63 -2.31
N HIS C 208 18.70 -38.56 -2.69
CA HIS C 208 20.06 -38.30 -3.10
C HIS C 208 20.06 -38.76 -4.55
N LYS C 209 19.97 -37.80 -5.48
CA LYS C 209 19.93 -38.10 -6.91
C LYS C 209 21.32 -38.57 -7.46
N PRO C 210 22.49 -38.01 -7.03
CA PRO C 210 23.76 -38.52 -7.56
C PRO C 210 23.99 -40.04 -7.50
N SER C 211 23.63 -40.69 -6.36
CA SER C 211 23.75 -42.14 -6.17
C SER C 211 22.42 -42.90 -6.39
N ASN C 212 21.34 -42.17 -6.77
CA ASN C 212 19.99 -42.69 -7.04
C ASN C 212 19.42 -43.52 -5.88
N THR C 213 19.36 -42.86 -4.70
CA THR C 213 18.88 -43.42 -3.45
C THR C 213 17.71 -42.61 -2.96
N LYS C 214 16.60 -43.28 -2.68
CA LYS C 214 15.43 -42.66 -2.08
C LYS C 214 15.15 -43.38 -0.78
N VAL C 215 15.09 -42.65 0.34
CA VAL C 215 14.84 -43.27 1.66
C VAL C 215 13.61 -42.66 2.34
N ASP C 216 12.65 -43.53 2.74
CA ASP C 216 11.46 -43.13 3.48
C ASP C 216 11.60 -43.71 4.89
N LYS C 217 11.61 -42.83 5.91
CA LYS C 217 11.81 -43.25 7.28
C LYS C 217 10.81 -42.64 8.24
N LYS C 218 10.04 -43.48 8.96
CA LYS C 218 9.09 -43.01 9.97
C LYS C 218 9.84 -42.62 11.22
N VAL C 219 9.53 -41.42 11.75
CA VAL C 219 10.14 -40.91 12.99
C VAL C 219 9.12 -41.09 14.14
N GLU C 220 9.41 -42.02 15.07
CA GLU C 220 8.54 -42.35 16.20
C GLU C 220 9.16 -41.92 17.54
N PRO C 221 8.35 -41.56 18.59
CA PRO C 221 8.94 -41.23 19.91
C PRO C 221 9.40 -42.50 20.64
N LYS C 222 10.60 -42.49 21.25
CA LYS C 222 11.14 -43.70 21.89
C LYS C 222 10.80 -43.82 23.36
N VAL D 3 50.58 -9.79 3.50
CA VAL D 3 50.95 -8.44 3.05
C VAL D 3 49.81 -7.45 3.34
N LEU D 4 48.55 -7.88 3.12
CA LEU D 4 47.32 -7.11 3.38
C LEU D 4 46.42 -7.81 4.38
N THR D 5 46.03 -7.07 5.45
CA THR D 5 45.10 -7.58 6.47
C THR D 5 43.93 -6.62 6.68
N GLN D 6 42.72 -7.20 6.66
CA GLN D 6 41.43 -6.55 6.85
C GLN D 6 40.71 -7.25 8.00
N PRO D 7 39.91 -6.53 8.84
CA PRO D 7 39.19 -7.19 9.94
C PRO D 7 38.24 -8.23 9.39
N SER D 8 38.15 -9.41 10.00
CA SER D 8 37.25 -10.47 9.51
C SER D 8 35.80 -9.98 9.41
N SER D 9 35.39 -9.09 10.35
CA SER D 9 34.02 -8.61 10.44
C SER D 9 33.85 -7.21 10.97
N LEU D 10 32.76 -6.58 10.55
CA LEU D 10 32.33 -5.26 11.01
C LEU D 10 30.82 -5.20 10.89
N SER D 11 30.17 -4.74 11.97
CA SER D 11 28.73 -4.58 12.03
C SER D 11 28.39 -3.13 12.41
N ALA D 12 27.24 -2.63 11.93
CA ALA D 12 26.75 -1.27 12.18
C ALA D 12 25.34 -1.05 11.66
N SER D 13 24.61 -0.24 12.41
CA SER D 13 23.23 0.16 12.20
C SER D 13 23.04 0.98 10.91
N PRO D 14 21.87 0.88 10.22
CA PRO D 14 21.63 1.72 9.03
C PRO D 14 21.57 3.21 9.39
N GLY D 15 22.24 4.03 8.60
CA GLY D 15 22.35 5.47 8.84
C GLY D 15 23.73 5.84 9.34
N ALA D 16 24.43 4.85 9.94
CA ALA D 16 25.79 4.99 10.47
C ALA D 16 26.88 4.94 9.39
N SER D 17 28.15 5.05 9.84
CA SER D 17 29.35 5.02 9.03
C SER D 17 30.14 3.73 9.32
N ALA D 18 30.52 3.02 8.25
CA ALA D 18 31.36 1.81 8.33
C ALA D 18 32.73 2.22 7.75
N SER D 19 33.78 2.12 8.59
CA SER D 19 35.16 2.45 8.25
C SER D 19 35.97 1.12 8.09
N LEU D 20 36.04 0.63 6.84
CA LEU D 20 36.74 -0.61 6.47
C LEU D 20 38.21 -0.29 6.24
N THR D 21 39.09 -1.01 6.96
CA THR D 21 40.52 -0.78 6.90
C THR D 21 41.25 -1.88 6.13
N CYS D 22 42.25 -1.47 5.33
CA CYS D 22 43.13 -2.35 4.59
C CYS D 22 44.57 -2.10 5.05
N THR D 23 45.04 -2.87 6.04
CA THR D 23 46.37 -2.66 6.62
C THR D 23 47.44 -3.41 5.85
N LEU D 24 48.52 -2.71 5.56
CA LEU D 24 49.70 -3.19 4.87
C LEU D 24 50.81 -3.57 5.87
N ARG D 25 51.54 -4.69 5.60
CA ARG D 25 52.66 -5.19 6.41
C ARG D 25 53.62 -4.05 6.73
N SER D 26 54.06 -3.96 8.00
CA SER D 26 54.87 -2.90 8.63
C SER D 26 55.96 -2.23 7.75
N GLY D 27 56.73 -3.04 7.00
CA GLY D 27 57.82 -2.54 6.18
C GLY D 27 57.41 -1.92 4.86
N ILE D 28 56.40 -2.50 4.20
CA ILE D 28 55.87 -2.06 2.90
C ILE D 28 55.09 -0.77 3.10
N ASN D 29 55.60 0.35 2.55
CA ASN D 29 54.99 1.69 2.64
C ASN D 29 53.70 1.75 1.83
N VAL D 30 52.64 2.29 2.43
CA VAL D 30 51.31 2.36 1.82
C VAL D 30 51.17 3.56 0.84
N GLY D 31 52.03 4.55 0.97
CA GLY D 31 52.01 5.74 0.13
C GLY D 31 51.95 5.47 -1.38
N PRO D 32 52.94 4.73 -1.95
CA PRO D 32 52.94 4.49 -3.42
C PRO D 32 51.85 3.60 -4.00
N TYR D 33 51.28 2.66 -3.22
CA TYR D 33 50.31 1.72 -3.77
C TYR D 33 48.93 2.26 -4.12
N ASN D 34 48.39 1.76 -5.25
CA ASN D 34 47.02 1.98 -5.71
C ASN D 34 46.26 0.90 -4.97
N ILE D 35 45.31 1.29 -4.10
CA ILE D 35 44.47 0.37 -3.34
C ILE D 35 43.13 0.28 -4.07
N TYR D 36 42.69 -0.93 -4.31
CA TYR D 36 41.46 -1.22 -5.02
C TYR D 36 40.44 -1.86 -4.08
N TRP D 37 39.18 -1.44 -4.17
CA TRP D 37 38.14 -2.04 -3.36
C TRP D 37 37.14 -2.75 -4.24
N TYR D 38 36.93 -4.03 -3.95
CA TYR D 38 35.99 -4.88 -4.68
C TYR D 38 34.92 -5.34 -3.69
N GLN D 39 33.67 -5.23 -4.10
CA GLN D 39 32.55 -5.63 -3.25
C GLN D 39 31.98 -6.98 -3.75
N GLN D 40 31.55 -7.86 -2.83
CA GLN D 40 31.02 -9.17 -3.22
C GLN D 40 29.82 -9.67 -2.35
N LYS D 41 28.61 -9.66 -2.95
CA LYS D 41 27.34 -10.18 -2.40
C LYS D 41 27.27 -11.75 -2.63
N PRO D 42 26.51 -12.55 -1.82
CA PRO D 42 26.52 -14.02 -1.99
C PRO D 42 26.05 -14.52 -3.35
N GLY D 43 26.73 -15.54 -3.85
CA GLY D 43 26.46 -16.15 -5.16
C GLY D 43 26.71 -15.23 -6.36
N SER D 44 27.60 -14.25 -6.18
CA SER D 44 27.93 -13.24 -7.18
C SER D 44 29.45 -13.12 -7.28
N PRO D 45 30.00 -12.76 -8.49
CA PRO D 45 31.46 -12.53 -8.56
C PRO D 45 31.77 -11.13 -7.98
N PRO D 46 33.05 -10.88 -7.56
CA PRO D 46 33.40 -9.56 -7.03
C PRO D 46 33.11 -8.38 -8.01
N GLN D 47 32.91 -7.18 -7.44
CA GLN D 47 32.58 -6.01 -8.26
C GLN D 47 33.32 -4.75 -7.83
N TYR D 48 34.12 -4.19 -8.77
CA TYR D 48 34.89 -2.96 -8.57
C TYR D 48 34.07 -1.83 -7.94
N LEU D 49 34.65 -1.18 -6.89
CA LEU D 49 34.05 -0.02 -6.23
C LEU D 49 34.88 1.23 -6.56
N MET D 50 36.19 1.20 -6.22
CA MET D 50 37.11 2.30 -6.41
C MET D 50 38.58 1.89 -6.39
N ARG D 51 39.47 2.82 -6.80
CA ARG D 51 40.92 2.79 -6.77
C ARG D 51 41.36 4.11 -6.11
N TYR D 52 42.32 4.04 -5.18
CA TYR D 52 42.84 5.19 -4.47
C TYR D 52 44.35 5.09 -4.25
N LYS D 53 45.09 6.11 -4.69
CA LYS D 53 46.53 6.23 -4.48
C LYS D 53 46.70 7.43 -3.55
N SER D 54 46.04 8.55 -3.90
CA SER D 54 46.01 9.83 -3.19
C SER D 54 44.83 10.64 -3.73
N ASP D 55 44.38 11.70 -3.02
CA ASP D 55 43.26 12.56 -3.44
C ASP D 55 43.39 13.00 -4.91
N PRO D 56 44.58 13.44 -5.42
CA PRO D 56 44.68 13.70 -6.86
C PRO D 56 44.57 12.40 -7.69
N ASP D 57 45.25 11.29 -7.27
CA ASP D 57 45.21 10.03 -8.04
C ASP D 57 44.23 9.00 -7.46
N LYS D 58 42.96 9.11 -7.89
CA LYS D 58 41.87 8.25 -7.45
C LYS D 58 40.79 8.10 -8.51
N HIS D 59 39.89 7.10 -8.33
CA HIS D 59 38.78 6.76 -9.22
C HIS D 59 37.70 6.02 -8.46
N GLN D 60 36.44 6.23 -8.85
CA GLN D 60 35.27 5.58 -8.29
C GLN D 60 34.29 5.25 -9.41
N GLY D 61 33.72 4.04 -9.39
CA GLY D 61 32.75 3.57 -10.38
C GLY D 61 31.51 4.43 -10.50
N SER D 62 30.96 4.57 -11.74
CA SER D 62 29.77 5.38 -12.06
C SER D 62 28.53 5.08 -11.20
N ALA D 63 28.41 3.82 -10.74
CA ALA D 63 27.28 3.37 -9.94
C ALA D 63 27.55 3.45 -8.43
N VAL D 64 28.76 3.90 -8.04
CA VAL D 64 29.19 3.99 -6.64
C VAL D 64 28.84 5.39 -6.08
N PRO D 65 27.91 5.48 -5.10
CA PRO D 65 27.51 6.81 -4.59
C PRO D 65 28.59 7.57 -3.83
N SER D 66 28.42 8.91 -3.71
CA SER D 66 29.37 9.81 -3.03
C SER D 66 29.59 9.45 -1.56
N ARG D 67 28.63 8.67 -0.99
CA ARG D 67 28.64 8.17 0.38
C ARG D 67 29.69 7.06 0.59
N PHE D 68 30.32 6.58 -0.50
CA PHE D 68 31.46 5.65 -0.53
C PHE D 68 32.69 6.49 -0.85
N SER D 69 33.64 6.58 0.08
CA SER D 69 34.86 7.35 -0.15
C SER D 69 36.10 6.59 0.26
N GLY D 70 37.17 6.83 -0.47
CA GLY D 70 38.46 6.22 -0.23
C GLY D 70 39.44 7.19 0.39
N SER D 71 40.33 6.66 1.22
CA SER D 71 41.38 7.45 1.87
C SER D 71 42.51 6.53 2.26
N LYS D 72 43.63 7.10 2.73
CA LYS D 72 44.78 6.37 3.26
C LYS D 72 45.16 6.98 4.62
N ASP D 73 45.52 6.12 5.58
CA ASP D 73 45.96 6.53 6.91
C ASP D 73 47.42 6.12 7.03
N ALA D 74 48.33 7.08 6.78
CA ALA D 74 49.78 6.88 6.79
C ALA D 74 50.28 6.28 8.11
N SER D 75 49.79 6.80 9.24
CA SER D 75 50.12 6.35 10.61
C SER D 75 49.73 4.88 10.85
N ALA D 76 48.57 4.46 10.33
CA ALA D 76 48.11 3.07 10.49
C ALA D 76 48.71 2.16 9.41
N ASN D 77 49.40 2.75 8.39
CA ASN D 77 49.98 2.11 7.19
C ASN D 77 48.85 1.28 6.56
N ALA D 78 47.72 1.97 6.28
CA ALA D 78 46.48 1.36 5.83
C ALA D 78 45.66 2.19 4.88
N GLY D 79 44.86 1.50 4.06
CA GLY D 79 43.90 2.12 3.13
C GLY D 79 42.53 2.12 3.78
N ILE D 80 41.65 3.04 3.42
CA ILE D 80 40.36 3.06 4.15
C ILE D 80 39.18 3.23 3.19
N LEU D 81 38.15 2.42 3.36
CA LEU D 81 36.89 2.56 2.59
C LEU D 81 35.82 3.01 3.60
N LEU D 82 35.31 4.23 3.44
CA LEU D 82 34.30 4.81 4.34
C LEU D 82 32.96 4.81 3.61
N ILE D 83 31.93 4.22 4.25
CA ILE D 83 30.57 4.16 3.73
C ILE D 83 29.68 4.95 4.72
N SER D 84 29.30 6.19 4.36
CA SER D 84 28.43 7.06 5.16
C SER D 84 26.96 6.76 4.82
N GLY D 85 26.09 6.88 5.82
CA GLY D 85 24.66 6.60 5.69
C GLY D 85 24.34 5.20 5.20
N LEU D 86 24.76 4.16 5.98
CA LEU D 86 24.61 2.73 5.66
C LEU D 86 23.21 2.30 5.25
N GLN D 87 23.12 1.59 4.12
CA GLN D 87 21.85 1.07 3.64
C GLN D 87 21.87 -0.47 3.67
N SER D 88 20.72 -1.13 3.47
CA SER D 88 20.60 -2.61 3.51
C SER D 88 21.44 -3.30 2.40
N GLU D 89 21.42 -2.69 1.20
CA GLU D 89 22.16 -3.07 0.00
C GLU D 89 23.71 -2.91 0.13
N ASP D 90 24.20 -2.40 1.26
CA ASP D 90 25.64 -2.23 1.51
C ASP D 90 26.23 -3.43 2.22
N GLU D 91 25.37 -4.31 2.76
CA GLU D 91 25.76 -5.55 3.43
C GLU D 91 26.35 -6.46 2.33
N ALA D 92 27.67 -6.69 2.38
CA ALA D 92 28.48 -7.46 1.42
C ALA D 92 29.91 -7.76 1.98
N ASP D 93 30.69 -8.58 1.26
CA ASP D 93 32.11 -8.81 1.62
C ASP D 93 32.89 -7.79 0.85
N TYR D 94 33.85 -7.14 1.50
CA TYR D 94 34.64 -6.07 0.93
C TYR D 94 36.08 -6.45 0.97
N TYR D 95 36.73 -6.53 -0.22
CA TYR D 95 38.15 -6.86 -0.38
C TYR D 95 38.94 -5.69 -0.87
N CYS D 96 40.16 -5.60 -0.36
CA CYS D 96 41.13 -4.64 -0.84
C CYS D 96 42.22 -5.40 -1.62
N MET D 97 42.81 -4.72 -2.61
CA MET D 97 43.86 -5.34 -3.43
C MET D 97 44.88 -4.35 -3.90
N ILE D 98 46.13 -4.81 -3.91
CA ILE D 98 47.30 -4.09 -4.36
C ILE D 98 48.08 -5.01 -5.22
N TRP D 99 48.86 -4.44 -6.16
CA TRP D 99 49.75 -5.22 -7.01
C TRP D 99 51.09 -5.14 -6.32
N HIS D 100 51.56 -6.30 -5.83
CA HIS D 100 52.79 -6.36 -5.06
C HIS D 100 53.57 -7.63 -5.33
N ASN D 101 54.87 -7.43 -5.61
CA ASN D 101 55.81 -8.51 -5.85
C ASN D 101 55.42 -9.32 -7.11
N ASN D 102 55.14 -8.57 -8.21
CA ASN D 102 54.76 -9.11 -9.53
C ASN D 102 53.60 -10.14 -9.49
N ALA D 103 52.61 -9.88 -8.60
CA ALA D 103 51.37 -10.63 -8.39
C ALA D 103 50.30 -9.72 -7.75
N TRP D 104 48.99 -10.00 -8.00
CA TRP D 104 47.87 -9.30 -7.37
C TRP D 104 47.68 -9.92 -5.97
N VAL D 105 47.51 -9.06 -4.94
CA VAL D 105 47.35 -9.48 -3.54
C VAL D 105 46.01 -9.00 -3.00
N PHE D 106 45.24 -9.90 -2.39
CA PHE D 106 43.96 -9.56 -1.79
C PHE D 106 44.01 -9.62 -0.30
N GLY D 107 43.25 -8.75 0.34
CA GLY D 107 43.07 -8.83 1.79
C GLY D 107 42.11 -9.98 2.02
N GLY D 108 41.98 -10.44 3.27
CA GLY D 108 41.12 -11.57 3.59
C GLY D 108 39.62 -11.32 3.45
N GLY D 109 39.25 -10.04 3.37
CA GLY D 109 37.86 -9.58 3.28
C GLY D 109 37.31 -9.20 4.64
N THR D 110 36.34 -8.30 4.64
CA THR D 110 35.59 -7.86 5.81
C THR D 110 34.14 -8.10 5.44
N LYS D 111 33.43 -8.90 6.24
CA LYS D 111 32.00 -9.09 6.05
C LYS D 111 31.38 -7.90 6.77
N LEU D 112 30.66 -7.06 6.01
CA LEU D 112 30.00 -5.87 6.55
C LEU D 112 28.54 -6.21 6.81
N THR D 113 28.13 -6.11 8.08
CA THR D 113 26.78 -6.40 8.55
C THR D 113 26.05 -5.10 8.88
N VAL D 114 24.94 -4.85 8.15
CA VAL D 114 24.06 -3.70 8.36
C VAL D 114 22.88 -4.24 9.18
N LEU D 115 22.82 -3.89 10.47
CA LEU D 115 21.77 -4.35 11.39
C LEU D 115 20.76 -3.27 11.75
N GLY D 116 19.59 -3.26 11.13
CA GLY D 116 19.09 -4.22 10.13
C GLY D 116 17.82 -4.90 10.61
N GLN D 117 17.91 -5.46 11.83
CA GLN D 117 16.93 -6.27 12.55
C GLN D 117 17.38 -6.26 14.01
N PRO D 118 16.50 -6.48 15.02
CA PRO D 118 16.99 -6.53 16.41
C PRO D 118 17.66 -7.86 16.75
N LYS D 119 18.49 -7.85 17.82
CA LYS D 119 19.20 -9.02 18.35
C LYS D 119 18.18 -10.10 18.68
N ALA D 120 18.48 -11.36 18.30
CA ALA D 120 17.63 -12.51 18.56
C ALA D 120 18.43 -13.68 19.15
N ALA D 121 17.99 -14.16 20.30
CA ALA D 121 18.58 -15.29 21.02
C ALA D 121 18.27 -16.58 20.27
N PRO D 122 19.23 -17.53 20.15
CA PRO D 122 18.94 -18.76 19.40
C PRO D 122 18.20 -19.83 20.19
N SER D 123 17.39 -20.63 19.47
CA SER D 123 16.69 -21.77 20.04
C SER D 123 17.59 -22.97 19.74
N VAL D 124 18.12 -23.59 20.79
CA VAL D 124 19.05 -24.71 20.68
C VAL D 124 18.29 -26.01 20.95
N THR D 125 18.46 -27.01 20.07
CA THR D 125 17.80 -28.32 20.19
C THR D 125 18.85 -29.44 20.13
N LEU D 126 19.00 -30.20 21.21
CA LEU D 126 19.99 -31.28 21.29
C LEU D 126 19.38 -32.67 21.23
N PHE D 127 19.78 -33.48 20.23
CA PHE D 127 19.34 -34.88 20.01
C PHE D 127 20.44 -35.86 20.41
N PRO D 128 20.11 -36.91 21.21
CA PRO D 128 21.13 -37.91 21.54
C PRO D 128 21.25 -38.95 20.42
N PRO D 129 22.27 -39.86 20.45
CA PRO D 129 22.37 -40.90 19.40
C PRO D 129 21.14 -41.79 19.35
N SER D 130 20.65 -42.06 18.14
CA SER D 130 19.49 -42.95 17.97
C SER D 130 19.90 -44.41 18.22
N SER D 131 18.93 -45.23 18.65
CA SER D 131 19.11 -46.66 18.94
C SER D 131 19.55 -47.46 17.70
N GLU D 132 19.16 -46.98 16.49
CA GLU D 132 19.48 -47.57 15.19
C GLU D 132 20.94 -47.35 14.84
N GLU D 133 21.43 -46.10 15.10
CA GLU D 133 22.79 -45.67 14.82
C GLU D 133 23.80 -46.36 15.70
N LEU D 134 23.44 -46.60 16.98
CA LEU D 134 24.28 -47.28 17.95
C LEU D 134 24.49 -48.74 17.57
N GLN D 135 23.52 -49.33 16.84
CA GLN D 135 23.58 -50.69 16.33
C GLN D 135 24.50 -50.80 15.09
N ALA D 136 24.88 -49.64 14.53
CA ALA D 136 25.79 -49.49 13.39
C ALA D 136 27.20 -49.23 13.98
N ASN D 137 27.31 -49.30 15.33
CA ASN D 137 28.50 -49.05 16.15
C ASN D 137 29.02 -47.61 15.96
N LYS D 138 28.08 -46.64 16.00
CA LYS D 138 28.37 -45.22 15.84
C LYS D 138 27.46 -44.40 16.79
N ALA D 139 27.88 -43.17 17.13
CA ALA D 139 27.08 -42.31 18.00
C ALA D 139 27.27 -40.86 17.62
N THR D 140 26.16 -40.18 17.20
CA THR D 140 26.19 -38.76 16.83
C THR D 140 25.17 -37.94 17.59
N LEU D 141 25.68 -36.90 18.26
CA LEU D 141 24.89 -35.92 19.01
C LEU D 141 24.70 -34.74 18.06
N VAL D 142 23.43 -34.36 17.85
CA VAL D 142 23.04 -33.29 16.93
C VAL D 142 22.49 -32.05 17.68
N CYS D 143 23.26 -30.96 17.65
CA CYS D 143 22.89 -29.69 18.24
C CYS D 143 22.40 -28.78 17.11
N LEU D 144 21.10 -28.46 17.12
CA LEU D 144 20.49 -27.59 16.11
C LEU D 144 20.23 -26.17 16.63
N ILE D 145 20.94 -25.17 16.04
CA ILE D 145 20.89 -23.73 16.35
C ILE D 145 20.03 -23.03 15.29
N SER D 146 19.05 -22.23 15.73
CA SER D 146 18.17 -21.54 14.79
C SER D 146 17.64 -20.17 15.30
N ASP D 147 16.97 -19.43 14.39
CA ASP D 147 16.28 -18.15 14.63
C ASP D 147 17.11 -17.13 15.43
N PHE D 148 18.36 -16.89 15.00
CA PHE D 148 19.24 -15.93 15.70
C PHE D 148 19.76 -14.83 14.81
N TYR D 149 19.81 -13.62 15.37
CA TYR D 149 20.39 -12.46 14.67
C TYR D 149 21.29 -11.68 15.62
N PRO D 150 22.57 -11.37 15.24
CA PRO D 150 23.25 -11.63 13.97
C PRO D 150 23.75 -13.08 13.80
N GLY D 151 24.22 -13.42 12.58
CA GLY D 151 24.70 -14.73 12.22
C GLY D 151 26.12 -15.07 12.67
N ALA D 152 26.32 -15.09 14.00
CA ALA D 152 27.59 -15.39 14.67
C ALA D 152 27.34 -16.06 16.04
N VAL D 153 27.82 -17.32 16.17
CA VAL D 153 27.72 -18.13 17.40
C VAL D 153 29.02 -18.86 17.69
N THR D 154 29.13 -19.42 18.90
CA THR D 154 30.24 -20.29 19.33
C THR D 154 29.64 -21.52 20.00
N VAL D 155 30.00 -22.72 19.51
CA VAL D 155 29.51 -23.99 20.04
C VAL D 155 30.59 -24.73 20.84
N ALA D 156 30.31 -24.98 22.12
CA ALA D 156 31.19 -25.69 23.06
C ALA D 156 30.52 -26.96 23.58
N TRP D 157 31.21 -28.11 23.46
CA TRP D 157 30.67 -29.39 23.93
C TRP D 157 31.33 -29.86 25.22
N LYS D 158 30.50 -30.37 26.16
CA LYS D 158 30.91 -30.86 27.47
C LYS D 158 30.69 -32.37 27.59
N ALA D 159 31.76 -33.10 28.02
CA ALA D 159 31.75 -34.56 28.21
C ALA D 159 30.86 -34.93 29.40
N ASP D 160 31.09 -34.30 30.57
CA ASP D 160 30.30 -34.42 31.80
C ASP D 160 30.14 -32.98 32.36
N SER D 161 31.26 -32.23 32.30
CA SER D 161 31.50 -30.84 32.64
C SER D 161 32.91 -30.51 32.15
N SER D 162 33.64 -31.57 31.76
CA SER D 162 34.98 -31.51 31.18
C SER D 162 34.78 -31.26 29.67
N PRO D 163 35.25 -30.10 29.13
CA PRO D 163 35.01 -29.81 27.70
C PRO D 163 35.78 -30.68 26.69
N VAL D 164 35.10 -31.00 25.57
CA VAL D 164 35.63 -31.78 24.44
C VAL D 164 35.68 -30.93 23.17
N LYS D 165 36.79 -31.05 22.41
CA LYS D 165 36.97 -30.36 21.14
C LYS D 165 37.28 -31.35 20.00
N ALA D 166 37.34 -32.66 20.34
CA ALA D 166 37.58 -33.78 19.42
C ALA D 166 36.25 -34.43 19.03
N GLY D 167 36.05 -34.60 17.73
CA GLY D 167 34.84 -35.16 17.13
C GLY D 167 33.77 -34.14 16.83
N VAL D 168 34.11 -32.84 16.93
CA VAL D 168 33.19 -31.70 16.74
C VAL D 168 33.31 -31.12 15.32
N GLU D 169 32.16 -31.09 14.60
CA GLU D 169 32.01 -30.53 13.26
C GLU D 169 30.84 -29.54 13.32
N THR D 170 31.17 -28.23 13.31
CA THR D 170 30.18 -27.16 13.36
C THR D 170 30.04 -26.48 11.99
N THR D 171 28.80 -26.18 11.61
CA THR D 171 28.40 -25.55 10.35
C THR D 171 28.50 -24.01 10.45
N THR D 172 28.77 -23.37 9.31
CA THR D 172 28.81 -21.92 9.13
C THR D 172 27.35 -21.45 9.13
N PRO D 173 26.99 -20.33 9.83
CA PRO D 173 25.59 -19.88 9.81
C PRO D 173 25.08 -19.54 8.41
N SER D 174 23.81 -19.86 8.12
CA SER D 174 23.17 -19.56 6.84
C SER D 174 21.87 -18.81 7.10
N LYS D 175 21.53 -17.86 6.22
CA LYS D 175 20.31 -17.05 6.33
C LYS D 175 19.07 -17.92 6.15
N GLN D 176 18.02 -17.61 6.90
CA GLN D 176 16.74 -18.31 6.84
C GLN D 176 15.80 -17.52 5.91
N SER D 177 14.52 -17.94 5.85
CA SER D 177 13.49 -17.28 5.06
C SER D 177 12.98 -16.03 5.80
N ASN D 178 13.20 -15.96 7.14
CA ASN D 178 12.80 -14.83 7.99
C ASN D 178 13.97 -13.87 8.27
N ASN D 179 15.05 -14.03 7.46
CA ASN D 179 16.32 -13.30 7.47
C ASN D 179 17.19 -13.56 8.72
N LYS D 180 16.71 -14.40 9.66
CA LYS D 180 17.50 -14.79 10.84
C LYS D 180 18.50 -15.89 10.41
N TYR D 181 19.37 -16.38 11.31
CA TYR D 181 20.38 -17.35 10.88
C TYR D 181 20.25 -18.75 11.51
N ALA D 182 20.80 -19.77 10.83
CA ALA D 182 20.75 -21.14 11.32
C ALA D 182 22.13 -21.84 11.29
N ALA D 183 22.49 -22.53 12.38
CA ALA D 183 23.73 -23.32 12.45
C ALA D 183 23.47 -24.72 12.98
N SER D 184 24.42 -25.63 12.79
CA SER D 184 24.32 -27.02 13.22
C SER D 184 25.68 -27.51 13.76
N SER D 185 25.69 -28.32 14.83
CA SER D 185 26.92 -28.90 15.38
C SER D 185 26.75 -30.40 15.66
N TYR D 186 27.76 -31.21 15.26
CA TYR D 186 27.80 -32.67 15.37
C TYR D 186 28.96 -33.24 16.22
N LEU D 187 28.65 -33.85 17.39
CA LEU D 187 29.65 -34.52 18.22
C LEU D 187 29.62 -36.03 17.92
N SER D 188 30.61 -36.51 17.15
CA SER D 188 30.74 -37.91 16.70
C SER D 188 31.73 -38.73 17.55
N LEU D 189 31.20 -39.42 18.57
CA LEU D 189 31.92 -40.29 19.50
C LEU D 189 31.49 -41.77 19.32
N THR D 190 32.28 -42.72 19.87
CA THR D 190 31.99 -44.16 19.80
C THR D 190 30.78 -44.49 20.72
N PRO D 191 30.03 -45.61 20.50
CA PRO D 191 28.92 -45.95 21.42
C PRO D 191 29.41 -46.20 22.87
N GLU D 192 30.72 -46.49 23.02
CA GLU D 192 31.45 -46.72 24.28
C GLU D 192 31.61 -45.38 25.02
N GLN D 193 32.07 -44.32 24.28
CA GLN D 193 32.22 -42.94 24.76
C GLN D 193 30.87 -42.41 25.25
N TRP D 194 29.79 -42.60 24.43
CA TRP D 194 28.41 -42.19 24.73
C TRP D 194 27.89 -42.71 26.08
N LYS D 195 27.88 -44.05 26.26
CA LYS D 195 27.37 -44.73 27.44
C LYS D 195 28.20 -44.52 28.73
N SER D 196 29.53 -44.32 28.59
CA SER D 196 30.46 -44.13 29.72
C SER D 196 30.21 -42.85 30.57
N HIS D 197 29.65 -41.77 29.97
CA HIS D 197 29.41 -40.50 30.67
C HIS D 197 27.99 -40.35 31.22
N LYS D 198 27.83 -39.52 32.28
CA LYS D 198 26.55 -39.25 32.95
C LYS D 198 25.61 -38.39 32.09
N SER D 199 26.14 -37.30 31.49
CA SER D 199 25.39 -36.38 30.63
C SER D 199 26.31 -35.58 29.71
N TYR D 200 25.83 -35.25 28.48
CA TYR D 200 26.55 -34.46 27.47
C TYR D 200 25.85 -33.11 27.20
N SER D 201 26.63 -32.03 27.04
CA SER D 201 26.07 -30.69 26.85
C SER D 201 26.51 -29.96 25.59
N CYS D 202 25.60 -29.15 25.03
CA CYS D 202 25.88 -28.29 23.88
C CYS D 202 25.67 -26.82 24.27
N GLN D 203 26.78 -26.15 24.60
CA GLN D 203 26.79 -24.77 25.04
C GLN D 203 26.99 -23.81 23.86
N VAL D 204 25.92 -23.05 23.54
CA VAL D 204 25.88 -22.08 22.46
C VAL D 204 25.97 -20.68 23.04
N THR D 205 26.99 -19.90 22.62
CA THR D 205 27.18 -18.53 23.08
C THR D 205 26.91 -17.53 21.92
N HIS D 206 25.90 -16.68 22.12
CA HIS D 206 25.48 -15.66 21.17
C HIS D 206 25.50 -14.31 21.86
N GLU D 207 26.38 -13.42 21.37
CA GLU D 207 26.57 -12.04 21.83
C GLU D 207 26.76 -11.92 23.37
N GLY D 208 27.63 -12.76 23.91
CA GLY D 208 27.95 -12.79 25.34
C GLY D 208 27.07 -13.68 26.19
N SER D 209 25.82 -13.94 25.74
CA SER D 209 24.85 -14.80 26.43
C SER D 209 25.00 -16.26 26.00
N THR D 210 24.78 -17.18 26.96
CA THR D 210 24.93 -18.61 26.81
C THR D 210 23.59 -19.34 26.96
N VAL D 211 23.35 -20.30 26.04
CA VAL D 211 22.21 -21.21 25.98
C VAL D 211 22.85 -22.61 26.07
N GLU D 212 22.35 -23.47 26.97
CA GLU D 212 22.89 -24.81 27.12
C GLU D 212 21.82 -25.88 27.18
N LYS D 213 21.99 -26.92 26.34
CA LYS D 213 21.10 -28.08 26.27
C LYS D 213 21.85 -29.32 26.74
N THR D 214 21.14 -30.22 27.42
CA THR D 214 21.74 -31.43 27.98
C THR D 214 20.96 -32.69 27.56
N VAL D 215 21.71 -33.76 27.22
CA VAL D 215 21.21 -35.10 26.89
C VAL D 215 22.00 -36.15 27.74
N ALA D 216 21.30 -37.19 28.23
CA ALA D 216 21.91 -38.22 29.07
C ALA D 216 21.51 -39.65 28.62
N PRO D 217 22.39 -40.68 28.74
CA PRO D 217 21.98 -42.05 28.34
C PRO D 217 21.24 -42.80 29.45
N GLY E 2 62.70 13.21 -55.97
CA GLY E 2 62.63 14.20 -54.91
C GLY E 2 63.36 13.80 -53.64
N SER E 3 63.02 14.46 -52.52
CA SER E 3 63.60 14.19 -51.21
C SER E 3 62.83 13.03 -50.51
N HIS E 4 63.58 12.11 -49.87
CA HIS E 4 62.99 10.93 -49.23
C HIS E 4 63.50 10.66 -47.83
N SER E 5 62.68 9.96 -47.06
CA SER E 5 63.03 9.62 -45.70
C SER E 5 62.64 8.19 -45.34
N MET E 6 63.46 7.54 -44.48
CA MET E 6 63.15 6.27 -43.81
C MET E 6 63.09 6.59 -42.32
N ARG E 7 61.98 6.22 -41.61
CA ARG E 7 61.80 6.45 -40.18
C ARG E 7 61.18 5.23 -39.44
N TYR E 8 61.73 4.87 -38.24
CA TYR E 8 61.23 3.82 -37.35
C TYR E 8 60.77 4.43 -36.04
N PHE E 9 59.54 4.06 -35.62
CA PHE E 9 58.84 4.49 -34.40
C PHE E 9 58.69 3.33 -33.48
N TYR E 10 59.12 3.47 -32.21
CA TYR E 10 58.97 2.43 -31.17
C TYR E 10 58.21 2.95 -29.96
N THR E 11 57.26 2.18 -29.47
CA THR E 11 56.50 2.54 -28.25
C THR E 11 56.55 1.37 -27.26
N SER E 12 57.03 1.63 -26.06
CA SER E 12 57.09 0.62 -24.99
C SER E 12 56.23 1.08 -23.84
N VAL E 13 55.22 0.28 -23.48
CA VAL E 13 54.30 0.63 -22.41
C VAL E 13 54.26 -0.44 -21.30
N SER E 14 54.64 -0.06 -20.08
CA SER E 14 54.46 -0.99 -18.97
C SER E 14 52.99 -0.96 -18.54
N ARG E 15 52.44 -2.12 -18.17
CA ARG E 15 51.06 -2.21 -17.70
C ARG E 15 51.02 -3.19 -16.50
N PRO E 16 51.69 -2.82 -15.35
CA PRO E 16 51.76 -3.74 -14.20
C PRO E 16 50.42 -4.31 -13.73
N GLY E 17 50.30 -5.62 -13.81
CA GLY E 17 49.09 -6.28 -13.38
C GLY E 17 48.12 -6.62 -14.48
N ARG E 18 48.32 -6.05 -15.67
CA ARG E 18 47.45 -6.31 -16.80
C ARG E 18 48.12 -7.33 -17.69
N GLY E 19 49.41 -7.16 -17.90
CA GLY E 19 50.19 -8.03 -18.74
C GLY E 19 51.64 -7.61 -18.75
N GLU E 20 52.37 -8.14 -19.70
CA GLU E 20 53.76 -7.90 -20.02
C GLU E 20 53.89 -6.46 -20.63
N PRO E 21 55.03 -5.71 -20.55
CA PRO E 21 55.07 -4.41 -21.25
C PRO E 21 54.77 -4.56 -22.74
N ARG E 22 53.96 -3.66 -23.31
CA ARG E 22 53.70 -3.79 -24.74
C ARG E 22 54.73 -3.00 -25.54
N PHE E 23 55.09 -3.56 -26.70
CA PHE E 23 56.01 -2.99 -27.69
C PHE E 23 55.36 -2.98 -29.10
N ILE E 24 55.28 -1.79 -29.72
CA ILE E 24 54.83 -1.57 -31.09
C ILE E 24 55.96 -0.86 -31.79
N ALA E 25 56.37 -1.42 -32.93
CA ALA E 25 57.39 -0.89 -33.81
C ALA E 25 56.70 -0.65 -35.15
N VAL E 26 56.78 0.57 -35.68
CA VAL E 26 56.26 0.90 -37.04
C VAL E 26 57.41 1.46 -37.89
N GLY E 27 57.51 0.98 -39.14
CA GLY E 27 58.51 1.36 -40.13
C GLY E 27 57.86 2.10 -41.28
N TYR E 28 58.42 3.29 -41.63
CA TYR E 28 57.95 4.18 -42.71
C TYR E 28 59.01 4.54 -43.73
N VAL E 29 58.58 4.70 -44.99
CA VAL E 29 59.37 5.29 -46.11
C VAL E 29 58.45 6.42 -46.53
N ASP E 30 58.86 7.67 -46.28
CA ASP E 30 58.06 8.87 -46.43
C ASP E 30 56.81 8.68 -45.55
N ASP E 31 55.58 8.78 -46.13
CA ASP E 31 54.31 8.60 -45.42
C ASP E 31 53.68 7.22 -45.64
N THR E 32 54.48 6.27 -46.11
CA THR E 32 54.07 4.89 -46.34
C THR E 32 54.75 3.94 -45.31
N GLN E 33 53.93 3.23 -44.51
CA GLN E 33 54.32 2.20 -43.57
C GLN E 33 54.61 0.91 -44.37
N PHE E 34 55.75 0.25 -44.08
CA PHE E 34 56.17 -0.96 -44.81
C PHE E 34 56.36 -2.15 -43.91
N VAL E 35 56.57 -1.90 -42.61
CA VAL E 35 56.76 -2.94 -41.58
C VAL E 35 56.07 -2.59 -40.27
N ARG E 36 55.75 -3.64 -39.50
CA ARG E 36 55.16 -3.50 -38.16
C ARG E 36 55.58 -4.67 -37.26
N PHE E 37 55.66 -4.42 -35.97
CA PHE E 37 55.84 -5.44 -34.93
C PHE E 37 54.92 -5.04 -33.78
N ASP E 38 54.14 -5.98 -33.26
CA ASP E 38 53.31 -5.76 -32.07
C ASP E 38 53.52 -6.97 -31.17
N SER E 39 54.03 -6.73 -29.94
CA SER E 39 54.28 -7.80 -28.95
C SER E 39 52.99 -8.53 -28.57
N ASP E 40 51.83 -7.87 -28.75
CA ASP E 40 50.50 -8.44 -28.47
C ASP E 40 49.97 -9.33 -29.56
N ALA E 41 50.48 -9.18 -30.77
CA ALA E 41 50.03 -9.95 -31.92
C ALA E 41 50.51 -11.42 -31.88
N ALA E 42 49.83 -12.31 -32.62
CA ALA E 42 50.11 -13.76 -32.59
C ALA E 42 51.41 -14.20 -33.25
N SER E 43 51.88 -13.54 -34.31
CA SER E 43 53.07 -13.99 -35.06
C SER E 43 54.37 -13.92 -34.32
N GLN E 44 54.61 -12.81 -33.60
CA GLN E 44 55.89 -12.55 -32.90
C GLN E 44 57.04 -12.33 -33.94
N ARG E 45 56.65 -11.84 -35.12
CA ARG E 45 57.56 -11.52 -36.21
C ARG E 45 57.36 -10.06 -36.66
N MET E 46 58.37 -9.52 -37.37
CA MET E 46 58.30 -8.26 -38.11
C MET E 46 57.40 -8.62 -39.30
N GLU E 47 56.30 -7.87 -39.48
CA GLU E 47 55.32 -8.19 -40.53
C GLU E 47 55.33 -7.17 -41.68
N PRO E 48 55.12 -7.61 -42.95
CA PRO E 48 55.05 -6.65 -44.06
C PRO E 48 53.74 -5.84 -44.08
N ARG E 49 53.82 -4.54 -44.38
CA ARG E 49 52.66 -3.65 -44.46
C ARG E 49 52.60 -2.89 -45.81
N ALA E 50 53.58 -3.09 -46.67
CA ALA E 50 53.66 -2.49 -48.00
C ALA E 50 53.96 -3.61 -48.99
N PRO E 51 53.42 -3.56 -50.24
CA PRO E 51 53.63 -4.69 -51.17
C PRO E 51 55.05 -4.92 -51.65
N TRP E 52 55.85 -3.83 -51.73
CA TRP E 52 57.24 -3.86 -52.21
C TRP E 52 58.26 -4.41 -51.18
N ILE E 53 57.83 -4.67 -49.97
CA ILE E 53 58.67 -5.23 -48.94
C ILE E 53 58.52 -6.78 -48.96
N GLU E 54 57.39 -7.28 -49.44
CA GLU E 54 57.07 -8.70 -49.54
C GLU E 54 58.11 -9.51 -50.36
N GLN E 55 58.79 -8.86 -51.31
CA GLN E 55 59.80 -9.52 -52.13
C GLN E 55 61.08 -9.84 -51.35
N GLU E 56 61.26 -9.26 -50.12
CA GLU E 56 62.41 -9.53 -49.25
C GLU E 56 62.41 -10.97 -48.76
N GLY E 57 63.56 -11.63 -48.90
CA GLY E 57 63.76 -13.03 -48.57
C GLY E 57 63.62 -13.39 -47.10
N PRO E 58 63.59 -14.70 -46.79
CA PRO E 58 63.44 -15.13 -45.37
C PRO E 58 64.51 -14.66 -44.41
N GLU E 59 65.73 -14.39 -44.89
CA GLU E 59 66.86 -13.95 -44.08
C GLU E 59 66.69 -12.51 -43.62
N TYR E 60 65.91 -11.71 -44.38
CA TYR E 60 65.58 -10.32 -44.09
C TYR E 60 64.61 -10.33 -42.92
N TRP E 61 63.57 -11.16 -43.05
CA TRP E 61 62.48 -11.32 -42.09
C TRP E 61 62.95 -11.89 -40.77
N ASP E 62 63.87 -12.85 -40.83
CA ASP E 62 64.51 -13.48 -39.69
C ASP E 62 65.34 -12.45 -38.94
N GLN E 63 66.19 -11.70 -39.63
CA GLN E 63 67.05 -10.60 -39.13
C GLN E 63 66.22 -9.49 -38.46
N GLU E 64 65.15 -9.06 -39.11
CA GLU E 64 64.29 -7.99 -38.62
C GLU E 64 63.53 -8.35 -37.33
N THR E 65 63.09 -9.61 -37.22
CA THR E 65 62.35 -10.20 -36.08
C THR E 65 63.30 -10.26 -34.89
N ARG E 66 64.43 -10.92 -35.10
CA ARG E 66 65.53 -11.11 -34.14
C ARG E 66 65.93 -9.79 -33.49
N ASN E 67 66.07 -8.75 -34.30
CA ASN E 67 66.53 -7.42 -33.95
C ASN E 67 65.50 -6.57 -33.28
N VAL E 68 64.23 -6.63 -33.74
CA VAL E 68 63.13 -5.87 -33.17
C VAL E 68 62.75 -6.49 -31.83
N LYS E 69 62.95 -7.81 -31.70
CA LYS E 69 62.75 -8.54 -30.43
C LYS E 69 63.81 -8.08 -29.41
N ALA E 70 65.09 -8.01 -29.83
CA ALA E 70 66.22 -7.55 -29.04
C ALA E 70 66.02 -6.10 -28.56
N GLN E 71 65.34 -5.26 -29.36
CA GLN E 71 65.02 -3.89 -29.03
C GLN E 71 63.94 -3.81 -27.94
N SER E 72 62.90 -4.65 -28.06
CA SER E 72 61.79 -4.69 -27.09
C SER E 72 62.30 -5.08 -25.73
N GLN E 73 63.33 -5.91 -25.70
CA GLN E 73 64.00 -6.38 -24.49
C GLN E 73 64.84 -5.28 -23.86
N THR E 74 65.49 -4.45 -24.67
CA THR E 74 66.25 -3.29 -24.21
C THR E 74 65.27 -2.32 -23.52
N ASP E 75 64.10 -2.06 -24.16
CA ASP E 75 63.05 -1.16 -23.75
C ASP E 75 62.36 -1.59 -22.46
N ARG E 76 62.15 -2.92 -22.27
CA ARG E 76 61.62 -3.56 -21.05
C ARG E 76 62.56 -3.29 -19.87
N VAL E 77 63.89 -3.55 -20.03
CA VAL E 77 64.84 -3.25 -18.95
C VAL E 77 64.92 -1.71 -18.73
N ASP E 78 64.72 -0.90 -19.80
CA ASP E 78 64.78 0.57 -19.68
C ASP E 78 63.62 1.16 -18.91
N LEU E 79 62.43 0.53 -19.05
CA LEU E 79 61.21 0.87 -18.33
C LEU E 79 61.54 0.72 -16.83
N GLY E 80 62.20 -0.38 -16.47
CA GLY E 80 62.65 -0.63 -15.11
C GLY E 80 63.72 0.33 -14.62
N THR E 81 64.68 0.67 -15.50
CA THR E 81 65.78 1.60 -15.20
C THR E 81 65.24 3.00 -14.89
N LEU E 82 64.35 3.57 -15.76
CA LEU E 82 63.80 4.91 -15.59
C LEU E 82 62.83 5.01 -14.38
N ARG E 83 62.08 3.93 -14.08
CA ARG E 83 61.25 3.88 -12.88
C ARG E 83 62.16 4.12 -11.64
N GLY E 84 63.33 3.47 -11.66
CA GLY E 84 64.38 3.56 -10.66
C GLY E 84 65.02 4.94 -10.65
N TYR E 85 65.24 5.58 -11.84
CA TYR E 85 65.80 6.93 -11.92
C TYR E 85 64.85 7.99 -11.33
N TYR E 86 63.54 7.87 -11.61
CA TYR E 86 62.51 8.81 -11.23
C TYR E 86 61.80 8.52 -9.91
N ASN E 87 62.10 7.35 -9.29
CA ASN E 87 61.52 6.91 -8.01
C ASN E 87 59.99 6.81 -8.13
N GLN E 88 59.56 6.08 -9.15
CA GLN E 88 58.16 5.85 -9.45
C GLN E 88 57.75 4.50 -8.91
N SER E 89 56.45 4.32 -8.59
CA SER E 89 55.94 3.06 -8.05
C SER E 89 55.90 1.96 -9.11
N GLU E 90 56.09 0.73 -8.66
CA GLU E 90 56.13 -0.49 -9.49
C GLU E 90 54.79 -0.87 -10.06
N ASP E 91 53.73 -0.15 -9.67
CA ASP E 91 52.36 -0.43 -10.06
C ASP E 91 51.80 0.54 -11.13
N GLY E 92 52.54 1.58 -11.45
CA GLY E 92 52.14 2.55 -12.46
C GLY E 92 52.57 2.18 -13.86
N SER E 93 51.85 2.69 -14.85
CA SER E 93 52.08 2.51 -16.28
C SER E 93 52.89 3.71 -16.78
N HIS E 94 53.96 3.40 -17.49
CA HIS E 94 54.95 4.32 -18.02
C HIS E 94 55.27 4.00 -19.47
N THR E 95 55.70 5.00 -20.25
CA THR E 95 55.90 4.79 -21.68
C THR E 95 57.15 5.44 -22.18
N ILE E 96 57.93 4.65 -22.94
CA ILE E 96 59.15 5.04 -23.64
C ILE E 96 58.78 5.09 -25.15
N GLN E 97 59.17 6.16 -25.83
CA GLN E 97 58.97 6.35 -27.27
C GLN E 97 60.31 6.73 -27.90
N ILE E 98 60.68 6.05 -28.99
CA ILE E 98 61.90 6.24 -29.77
C ILE E 98 61.55 6.46 -31.22
N MET E 99 62.16 7.46 -31.84
CA MET E 99 62.03 7.73 -33.26
C MET E 99 63.45 8.00 -33.80
N TYR E 100 63.81 7.28 -34.86
CA TYR E 100 65.06 7.49 -35.57
C TYR E 100 64.85 7.37 -37.10
N GLY E 101 65.73 8.01 -37.87
CA GLY E 101 65.64 7.96 -39.32
C GLY E 101 66.72 8.69 -40.09
N CYS E 102 66.50 8.69 -41.44
CA CYS E 102 67.27 9.10 -42.63
C CYS E 102 66.56 10.00 -43.48
N ASP E 103 67.31 10.87 -44.14
CA ASP E 103 66.81 11.68 -45.23
C ASP E 103 67.84 11.62 -46.35
N VAL E 104 67.37 11.47 -47.57
CA VAL E 104 68.18 11.49 -48.79
C VAL E 104 67.61 12.58 -49.70
N GLY E 105 68.45 13.16 -50.55
CA GLY E 105 67.99 14.18 -51.49
C GLY E 105 67.53 13.57 -52.81
N PRO E 106 67.43 14.41 -53.87
CA PRO E 106 67.03 13.88 -55.20
C PRO E 106 68.13 12.98 -55.82
N ASP E 107 69.41 13.23 -55.44
CA ASP E 107 70.60 12.49 -55.86
C ASP E 107 70.74 11.12 -55.18
N GLY E 108 70.02 10.90 -54.08
CA GLY E 108 70.04 9.67 -53.30
C GLY E 108 71.11 9.67 -52.22
N ARG E 109 71.72 10.84 -51.98
CA ARG E 109 72.77 11.02 -50.97
C ARG E 109 72.22 11.51 -49.61
N PHE E 110 72.81 11.00 -48.51
CA PHE E 110 72.54 11.36 -47.12
C PHE E 110 72.36 12.86 -46.94
N LEU E 111 71.32 13.27 -46.22
CA LEU E 111 71.01 14.68 -45.96
C LEU E 111 71.15 14.95 -44.46
N ARG E 112 70.34 14.22 -43.69
CA ARG E 112 70.20 14.35 -42.23
CA ARG E 112 70.29 14.32 -42.24
C ARG E 112 69.89 12.96 -41.64
N GLY E 113 70.28 12.76 -40.39
CA GLY E 113 70.05 11.59 -39.57
C GLY E 113 69.60 12.09 -38.22
N TYR E 114 68.70 11.35 -37.55
CA TYR E 114 68.13 11.79 -36.27
C TYR E 114 67.77 10.61 -35.38
N ARG E 115 67.79 10.80 -34.05
CA ARG E 115 67.47 9.81 -33.02
C ARG E 115 66.97 10.56 -31.77
N GLN E 116 65.66 10.43 -31.47
CA GLN E 116 64.99 11.09 -30.35
CA GLN E 116 65.00 11.09 -30.33
C GLN E 116 64.25 10.08 -29.46
N ASP E 117 64.40 10.23 -28.11
CA ASP E 117 63.75 9.38 -27.11
C ASP E 117 62.96 10.22 -26.10
N ALA E 118 61.78 9.70 -25.71
CA ALA E 118 60.88 10.29 -24.72
C ALA E 118 60.59 9.32 -23.58
N TYR E 119 60.17 9.88 -22.45
CA TYR E 119 59.69 9.12 -21.31
C TYR E 119 58.48 9.86 -20.80
N ASP E 120 57.34 9.15 -20.86
CA ASP E 120 56.04 9.63 -20.44
C ASP E 120 55.57 10.88 -21.22
N GLY E 121 55.84 10.88 -22.52
CA GLY E 121 55.42 11.94 -23.44
C GLY E 121 56.22 13.22 -23.44
N LYS E 122 57.39 13.19 -22.81
CA LYS E 122 58.34 14.28 -22.64
C LYS E 122 59.66 13.81 -23.15
N ASP E 123 60.44 14.72 -23.69
CA ASP E 123 61.81 14.54 -24.18
C ASP E 123 62.68 13.91 -23.07
N TYR E 124 63.51 12.94 -23.45
CA TYR E 124 64.38 12.25 -22.49
C TYR E 124 65.85 12.54 -22.83
N ILE E 125 66.29 12.07 -24.02
CA ILE E 125 67.62 12.18 -24.61
C ILE E 125 67.49 12.25 -26.16
N ALA E 126 68.29 13.10 -26.83
CA ALA E 126 68.30 13.29 -28.29
C ALA E 126 69.71 13.30 -28.83
N LEU E 127 69.91 12.66 -30.00
CA LEU E 127 71.19 12.71 -30.70
C LEU E 127 71.24 14.13 -31.31
N ASN E 128 72.36 14.83 -31.16
CA ASN E 128 72.49 16.18 -31.69
C ASN E 128 72.62 16.17 -33.21
N GLU E 129 72.44 17.35 -33.88
CA GLU E 129 72.53 17.42 -35.33
C GLU E 129 73.86 16.92 -35.88
N ASP E 130 74.94 17.09 -35.10
CA ASP E 130 76.28 16.64 -35.46
C ASP E 130 76.45 15.11 -35.49
N LEU E 131 75.49 14.34 -34.87
CA LEU E 131 75.50 12.87 -34.75
C LEU E 131 76.71 12.42 -33.92
N ARG E 132 77.21 13.31 -33.04
CA ARG E 132 78.42 13.07 -32.24
C ARG E 132 78.21 13.25 -30.74
N SER E 133 77.08 13.85 -30.34
CA SER E 133 76.77 14.13 -28.94
C SER E 133 75.27 14.02 -28.66
N TRP E 134 74.92 13.99 -27.36
CA TRP E 134 73.58 13.83 -26.87
C TRP E 134 73.13 15.03 -26.07
N THR E 135 71.81 15.29 -26.12
CA THR E 135 71.17 16.31 -25.31
C THR E 135 70.19 15.60 -24.38
N ALA E 136 70.54 15.59 -23.08
CA ALA E 136 69.82 15.05 -21.94
C ALA E 136 68.80 16.11 -21.47
N ALA E 137 67.49 15.75 -21.37
CA ALA E 137 66.45 16.70 -20.95
C ALA E 137 66.33 16.97 -19.42
N ASP E 138 66.90 16.10 -18.57
CA ASP E 138 66.90 16.24 -17.10
C ASP E 138 68.14 15.62 -16.45
N MET E 139 68.18 15.57 -15.11
CA MET E 139 69.22 14.97 -14.27
C MET E 139 69.26 13.43 -14.47
N ALA E 140 68.10 12.82 -14.80
CA ALA E 140 67.95 11.38 -15.06
C ALA E 140 68.50 11.00 -16.44
N ALA E 141 68.12 11.76 -17.47
CA ALA E 141 68.58 11.58 -18.84
C ALA E 141 70.11 11.76 -18.94
N GLN E 142 70.70 12.49 -17.95
CA GLN E 142 72.12 12.76 -17.81
C GLN E 142 72.89 11.50 -17.40
N ILE E 143 72.27 10.56 -16.67
CA ILE E 143 72.88 9.25 -16.31
C ILE E 143 73.06 8.41 -17.60
N THR E 144 72.01 8.40 -18.45
CA THR E 144 71.96 7.72 -19.75
C THR E 144 73.03 8.31 -20.69
N LYS E 145 73.11 9.66 -20.76
CA LYS E 145 74.03 10.41 -21.59
C LYS E 145 75.46 9.96 -21.31
N ARG E 146 75.84 9.91 -20.02
CA ARG E 146 77.14 9.47 -19.55
C ARG E 146 77.44 8.03 -19.88
N LYS E 147 76.41 7.14 -19.82
CA LYS E 147 76.52 5.69 -20.16
C LYS E 147 76.86 5.56 -21.63
N TRP E 148 76.08 6.28 -22.46
CA TRP E 148 76.16 6.33 -23.92
C TRP E 148 77.42 6.96 -24.44
N GLU E 149 77.94 7.96 -23.73
CA GLU E 149 79.21 8.59 -24.08
C GLU E 149 80.35 7.58 -23.93
N ALA E 150 80.37 6.91 -22.78
CA ALA E 150 81.32 5.84 -22.40
C ALA E 150 81.24 4.60 -23.29
N ALA E 151 80.05 4.28 -23.80
CA ALA E 151 79.77 3.11 -24.65
C ALA E 151 79.93 3.38 -26.15
N HIS E 152 80.14 4.66 -26.52
CA HIS E 152 80.32 5.18 -27.90
C HIS E 152 79.05 4.99 -28.76
N ALA E 153 77.89 5.23 -28.16
CA ALA E 153 76.56 5.10 -28.80
C ALA E 153 76.34 6.01 -30.00
N ALA E 154 76.92 7.23 -29.99
CA ALA E 154 76.81 8.21 -31.08
C ALA E 154 77.55 7.72 -32.33
N GLU E 155 78.76 7.13 -32.18
CA GLU E 155 79.55 6.49 -33.24
C GLU E 155 78.73 5.36 -33.93
N GLN E 156 78.02 4.51 -33.12
CA GLN E 156 77.15 3.39 -33.51
C GLN E 156 75.90 3.86 -34.28
N GLN E 157 75.32 4.98 -33.82
CA GLN E 157 74.14 5.63 -34.38
C GLN E 157 74.45 6.29 -35.72
N ARG E 158 75.54 7.09 -35.75
CA ARG E 158 76.05 7.79 -36.94
C ARG E 158 76.42 6.81 -38.03
N ALA E 159 77.09 5.69 -37.68
CA ALA E 159 77.49 4.67 -38.65
C ALA E 159 76.28 4.07 -39.35
N TYR E 160 75.17 3.94 -38.62
CA TYR E 160 73.92 3.39 -39.11
C TYR E 160 73.19 4.37 -40.02
N LEU E 161 72.95 5.58 -39.53
CA LEU E 161 72.24 6.68 -40.20
C LEU E 161 72.88 7.14 -41.50
N GLU E 162 74.22 7.23 -41.52
CA GLU E 162 75.03 7.65 -42.67
C GLU E 162 75.38 6.51 -43.63
N GLY E 163 75.22 5.27 -43.17
CA GLY E 163 75.56 4.09 -43.94
C GLY E 163 74.37 3.20 -44.22
N ARG E 164 74.16 2.19 -43.38
CA ARG E 164 73.12 1.17 -43.49
C ARG E 164 71.70 1.71 -43.76
N CYS E 165 71.26 2.76 -43.04
CA CYS E 165 69.96 3.40 -43.16
C CYS E 165 69.73 3.98 -44.57
N VAL E 166 70.71 4.77 -45.12
CA VAL E 166 70.61 5.35 -46.45
C VAL E 166 70.66 4.25 -47.52
N GLU E 167 71.56 3.23 -47.38
CA GLU E 167 71.64 2.07 -48.30
C GLU E 167 70.32 1.30 -48.36
N TRP E 168 69.61 1.12 -47.20
CA TRP E 168 68.30 0.42 -47.15
C TRP E 168 67.18 1.24 -47.77
N LEU E 169 67.08 2.53 -47.43
CA LEU E 169 66.12 3.51 -47.97
C LEU E 169 66.19 3.49 -49.52
N ARG E 170 67.42 3.55 -50.07
CA ARG E 170 67.72 3.55 -51.51
C ARG E 170 67.21 2.30 -52.18
N ARG E 171 67.34 1.13 -51.52
CA ARG E 171 66.84 -0.17 -51.98
C ARG E 171 65.28 -0.14 -52.01
N TYR E 172 64.65 0.35 -50.91
CA TYR E 172 63.21 0.43 -50.76
C TYR E 172 62.57 1.31 -51.82
N LEU E 173 63.18 2.50 -52.11
CA LEU E 173 62.74 3.47 -53.11
C LEU E 173 62.79 2.92 -54.50
N GLU E 174 63.80 2.09 -54.80
CA GLU E 174 63.98 1.46 -56.08
C GLU E 174 62.97 0.34 -56.29
N ASN E 175 62.78 -0.54 -55.26
CA ASN E 175 61.82 -1.65 -55.30
C ASN E 175 60.36 -1.17 -55.31
N GLY E 176 60.08 -0.12 -54.53
CA GLY E 176 58.78 0.53 -54.41
C GLY E 176 58.52 1.70 -55.34
N LYS E 177 59.42 1.99 -56.30
CA LYS E 177 59.39 3.03 -57.33
C LYS E 177 58.01 3.48 -57.81
N GLU E 178 57.19 2.51 -58.23
CA GLU E 178 55.86 2.69 -58.82
C GLU E 178 54.84 3.32 -57.89
N THR E 179 55.11 3.31 -56.56
CA THR E 179 54.24 3.84 -55.52
C THR E 179 54.95 4.88 -54.64
N LEU E 180 56.18 4.58 -54.18
CA LEU E 180 56.98 5.46 -53.33
C LEU E 180 57.41 6.74 -54.03
N GLN E 181 57.89 6.61 -55.29
CA GLN E 181 58.39 7.68 -56.12
C GLN E 181 57.31 8.34 -56.99
N ARG E 182 56.02 8.16 -56.62
CA ARG E 182 54.87 8.77 -57.30
CA ARG E 182 54.95 8.86 -57.33
C ARG E 182 54.20 9.79 -56.35
N THR E 183 53.45 10.73 -56.89
CA THR E 183 52.69 11.69 -56.12
C THR E 183 51.30 11.52 -56.66
N ASP E 184 50.33 11.60 -55.78
CA ASP E 184 48.93 11.52 -56.11
C ASP E 184 48.40 12.91 -55.84
N PRO E 185 47.90 13.63 -56.87
CA PRO E 185 47.41 14.98 -56.63
C PRO E 185 46.05 14.94 -55.94
N PRO E 186 45.64 16.01 -55.22
CA PRO E 186 44.32 15.99 -54.58
C PRO E 186 43.15 16.08 -55.58
N LYS E 187 42.07 15.34 -55.28
CA LYS E 187 40.83 15.34 -56.02
C LYS E 187 39.96 16.36 -55.28
N THR E 188 40.03 17.59 -55.74
CA THR E 188 39.36 18.72 -55.10
C THR E 188 37.94 18.96 -55.57
N HIS E 189 37.09 19.38 -54.63
CA HIS E 189 35.71 19.79 -54.85
C HIS E 189 35.23 20.74 -53.73
N MET E 190 34.16 21.46 -54.03
CA MET E 190 33.59 22.44 -53.15
C MET E 190 32.15 22.08 -52.79
N THR E 191 31.76 22.40 -51.55
CA THR E 191 30.40 22.13 -51.08
C THR E 191 29.82 23.38 -50.36
N HIS E 192 28.52 23.65 -50.60
CA HIS E 192 27.77 24.77 -50.03
C HIS E 192 26.82 24.28 -48.94
N HIS E 193 26.91 24.88 -47.73
CA HIS E 193 26.09 24.51 -46.57
C HIS E 193 25.51 25.74 -45.88
N PRO E 194 24.31 26.22 -46.32
CA PRO E 194 23.76 27.44 -45.70
C PRO E 194 23.40 27.36 -44.21
N ILE E 195 23.57 28.51 -43.50
CA ILE E 195 23.25 28.72 -42.09
C ILE E 195 22.18 29.83 -42.07
N SER E 196 20.89 29.44 -42.01
CA SER E 196 19.71 30.32 -42.07
C SER E 196 19.62 31.08 -43.40
N ASP E 197 19.49 32.42 -43.35
CA ASP E 197 19.34 33.28 -44.55
C ASP E 197 20.43 34.38 -44.64
N HIS E 198 21.22 34.57 -43.57
CA HIS E 198 22.28 35.58 -43.50
C HIS E 198 23.64 35.01 -43.93
N GLU E 199 23.98 33.81 -43.43
CA GLU E 199 25.27 33.18 -43.71
C GLU E 199 25.16 31.83 -44.44
N ALA E 200 26.33 31.25 -44.81
CA ALA E 200 26.50 29.97 -45.51
C ALA E 200 27.94 29.45 -45.36
N THR E 201 28.13 28.13 -45.34
CA THR E 201 29.48 27.54 -45.26
C THR E 201 29.96 27.12 -46.64
N LEU E 202 31.20 27.49 -46.97
CA LEU E 202 31.87 27.13 -48.21
C LEU E 202 33.05 26.23 -47.78
N ARG E 203 32.92 24.89 -48.02
CA ARG E 203 33.93 23.88 -47.68
C ARG E 203 34.68 23.37 -48.90
N CYS E 204 36.00 23.53 -48.87
CA CYS E 204 36.89 23.07 -49.94
C CYS E 204 37.55 21.76 -49.51
N TRP E 205 37.40 20.70 -50.33
CA TRP E 205 37.91 19.36 -50.05
C TRP E 205 39.06 18.96 -50.94
N ALA E 206 40.05 18.26 -50.35
CA ALA E 206 41.21 17.66 -51.02
C ALA E 206 41.21 16.21 -50.55
N LEU E 207 40.91 15.28 -51.45
CA LEU E 207 40.84 13.83 -51.17
C LEU E 207 41.80 13.09 -52.08
N GLY E 208 42.24 11.93 -51.63
CA GLY E 208 43.11 11.04 -52.41
C GLY E 208 44.52 11.50 -52.70
N PHE E 209 45.08 12.39 -51.85
CA PHE E 209 46.42 12.87 -52.14
C PHE E 209 47.54 12.10 -51.39
N TYR E 210 48.71 12.01 -52.05
CA TYR E 210 49.96 11.45 -51.56
C TYR E 210 51.13 12.30 -52.10
N PRO E 211 52.07 12.78 -51.25
CA PRO E 211 52.20 12.61 -49.78
C PRO E 211 51.18 13.44 -49.02
N ALA E 212 51.21 13.38 -47.69
CA ALA E 212 50.30 14.10 -46.79
C ALA E 212 50.46 15.61 -46.80
N GLU E 213 51.66 16.13 -47.13
CA GLU E 213 51.87 17.59 -47.13
C GLU E 213 50.96 18.27 -48.13
N ILE E 214 50.11 19.16 -47.64
CA ILE E 214 49.14 19.96 -48.40
C ILE E 214 48.90 21.29 -47.67
N THR E 215 48.59 22.33 -48.44
CA THR E 215 48.22 23.65 -47.94
C THR E 215 46.94 24.05 -48.59
N LEU E 216 45.89 24.25 -47.78
CA LEU E 216 44.59 24.74 -48.24
C LEU E 216 44.45 26.16 -47.66
N THR E 217 44.23 27.15 -48.53
CA THR E 217 44.13 28.56 -48.13
C THR E 217 42.91 29.23 -48.75
N TRP E 218 42.10 29.94 -47.95
CA TRP E 218 40.95 30.69 -48.46
C TRP E 218 41.36 32.12 -48.73
N GLN E 219 40.69 32.74 -49.70
CA GLN E 219 40.92 34.12 -50.11
C GLN E 219 39.60 34.77 -50.49
N ARG E 220 39.51 36.09 -50.28
CA ARG E 220 38.36 36.91 -50.63
C ARG E 220 38.89 38.13 -51.38
N ASP E 221 38.51 38.27 -52.66
CA ASP E 221 38.97 39.33 -53.55
C ASP E 221 40.52 39.41 -53.63
N GLY E 222 41.15 38.22 -53.67
CA GLY E 222 42.60 38.04 -53.75
C GLY E 222 43.34 38.02 -52.43
N GLU E 223 42.76 38.68 -51.39
CA GLU E 223 43.31 38.82 -50.03
C GLU E 223 43.17 37.54 -49.21
N ASP E 224 44.27 37.10 -48.56
CA ASP E 224 44.29 35.92 -47.68
C ASP E 224 43.38 36.14 -46.48
N GLN E 225 42.47 35.18 -46.24
CA GLN E 225 41.49 35.23 -45.16
C GLN E 225 41.66 34.02 -44.27
N THR E 226 42.13 34.20 -43.03
CA THR E 226 42.32 33.12 -42.04
C THR E 226 41.46 33.30 -40.78
N GLN E 227 41.10 34.56 -40.47
CA GLN E 227 40.31 35.00 -39.31
C GLN E 227 39.14 34.08 -38.92
N ASP E 228 38.37 33.59 -39.92
CA ASP E 228 37.24 32.71 -39.65
C ASP E 228 37.18 31.49 -40.61
N THR E 229 38.37 30.93 -40.93
CA THR E 229 38.49 29.73 -41.72
C THR E 229 38.75 28.58 -40.79
N GLU E 230 37.95 27.53 -40.93
CA GLU E 230 38.03 26.31 -40.14
C GLU E 230 38.85 25.30 -40.95
N LEU E 231 39.84 24.69 -40.33
CA LEU E 231 40.73 23.76 -41.03
C LEU E 231 40.89 22.48 -40.19
N VAL E 232 40.55 21.30 -40.80
CA VAL E 232 40.70 20.00 -40.13
C VAL E 232 42.12 19.50 -40.29
N GLU E 233 42.56 18.70 -39.33
CA GLU E 233 43.85 18.02 -39.35
C GLU E 233 43.78 17.00 -40.50
N THR E 234 44.89 16.83 -41.24
CA THR E 234 45.03 15.86 -42.35
C THR E 234 44.80 14.48 -41.77
N ARG E 235 43.92 13.73 -42.40
CA ARG E 235 43.58 12.42 -41.88
C ARG E 235 43.83 11.32 -42.92
N PRO E 236 44.19 10.10 -42.50
CA PRO E 236 44.39 9.01 -43.50
C PRO E 236 43.05 8.49 -44.08
N ALA E 237 42.99 8.21 -45.39
CA ALA E 237 41.77 7.68 -46.02
C ALA E 237 41.63 6.17 -45.75
N GLY E 238 42.76 5.53 -45.42
CA GLY E 238 42.82 4.09 -45.15
C GLY E 238 43.43 3.26 -46.26
N ASP E 239 43.57 3.83 -47.47
CA ASP E 239 44.12 3.16 -48.66
C ASP E 239 45.52 3.65 -49.03
N GLY E 240 46.14 4.40 -48.14
CA GLY E 240 47.48 4.98 -48.33
C GLY E 240 47.48 6.45 -48.71
N THR E 241 46.28 7.01 -48.92
CA THR E 241 46.12 8.43 -49.26
C THR E 241 45.59 9.25 -48.08
N PHE E 242 45.55 10.58 -48.27
CA PHE E 242 45.15 11.53 -47.24
C PHE E 242 43.97 12.39 -47.68
N GLN E 243 43.29 13.02 -46.71
CA GLN E 243 42.15 13.91 -46.94
C GLN E 243 42.30 15.13 -46.06
N LYS E 244 41.74 16.26 -46.50
CA LYS E 244 41.73 17.51 -45.73
C LYS E 244 40.69 18.43 -46.28
N TRP E 245 40.13 19.25 -45.40
CA TRP E 245 39.19 20.27 -45.83
C TRP E 245 39.43 21.58 -45.09
N ALA E 246 39.03 22.69 -45.74
CA ALA E 246 39.10 24.06 -45.23
C ALA E 246 37.72 24.65 -45.49
N ALA E 247 37.08 25.19 -44.46
CA ALA E 247 35.74 25.77 -44.57
C ALA E 247 35.77 27.25 -44.16
N VAL E 248 34.86 28.07 -44.74
CA VAL E 248 34.72 29.48 -44.40
C VAL E 248 33.24 29.87 -44.40
N VAL E 249 32.84 30.73 -43.44
CA VAL E 249 31.46 31.22 -43.35
C VAL E 249 31.39 32.51 -44.19
N VAL E 250 30.60 32.47 -45.27
CA VAL E 250 30.48 33.53 -46.26
C VAL E 250 29.10 34.24 -46.22
N PRO E 251 29.01 35.54 -46.56
CA PRO E 251 27.70 36.21 -46.56
C PRO E 251 26.84 35.74 -47.75
N SER E 252 25.50 35.60 -47.52
CA SER E 252 24.52 35.12 -48.51
C SER E 252 24.45 35.98 -49.76
N GLY E 253 25.19 35.53 -50.79
CA GLY E 253 25.31 36.17 -52.09
C GLY E 253 26.71 36.64 -52.43
N GLU E 254 27.69 36.29 -51.57
CA GLU E 254 29.11 36.64 -51.73
C GLU E 254 30.02 35.41 -51.93
N GLU E 255 29.41 34.25 -52.27
CA GLU E 255 30.07 32.94 -52.52
C GLU E 255 31.09 32.98 -53.70
N GLN E 256 30.83 33.82 -54.71
CA GLN E 256 31.68 33.99 -55.90
C GLN E 256 32.90 34.91 -55.63
N ARG E 257 32.89 35.65 -54.49
CA ARG E 257 33.96 36.56 -54.07
C ARG E 257 35.09 35.82 -53.33
N TYR E 258 34.85 34.53 -53.00
CA TYR E 258 35.77 33.65 -52.28
C TYR E 258 36.42 32.61 -53.19
N THR E 259 37.72 32.35 -52.95
CA THR E 259 38.51 31.38 -53.68
C THR E 259 39.38 30.52 -52.77
N CYS E 260 39.45 29.21 -53.04
CA CYS E 260 40.30 28.33 -52.27
C CYS E 260 41.52 27.90 -53.06
N HIS E 261 42.69 27.97 -52.43
CA HIS E 261 43.99 27.67 -53.00
C HIS E 261 44.61 26.41 -52.46
N VAL E 262 44.84 25.45 -53.38
CA VAL E 262 45.39 24.13 -53.07
C VAL E 262 46.86 24.01 -53.54
N GLN E 263 47.78 23.75 -52.58
CA GLN E 263 49.21 23.56 -52.84
C GLN E 263 49.57 22.12 -52.47
N HIS E 264 50.06 21.36 -53.45
CA HIS E 264 50.47 19.97 -53.31
C HIS E 264 51.57 19.66 -54.32
N GLU E 265 52.52 18.77 -53.97
CA GLU E 265 53.60 18.43 -54.89
C GLU E 265 53.12 17.55 -56.08
N GLY E 266 51.90 17.03 -55.99
CA GLY E 266 51.25 16.27 -57.05
C GLY E 266 50.71 17.14 -58.16
N LEU E 267 50.33 18.39 -57.85
CA LEU E 267 49.80 19.34 -58.83
C LEU E 267 50.91 20.27 -59.39
N PRO E 268 51.02 20.38 -60.75
CA PRO E 268 52.10 21.22 -61.35
C PRO E 268 52.00 22.70 -60.99
N LYS E 269 50.80 23.27 -61.15
CA LYS E 269 50.49 24.65 -60.78
C LYS E 269 49.45 24.59 -59.63
N PRO E 270 49.51 25.49 -58.62
CA PRO E 270 48.48 25.47 -57.55
C PRO E 270 47.06 25.67 -58.07
N LEU E 271 46.08 24.96 -57.48
CA LEU E 271 44.67 25.03 -57.86
C LEU E 271 43.96 26.18 -57.18
N THR E 272 42.92 26.71 -57.86
CA THR E 272 42.07 27.78 -57.35
C THR E 272 40.61 27.41 -57.62
N LEU E 273 39.88 27.08 -56.54
CA LEU E 273 38.48 26.66 -56.55
C LEU E 273 37.53 27.80 -56.16
N ARG E 274 36.42 27.93 -56.92
CA ARG E 274 35.35 28.92 -56.69
C ARG E 274 34.01 28.20 -56.72
N TRP E 275 32.98 28.78 -56.08
CA TRP E 275 31.67 28.15 -56.09
C TRP E 275 30.90 28.44 -57.39
N GLU E 276 30.56 27.35 -58.11
CA GLU E 276 29.85 27.37 -59.40
C GLU E 276 28.45 26.73 -59.33
N ILE F 2 52.52 12.77 -18.50
CA ILE F 2 51.77 13.76 -19.29
C ILE F 2 50.45 13.16 -19.82
N GLN F 3 49.37 13.99 -19.85
CA GLN F 3 48.01 13.57 -20.25
C GLN F 3 47.36 14.50 -21.26
N ARG F 4 47.16 13.98 -22.50
CA ARG F 4 46.56 14.71 -23.61
CA ARG F 4 46.57 14.71 -23.62
C ARG F 4 45.26 14.05 -24.09
N THR F 5 44.19 14.84 -24.26
CA THR F 5 42.87 14.37 -24.69
C THR F 5 42.84 13.99 -26.17
N PRO F 6 42.22 12.85 -26.56
CA PRO F 6 42.15 12.54 -28.01
C PRO F 6 41.28 13.50 -28.85
N LYS F 7 41.69 13.70 -30.12
CA LYS F 7 40.96 14.47 -31.12
C LYS F 7 40.25 13.42 -31.96
N ILE F 8 38.95 13.56 -32.20
CA ILE F 8 38.18 12.55 -32.94
C ILE F 8 37.62 13.11 -34.27
N GLN F 9 37.80 12.34 -35.37
CA GLN F 9 37.30 12.59 -36.71
C GLN F 9 36.61 11.31 -37.20
N VAL F 10 35.29 11.41 -37.50
CA VAL F 10 34.45 10.32 -38.02
C VAL F 10 34.11 10.66 -39.45
N TYR F 11 34.67 9.87 -40.37
CA TYR F 11 34.55 10.11 -41.82
C TYR F 11 34.57 8.82 -42.63
N SER F 12 34.39 8.93 -43.95
CA SER F 12 34.40 7.80 -44.89
C SER F 12 35.57 7.93 -45.85
N ARG F 13 36.10 6.76 -46.29
CA ARG F 13 37.22 6.67 -47.23
C ARG F 13 36.98 7.44 -48.53
N HIS F 14 35.77 7.26 -49.12
CA HIS F 14 35.29 7.83 -50.38
C HIS F 14 34.03 8.63 -50.10
N PRO F 15 33.66 9.65 -50.91
CA PRO F 15 32.40 10.36 -50.66
C PRO F 15 31.20 9.41 -50.66
N ALA F 16 30.36 9.51 -49.62
CA ALA F 16 29.20 8.64 -49.40
C ALA F 16 28.16 8.71 -50.50
N GLU F 17 27.80 7.51 -50.99
CA GLU F 17 26.79 7.22 -52.00
C GLU F 17 25.92 6.15 -51.35
N ASN F 18 24.61 6.46 -51.18
CA ASN F 18 23.65 5.57 -50.52
C ASN F 18 23.51 4.22 -51.21
N GLY F 19 23.79 3.14 -50.46
CA GLY F 19 23.73 1.77 -50.98
C GLY F 19 24.99 1.29 -51.67
N LYS F 20 26.06 2.12 -51.63
CA LYS F 20 27.37 1.79 -52.22
C LYS F 20 28.35 1.50 -51.09
N SER F 21 29.10 0.39 -51.21
CA SER F 21 30.09 -0.02 -50.20
C SER F 21 31.20 1.00 -50.05
N ASN F 22 31.60 1.23 -48.79
CA ASN F 22 32.63 2.19 -48.43
C ASN F 22 33.39 1.69 -47.18
N PHE F 23 34.11 2.60 -46.50
CA PHE F 23 34.84 2.37 -45.25
C PHE F 23 34.58 3.53 -44.27
N LEU F 24 34.13 3.19 -43.05
CA LEU F 24 33.89 4.14 -41.95
C LEU F 24 35.17 4.22 -41.11
N ASN F 25 35.76 5.43 -41.03
CA ASN F 25 37.01 5.74 -40.34
C ASN F 25 36.81 6.58 -39.09
N CYS F 26 37.55 6.23 -38.02
CA CYS F 26 37.64 7.00 -36.80
C CYS F 26 39.11 7.29 -36.55
N TYR F 27 39.49 8.55 -36.72
CA TYR F 27 40.86 8.97 -36.53
C TYR F 27 40.99 9.72 -35.21
N VAL F 28 41.68 9.07 -34.27
CA VAL F 28 41.97 9.50 -32.91
C VAL F 28 43.43 9.93 -32.92
N SER F 29 43.69 11.20 -32.57
CA SER F 29 45.02 11.78 -32.60
C SER F 29 45.28 12.74 -31.44
N GLY F 30 46.56 13.03 -31.19
CA GLY F 30 47.00 13.97 -30.17
C GLY F 30 46.74 13.57 -28.74
N PHE F 31 46.63 12.24 -28.48
CA PHE F 31 46.42 11.72 -27.13
C PHE F 31 47.68 11.13 -26.47
N HIS F 32 47.66 11.13 -25.16
CA HIS F 32 48.67 10.58 -24.28
C HIS F 32 48.03 10.34 -22.91
N PRO F 33 48.11 9.13 -22.33
CA PRO F 33 48.86 7.93 -22.76
C PRO F 33 48.21 7.20 -23.94
N SER F 34 48.85 6.14 -24.42
CA SER F 34 48.39 5.35 -25.59
C SER F 34 47.18 4.47 -25.34
N ASP F 35 46.86 4.17 -24.08
CA ASP F 35 45.74 3.28 -23.73
C ASP F 35 44.41 3.97 -24.01
N ILE F 36 43.68 3.41 -24.98
CA ILE F 36 42.43 3.96 -25.53
C ILE F 36 41.48 2.84 -25.96
N GLU F 37 40.18 3.13 -25.93
CA GLU F 37 39.13 2.22 -26.34
C GLU F 37 38.37 2.90 -27.44
N VAL F 38 38.24 2.24 -28.59
CA VAL F 38 37.52 2.84 -29.69
C VAL F 38 36.56 1.82 -30.27
N ASP F 39 35.27 2.18 -30.28
CA ASP F 39 34.20 1.36 -30.83
C ASP F 39 33.44 2.11 -31.90
N LEU F 40 33.16 1.42 -33.01
CA LEU F 40 32.37 1.98 -34.10
C LEU F 40 30.97 1.44 -33.94
N LEU F 41 29.95 2.32 -33.98
CA LEU F 41 28.56 1.90 -33.75
C LEU F 41 27.64 2.15 -34.94
N LYS F 42 26.68 1.22 -35.14
CA LYS F 42 25.64 1.28 -36.17
C LYS F 42 24.35 1.23 -35.40
N ASN F 43 23.65 2.39 -35.37
CA ASN F 43 22.40 2.63 -34.64
C ASN F 43 22.56 2.31 -33.13
N GLY F 44 23.70 2.78 -32.58
CA GLY F 44 24.08 2.63 -31.17
C GLY F 44 24.62 1.26 -30.80
N GLU F 45 24.62 0.31 -31.75
CA GLU F 45 25.10 -1.05 -31.55
C GLU F 45 26.50 -1.21 -32.10
N ARG F 46 27.42 -1.77 -31.28
CA ARG F 46 28.83 -2.02 -31.58
C ARG F 46 29.05 -2.88 -32.84
N ILE F 47 29.85 -2.37 -33.80
CA ILE F 47 30.20 -3.08 -35.03
C ILE F 47 31.24 -4.13 -34.64
N GLU F 48 30.95 -5.40 -34.98
CA GLU F 48 31.75 -6.56 -34.58
C GLU F 48 33.20 -6.62 -35.12
N LYS F 49 33.44 -6.47 -36.44
CA LYS F 49 34.82 -6.61 -36.95
C LYS F 49 35.47 -5.29 -37.42
N VAL F 50 35.90 -4.46 -36.44
CA VAL F 50 36.55 -3.15 -36.61
C VAL F 50 38.06 -3.35 -36.51
N GLU F 51 38.77 -2.96 -37.56
CA GLU F 51 40.23 -3.06 -37.62
C GLU F 51 40.91 -1.72 -37.25
N HIS F 52 42.15 -1.79 -36.80
CA HIS F 52 42.87 -0.56 -36.48
C HIS F 52 44.29 -0.58 -36.99
N SER F 53 44.87 0.61 -37.15
CA SER F 53 46.24 0.82 -37.60
C SER F 53 47.23 0.49 -36.46
N ASP F 54 48.53 0.49 -36.79
CA ASP F 54 49.60 0.29 -35.83
C ASP F 54 49.93 1.62 -35.20
N LEU F 55 50.06 1.64 -33.88
CA LEU F 55 50.31 2.84 -33.09
C LEU F 55 51.55 3.65 -33.54
N SER F 56 51.32 4.94 -33.79
CA SER F 56 52.40 5.85 -34.13
C SER F 56 52.22 7.14 -33.35
N PHE F 57 53.16 8.06 -33.47
CA PHE F 57 53.10 9.32 -32.74
C PHE F 57 53.62 10.49 -33.58
N SER F 58 53.33 11.70 -33.09
CA SER F 58 53.65 12.98 -33.72
C SER F 58 54.88 13.59 -33.05
N LYS F 59 55.32 14.79 -33.57
CA LYS F 59 56.48 15.56 -33.08
C LYS F 59 56.40 15.96 -31.62
N ASP F 60 55.18 16.08 -31.06
CA ASP F 60 54.92 16.39 -29.64
C ASP F 60 54.84 15.11 -28.76
N TRP F 61 55.08 13.91 -29.39
CA TRP F 61 55.06 12.56 -28.81
C TRP F 61 53.63 12.01 -28.63
N SER F 62 52.63 12.79 -29.00
CA SER F 62 51.26 12.34 -28.83
C SER F 62 50.89 11.34 -29.92
N PHE F 63 50.06 10.36 -29.57
CA PHE F 63 49.68 9.27 -30.47
C PHE F 63 48.52 9.51 -31.39
N TYR F 64 48.47 8.70 -32.44
CA TYR F 64 47.41 8.65 -33.42
C TYR F 64 47.20 7.20 -33.84
N LEU F 65 45.94 6.92 -34.25
CA LEU F 65 45.47 5.60 -34.63
C LEU F 65 44.23 5.77 -35.52
N LEU F 66 44.07 4.86 -36.49
CA LEU F 66 42.92 4.83 -37.37
C LEU F 66 42.19 3.51 -37.10
N TYR F 67 40.88 3.62 -36.83
CA TYR F 67 39.97 2.51 -36.63
C TYR F 67 39.03 2.59 -37.82
N TYR F 68 38.88 1.47 -38.53
CA TYR F 68 38.09 1.38 -39.74
C TYR F 68 37.27 0.10 -39.87
N THR F 69 36.17 0.21 -40.61
CA THR F 69 35.27 -0.90 -40.93
C THR F 69 34.61 -0.67 -42.26
N GLU F 70 34.40 -1.74 -43.00
CA GLU F 70 33.71 -1.78 -44.29
C GLU F 70 32.22 -1.58 -43.94
N PHE F 71 31.57 -0.58 -44.56
CA PHE F 71 30.17 -0.24 -44.30
C PHE F 71 29.46 0.20 -45.56
N THR F 72 28.12 0.16 -45.53
CA THR F 72 27.30 0.59 -46.67
C THR F 72 26.38 1.70 -46.18
N PRO F 73 26.75 2.97 -46.44
CA PRO F 73 25.89 4.07 -45.95
C PRO F 73 24.49 4.09 -46.58
N THR F 74 23.48 4.10 -45.72
CA THR F 74 22.10 4.21 -46.16
C THR F 74 21.62 5.58 -45.68
N GLU F 75 20.44 5.97 -46.13
CA GLU F 75 19.85 7.27 -45.83
C GLU F 75 19.47 7.46 -44.35
N LYS F 76 18.93 6.41 -43.72
CA LYS F 76 18.44 6.42 -42.35
C LYS F 76 19.44 5.92 -41.26
N ASP F 77 20.28 4.92 -41.58
CA ASP F 77 21.27 4.34 -40.64
C ASP F 77 22.23 5.38 -40.05
N GLU F 78 22.34 5.37 -38.71
CA GLU F 78 23.20 6.28 -37.95
C GLU F 78 24.50 5.63 -37.50
N TYR F 79 25.62 6.29 -37.84
CA TYR F 79 26.94 5.81 -37.49
C TYR F 79 27.64 6.74 -36.52
N ALA F 80 28.42 6.19 -35.58
CA ALA F 80 29.17 6.97 -34.58
C ALA F 80 30.42 6.27 -34.11
N CYS F 81 31.27 7.01 -33.39
CA CYS F 81 32.51 6.54 -32.75
C CYS F 81 32.31 6.69 -31.25
N ARG F 82 32.68 5.69 -30.45
CA ARG F 82 32.64 5.77 -28.99
C ARG F 82 34.09 5.59 -28.51
N VAL F 83 34.65 6.66 -27.95
CA VAL F 83 36.05 6.68 -27.48
C VAL F 83 36.14 6.81 -25.93
N ASN F 84 37.02 6.02 -25.30
CA ASN F 84 37.33 6.11 -23.88
C ASN F 84 38.85 6.19 -23.65
N HIS F 85 39.25 7.03 -22.70
CA HIS F 85 40.64 7.37 -22.41
C HIS F 85 40.66 7.96 -20.99
N VAL F 86 41.74 7.76 -20.20
CA VAL F 86 41.93 8.23 -18.80
C VAL F 86 41.44 9.71 -18.57
N THR F 87 41.63 10.48 -19.60
CA THR F 87 41.39 11.89 -19.80
C THR F 87 39.88 12.24 -19.78
N LEU F 88 39.00 11.24 -20.03
CA LEU F 88 37.53 11.42 -20.13
C LEU F 88 36.73 10.92 -18.93
N SER F 89 35.79 11.75 -18.43
CA SER F 89 34.85 11.45 -17.32
C SER F 89 33.91 10.32 -17.74
N GLN F 90 33.46 10.37 -18.99
CA GLN F 90 32.58 9.39 -19.57
C GLN F 90 33.05 9.16 -21.02
N PRO F 91 32.84 7.96 -21.63
CA PRO F 91 33.23 7.80 -23.04
C PRO F 91 32.54 8.84 -23.93
N LYS F 92 33.27 9.33 -24.95
CA LYS F 92 32.80 10.34 -25.89
C LYS F 92 32.23 9.71 -27.14
N ILE F 93 30.99 10.09 -27.49
CA ILE F 93 30.33 9.66 -28.73
C ILE F 93 30.36 10.84 -29.73
N VAL F 94 30.99 10.61 -30.91
CA VAL F 94 31.06 11.55 -32.03
C VAL F 94 30.29 10.86 -33.16
N LYS F 95 29.23 11.51 -33.69
CA LYS F 95 28.38 10.98 -34.75
C LYS F 95 28.96 11.27 -36.13
N TRP F 96 28.78 10.33 -37.09
CA TRP F 96 29.22 10.49 -38.46
C TRP F 96 28.34 11.48 -39.24
N ASP F 97 28.98 12.56 -39.74
CA ASP F 97 28.36 13.58 -40.55
C ASP F 97 29.02 13.43 -41.92
N ARG F 98 28.22 13.31 -43.00
CA ARG F 98 28.67 13.16 -44.39
C ARG F 98 29.43 14.40 -44.91
N ASP F 99 29.14 15.57 -44.31
CA ASP F 99 29.69 16.86 -44.69
C ASP F 99 30.76 17.35 -43.72
N MET F 100 30.78 16.76 -42.50
CA MET F 100 31.68 16.98 -41.34
C MET F 100 31.53 18.37 -40.65
N GLU G 1 -27.04 5.60 26.50
CA GLU G 1 -28.28 4.95 26.06
C GLU G 1 -29.47 5.91 26.08
N VAL G 2 -30.44 5.69 25.16
CA VAL G 2 -31.66 6.50 25.09
C VAL G 2 -32.53 6.16 26.28
N GLN G 3 -32.91 7.22 27.04
CA GLN G 3 -33.74 7.16 28.23
C GLN G 3 -34.78 8.28 28.16
N LEU G 4 -36.07 7.95 28.38
CA LEU G 4 -37.20 8.87 28.43
C LEU G 4 -37.83 8.69 29.77
N VAL G 5 -37.74 9.69 30.64
CA VAL G 5 -38.26 9.62 32.00
C VAL G 5 -39.42 10.60 32.17
N GLN G 6 -40.61 10.10 32.50
CA GLN G 6 -41.82 10.90 32.71
C GLN G 6 -42.12 11.22 34.18
N SER G 7 -43.02 12.21 34.40
CA SER G 7 -43.44 12.64 35.73
C SER G 7 -44.33 11.59 36.44
N GLY G 8 -44.59 11.82 37.72
CA GLY G 8 -45.39 10.94 38.56
C GLY G 8 -46.88 10.99 38.30
N ALA G 9 -47.61 10.00 38.87
CA ALA G 9 -49.04 9.84 38.82
C ALA G 9 -49.81 11.10 39.27
N GLU G 10 -50.98 11.27 38.67
CA GLU G 10 -51.85 12.42 38.85
C GLU G 10 -53.27 11.98 39.09
N VAL G 11 -53.98 12.72 39.95
CA VAL G 11 -55.41 12.57 40.31
C VAL G 11 -56.04 13.93 40.04
N LYS G 12 -57.06 13.95 39.19
CA LYS G 12 -57.69 15.18 38.73
C LYS G 12 -59.18 15.01 38.67
N LYS G 13 -59.90 16.13 38.66
CA LYS G 13 -61.36 16.13 38.63
C LYS G 13 -61.89 16.46 37.24
N PRO G 14 -63.11 16.02 36.87
CA PRO G 14 -63.67 16.38 35.56
C PRO G 14 -63.67 17.88 35.32
N GLY G 15 -63.24 18.28 34.11
CA GLY G 15 -63.17 19.68 33.68
C GLY G 15 -61.81 20.32 33.89
N ALA G 16 -60.94 19.70 34.71
CA ALA G 16 -59.58 20.17 35.01
C ALA G 16 -58.61 19.82 33.84
N SER G 17 -57.33 20.15 34.01
CA SER G 17 -56.26 19.91 33.03
C SER G 17 -55.09 19.18 33.71
N VAL G 18 -54.33 18.40 32.94
CA VAL G 18 -53.15 17.67 33.40
C VAL G 18 -51.99 18.02 32.44
N LYS G 19 -50.77 18.14 32.98
CA LYS G 19 -49.55 18.41 32.24
C LYS G 19 -48.56 17.30 32.62
N VAL G 20 -48.25 16.46 31.62
CA VAL G 20 -47.34 15.33 31.74
C VAL G 20 -46.01 15.72 31.06
N SER G 21 -44.89 15.55 31.77
CA SER G 21 -43.55 15.83 31.28
C SER G 21 -42.85 14.53 30.85
N CYS G 22 -41.88 14.65 29.94
CA CYS G 22 -41.13 13.54 29.41
C CYS G 22 -39.74 14.06 29.15
N LYS G 23 -38.77 13.77 30.07
CA LYS G 23 -37.38 14.20 29.94
C LYS G 23 -36.57 13.16 29.17
N ALA G 24 -35.97 13.60 28.06
CA ALA G 24 -35.17 12.80 27.13
C ALA G 24 -33.68 12.92 27.44
N SER G 25 -32.90 11.86 27.13
CA SER G 25 -31.45 11.80 27.29
C SER G 25 -30.85 10.72 26.40
N GLY G 26 -29.56 10.87 26.11
CA GLY G 26 -28.77 9.90 25.35
C GLY G 26 -28.83 9.97 23.84
N TYR G 27 -29.34 11.09 23.30
CA TYR G 27 -29.46 11.40 21.87
C TYR G 27 -29.66 12.92 21.71
N THR G 28 -29.58 13.42 20.46
CA THR G 28 -29.85 14.82 20.11
C THR G 28 -31.39 15.02 20.13
N PHE G 29 -31.86 15.66 21.22
CA PHE G 29 -33.26 15.96 21.51
C PHE G 29 -34.07 16.53 20.31
N THR G 30 -33.48 17.48 19.54
CA THR G 30 -34.16 18.14 18.41
C THR G 30 -34.25 17.27 17.13
N GLY G 31 -33.39 16.25 17.02
CA GLY G 31 -33.36 15.38 15.87
C GLY G 31 -34.42 14.32 15.73
N TYR G 32 -35.28 14.12 16.77
CA TYR G 32 -36.32 13.09 16.74
C TYR G 32 -37.67 13.57 17.19
N TYR G 33 -38.75 13.24 16.43
CA TYR G 33 -40.15 13.58 16.78
C TYR G 33 -40.62 12.72 17.98
N MET G 34 -41.37 13.37 18.89
CA MET G 34 -41.93 12.74 20.07
C MET G 34 -43.45 12.64 19.94
N HIS G 35 -43.98 11.42 20.16
CA HIS G 35 -45.41 11.13 20.07
C HIS G 35 -45.92 10.80 21.44
N TRP G 36 -47.23 10.79 21.58
CA TRP G 36 -47.91 10.44 22.82
C TRP G 36 -48.96 9.34 22.53
N VAL G 37 -48.93 8.28 23.33
CA VAL G 37 -49.83 7.11 23.23
C VAL G 37 -50.40 6.86 24.64
N ARG G 38 -51.71 6.77 24.76
CA ARG G 38 -52.34 6.50 26.06
C ARG G 38 -52.96 5.10 26.13
N GLN G 39 -53.09 4.56 27.35
CA GLN G 39 -53.65 3.25 27.63
C GLN G 39 -54.59 3.28 28.85
N ALA G 40 -55.90 3.15 28.62
CA ALA G 40 -56.93 3.12 29.67
C ALA G 40 -56.75 1.85 30.49
N PRO G 41 -56.83 1.90 31.85
CA PRO G 41 -56.58 0.69 32.67
C PRO G 41 -57.25 -0.58 32.18
N GLY G 42 -56.43 -1.60 31.92
CA GLY G 42 -56.86 -2.89 31.40
C GLY G 42 -57.36 -2.89 29.97
N GLN G 43 -57.12 -1.79 29.20
CA GLN G 43 -57.56 -1.66 27.80
C GLN G 43 -56.38 -1.55 26.80
N GLY G 44 -56.68 -1.22 25.54
CA GLY G 44 -55.71 -1.07 24.47
C GLY G 44 -55.02 0.28 24.40
N LEU G 45 -54.24 0.47 23.33
CA LEU G 45 -53.41 1.64 23.05
C LEU G 45 -54.10 2.64 22.11
N GLU G 46 -53.91 3.94 22.42
CA GLU G 46 -54.52 5.02 21.67
C GLU G 46 -53.52 6.11 21.36
N TRP G 47 -53.25 6.34 20.07
CA TRP G 47 -52.35 7.39 19.60
C TRP G 47 -52.96 8.82 19.72
N MET G 48 -52.17 9.75 20.25
CA MET G 48 -52.67 11.10 20.46
C MET G 48 -52.15 12.15 19.48
N GLY G 49 -50.90 11.99 19.02
CA GLY G 49 -50.28 12.95 18.12
C GLY G 49 -48.79 13.08 18.35
N TRP G 50 -48.16 14.04 17.65
CA TRP G 50 -46.73 14.27 17.73
C TRP G 50 -46.32 15.74 17.89
N ILE G 51 -45.02 15.91 18.29
CA ILE G 51 -44.29 17.17 18.38
C ILE G 51 -42.91 17.05 17.70
N ASN G 52 -42.53 18.05 16.90
CA ASN G 52 -41.19 18.17 16.37
C ASN G 52 -40.50 18.99 17.49
N PRO G 53 -39.54 18.41 18.27
CA PRO G 53 -38.90 19.17 19.38
C PRO G 53 -38.00 20.33 18.92
N ASN G 54 -37.69 20.39 17.63
CA ASN G 54 -36.84 21.41 17.04
C ASN G 54 -37.67 22.65 16.69
N SER G 55 -38.68 22.49 15.81
CA SER G 55 -39.57 23.56 15.39
C SER G 55 -40.65 23.92 16.38
N GLY G 56 -41.21 22.89 17.06
CA GLY G 56 -42.30 23.05 18.02
C GLY G 56 -43.65 22.81 17.34
N GLY G 57 -43.59 22.35 16.09
CA GLY G 57 -44.72 21.97 15.26
C GLY G 57 -45.35 20.70 15.78
N THR G 58 -46.68 20.62 15.68
CA THR G 58 -47.46 19.53 16.25
C THR G 58 -48.55 19.03 15.32
N SER G 59 -49.06 17.84 15.60
CA SER G 59 -50.21 17.25 14.92
C SER G 59 -50.87 16.31 15.87
N TYR G 60 -52.17 16.53 16.04
CA TYR G 60 -53.01 15.78 16.96
C TYR G 60 -54.00 14.92 16.24
N ALA G 61 -54.43 13.82 16.88
CA ALA G 61 -55.48 12.95 16.34
C ALA G 61 -56.80 13.74 16.50
N GLN G 62 -57.73 13.59 15.53
CA GLN G 62 -59.04 14.26 15.46
C GLN G 62 -59.78 14.32 16.84
N LYS G 63 -59.70 13.22 17.64
CA LYS G 63 -60.31 13.03 18.96
C LYS G 63 -59.77 14.00 20.04
N PHE G 64 -58.48 14.37 19.95
CA PHE G 64 -57.85 15.23 20.96
C PHE G 64 -57.70 16.69 20.51
N GLN G 65 -57.89 16.94 19.21
CA GLN G 65 -57.89 18.25 18.57
C GLN G 65 -58.85 19.16 19.39
N GLY G 66 -58.32 20.26 19.92
CA GLY G 66 -59.06 21.21 20.73
C GLY G 66 -58.85 21.06 22.23
N ARG G 67 -58.38 19.87 22.68
CA ARG G 67 -58.16 19.55 24.10
C ARG G 67 -56.71 19.24 24.50
N VAL G 68 -55.80 19.01 23.54
CA VAL G 68 -54.41 18.67 23.83
C VAL G 68 -53.43 19.71 23.26
N THR G 69 -52.34 19.93 24.00
CA THR G 69 -51.25 20.82 23.69
C THR G 69 -49.94 20.08 24.01
N MET G 70 -49.07 19.97 22.98
CA MET G 70 -47.73 19.41 23.06
C MET G 70 -46.76 20.58 22.89
N THR G 71 -45.79 20.66 23.80
CA THR G 71 -44.78 21.70 23.94
C THR G 71 -43.46 21.04 24.32
N ARG G 72 -42.36 21.79 24.22
CA ARG G 72 -41.06 21.31 24.59
C ARG G 72 -40.17 22.43 25.08
N ASP G 73 -39.19 22.06 25.88
CA ASP G 73 -38.16 22.92 26.41
C ASP G 73 -36.84 22.30 25.94
N THR G 74 -36.26 22.88 24.90
CA THR G 74 -34.99 22.39 24.33
C THR G 74 -33.83 22.48 25.36
N SER G 75 -33.83 23.53 26.22
CA SER G 75 -32.83 23.76 27.25
C SER G 75 -32.76 22.62 28.29
N THR G 76 -33.90 21.96 28.57
CA THR G 76 -33.97 20.88 29.56
C THR G 76 -34.32 19.52 28.94
N SER G 77 -34.31 19.42 27.60
CA SER G 77 -34.64 18.20 26.84
C SER G 77 -35.99 17.55 27.27
N THR G 78 -36.99 18.39 27.66
CA THR G 78 -38.33 17.97 28.09
C THR G 78 -39.44 18.31 27.07
N VAL G 79 -40.36 17.35 26.86
CA VAL G 79 -41.57 17.40 26.05
C VAL G 79 -42.73 17.38 27.07
N TYR G 80 -43.80 18.12 26.81
CA TYR G 80 -44.96 18.14 27.67
C TYR G 80 -46.20 17.85 26.85
N MET G 81 -47.12 17.11 27.44
CA MET G 81 -48.44 16.83 26.89
C MET G 81 -49.39 17.35 27.96
N GLU G 82 -50.32 18.21 27.54
CA GLU G 82 -51.31 18.83 28.40
C GLU G 82 -52.70 18.54 27.83
N LEU G 83 -53.51 17.78 28.58
CA LEU G 83 -54.89 17.46 28.20
C LEU G 83 -55.84 18.25 29.13
N SER G 84 -56.71 19.05 28.53
CA SER G 84 -57.64 19.92 29.22
C SER G 84 -59.08 19.42 29.08
N SER G 85 -60.05 20.01 29.84
CA SER G 85 -61.49 19.68 29.82
C SER G 85 -61.68 18.15 29.97
N LEU G 86 -60.86 17.58 30.89
CA LEU G 86 -60.70 16.21 31.32
C LEU G 86 -62.03 15.57 31.74
N ARG G 87 -62.20 14.27 31.44
CA ARG G 87 -63.36 13.45 31.79
C ARG G 87 -62.87 12.15 32.33
N SER G 88 -63.70 11.39 33.08
CA SER G 88 -63.31 10.10 33.66
C SER G 88 -62.78 9.11 32.63
N GLU G 89 -63.26 9.21 31.36
CA GLU G 89 -62.87 8.40 30.21
C GLU G 89 -61.41 8.65 29.79
N ASP G 90 -60.82 9.71 30.37
CA ASP G 90 -59.43 10.14 30.17
C ASP G 90 -58.48 9.48 31.16
N THR G 91 -59.00 8.74 32.16
CA THR G 91 -58.20 7.96 33.11
C THR G 91 -57.44 6.92 32.27
N ALA G 92 -56.12 6.97 32.33
CA ALA G 92 -55.25 6.15 31.52
C ALA G 92 -53.80 6.37 31.93
N VAL G 93 -52.91 5.51 31.38
CA VAL G 93 -51.47 5.64 31.49
C VAL G 93 -51.03 6.35 30.17
N TYR G 94 -50.34 7.48 30.29
CA TYR G 94 -49.89 8.30 29.17
C TYR G 94 -48.41 8.09 28.95
N TYR G 95 -48.06 7.54 27.78
CA TYR G 95 -46.67 7.32 27.39
C TYR G 95 -46.17 8.36 26.39
N CYS G 96 -44.87 8.72 26.49
CA CYS G 96 -44.22 9.50 25.46
C CYS G 96 -43.37 8.44 24.72
N ALA G 97 -43.40 8.48 23.39
CA ALA G 97 -42.64 7.53 22.56
C ALA G 97 -41.87 8.25 21.45
N ARG G 98 -40.54 8.11 21.46
CA ARG G 98 -39.67 8.66 20.44
C ARG G 98 -39.93 7.89 19.15
N VAL G 99 -39.84 8.57 18.01
CA VAL G 99 -40.05 7.94 16.73
C VAL G 99 -38.72 7.95 15.96
N THR G 100 -38.41 6.85 15.22
CA THR G 100 -37.17 6.75 14.44
C THR G 100 -37.08 7.78 13.30
N THR G 101 -35.84 8.09 12.85
CA THR G 101 -35.58 8.92 11.66
C THR G 101 -35.38 7.95 10.47
N VAL G 102 -34.69 6.81 10.72
CA VAL G 102 -34.48 5.77 9.71
C VAL G 102 -35.78 4.98 9.55
N ILE G 103 -36.34 5.00 8.34
CA ILE G 103 -37.59 4.31 8.02
C ILE G 103 -37.22 2.92 7.51
N ALA G 104 -37.37 1.91 8.39
CA ALA G 104 -37.01 0.51 8.04
C ALA G 104 -37.80 -0.53 8.82
N GLY G 105 -37.93 -0.35 10.13
CA GLY G 105 -38.65 -1.24 11.02
C GLY G 105 -39.50 -0.53 12.03
N PRO G 106 -39.01 -0.29 13.28
CA PRO G 106 -39.85 0.40 14.28
C PRO G 106 -40.28 1.82 13.94
N VAL G 107 -41.39 2.25 14.54
CA VAL G 107 -41.86 3.62 14.44
C VAL G 107 -41.49 4.17 15.84
N PHE G 108 -42.23 3.76 16.89
CA PHE G 108 -41.95 4.08 18.30
C PHE G 108 -40.83 3.17 18.72
N ASP G 109 -39.66 3.74 18.98
CA ASP G 109 -38.49 2.94 19.34
C ASP G 109 -38.21 2.95 20.88
N TYR G 110 -38.26 4.12 21.48
CA TYR G 110 -38.05 4.29 22.91
C TYR G 110 -39.23 4.96 23.54
N TRP G 111 -39.70 4.36 24.64
CA TRP G 111 -40.87 4.82 25.38
C TRP G 111 -40.49 5.26 26.76
N GLY G 112 -41.32 6.14 27.33
CA GLY G 112 -41.22 6.51 28.73
C GLY G 112 -41.88 5.39 29.54
N GLN G 113 -41.80 5.46 30.88
CA GLN G 113 -42.34 4.44 31.78
C GLN G 113 -43.89 4.49 31.89
N GLY G 114 -44.46 5.62 31.48
CA GLY G 114 -45.88 5.89 31.54
C GLY G 114 -46.20 6.75 32.74
N THR G 115 -47.30 7.54 32.64
CA THR G 115 -47.81 8.39 33.72
C THR G 115 -49.29 8.11 33.88
N LEU G 116 -49.70 7.60 35.06
CA LEU G 116 -51.11 7.36 35.30
C LEU G 116 -51.83 8.64 35.70
N VAL G 117 -52.86 8.98 34.92
CA VAL G 117 -53.72 10.12 35.16
C VAL G 117 -55.08 9.50 35.47
N THR G 118 -55.60 9.78 36.68
CA THR G 118 -56.88 9.31 37.18
C THR G 118 -57.84 10.51 37.23
N VAL G 119 -58.93 10.44 36.43
CA VAL G 119 -59.97 11.47 36.39
C VAL G 119 -61.18 10.92 37.16
N SER G 120 -61.58 11.64 38.23
CA SER G 120 -62.63 11.25 39.15
C SER G 120 -63.28 12.44 39.89
N SER G 121 -64.64 12.49 39.90
CA SER G 121 -65.44 13.49 40.61
C SER G 121 -65.26 13.41 42.14
N ALA G 122 -64.81 12.23 42.62
CA ALA G 122 -64.54 11.93 44.03
C ALA G 122 -63.46 12.82 44.66
N SER G 123 -63.60 13.05 45.97
CA SER G 123 -62.67 13.82 46.79
C SER G 123 -62.04 12.78 47.72
N THR G 124 -60.93 13.13 48.41
CA THR G 124 -60.28 12.23 49.36
C THR G 124 -61.29 11.80 50.44
N LYS G 125 -61.42 10.47 50.64
CA LYS G 125 -62.35 9.87 51.59
C LYS G 125 -61.75 8.58 52.15
N GLY G 126 -61.75 8.46 53.48
CA GLY G 126 -61.29 7.29 54.21
C GLY G 126 -62.28 6.14 54.10
N PRO G 127 -61.84 4.88 54.32
CA PRO G 127 -62.78 3.77 54.17
C PRO G 127 -63.59 3.38 55.42
N SER G 128 -64.75 2.76 55.17
CA SER G 128 -65.60 2.16 56.19
C SER G 128 -65.13 0.69 56.20
N VAL G 129 -64.87 0.15 57.37
CA VAL G 129 -64.39 -1.22 57.45
C VAL G 129 -65.45 -2.07 58.15
N PHE G 130 -65.83 -3.17 57.50
CA PHE G 130 -66.83 -4.10 57.99
C PHE G 130 -66.23 -5.47 58.14
N PRO G 131 -66.65 -6.23 59.18
CA PRO G 131 -66.09 -7.58 59.33
C PRO G 131 -66.79 -8.60 58.45
N LEU G 132 -66.02 -9.42 57.74
CA LEU G 132 -66.57 -10.51 56.94
C LEU G 132 -66.38 -11.74 57.84
N ALA G 133 -67.34 -11.92 58.78
CA ALA G 133 -67.36 -12.95 59.83
C ALA G 133 -67.33 -14.40 59.31
N PRO G 134 -66.53 -15.31 59.94
CA PRO G 134 -66.51 -16.72 59.50
C PRO G 134 -67.77 -17.51 59.89
N SER G 135 -68.11 -18.55 59.12
CA SER G 135 -69.31 -19.37 59.36
C SER G 135 -69.18 -20.33 60.55
N GLY G 142 -61.44 -28.70 57.98
CA GLY G 142 -61.00 -28.00 59.18
C GLY G 142 -60.46 -26.61 58.97
N THR G 143 -60.83 -25.97 57.84
CA THR G 143 -60.40 -24.61 57.46
C THR G 143 -61.61 -23.68 57.29
N ALA G 144 -61.52 -22.47 57.87
CA ALA G 144 -62.57 -21.43 57.79
C ALA G 144 -61.99 -20.10 57.27
N ALA G 145 -62.72 -19.42 56.34
CA ALA G 145 -62.30 -18.15 55.76
C ALA G 145 -63.03 -16.95 56.36
N LEU G 146 -62.25 -15.95 56.82
CA LEU G 146 -62.76 -14.69 57.39
C LEU G 146 -62.02 -13.53 56.75
N GLY G 147 -62.60 -12.34 56.82
CA GLY G 147 -61.98 -11.16 56.25
C GLY G 147 -62.50 -9.84 56.74
N CYS G 148 -62.11 -8.79 56.00
CA CYS G 148 -62.49 -7.38 56.20
C CYS G 148 -62.90 -6.81 54.86
N LEU G 149 -64.00 -6.05 54.85
CA LEU G 149 -64.48 -5.34 53.68
C LEU G 149 -64.09 -3.87 53.90
N VAL G 150 -63.21 -3.35 53.04
CA VAL G 150 -62.70 -1.98 53.06
C VAL G 150 -63.50 -1.22 52.00
N LYS G 151 -64.53 -0.52 52.44
CA LYS G 151 -65.53 0.12 51.60
C LYS G 151 -65.36 1.63 51.38
N ASP G 152 -65.70 2.06 50.15
CA ASP G 152 -65.82 3.43 49.62
C ASP G 152 -64.68 4.41 50.03
N TYR G 153 -63.47 4.19 49.52
CA TYR G 153 -62.34 5.07 49.80
C TYR G 153 -61.79 5.73 48.52
N PHE G 154 -61.12 6.87 48.66
CA PHE G 154 -60.53 7.59 47.55
C PHE G 154 -59.33 8.46 47.97
N PRO G 155 -58.22 8.43 47.20
CA PRO G 155 -57.93 7.59 46.03
C PRO G 155 -57.26 6.28 46.47
N GLU G 156 -56.62 5.56 45.52
CA GLU G 156 -55.85 4.36 45.86
C GLU G 156 -54.47 4.83 46.41
N PRO G 157 -53.78 4.11 47.33
CA PRO G 157 -54.04 2.76 47.84
C PRO G 157 -54.44 2.64 49.32
N VAL G 158 -54.84 1.40 49.70
CA VAL G 158 -55.09 0.95 51.07
C VAL G 158 -54.19 -0.25 51.33
N THR G 159 -53.60 -0.31 52.52
CA THR G 159 -52.77 -1.43 52.93
C THR G 159 -53.52 -2.20 54.00
N VAL G 160 -53.65 -3.51 53.81
CA VAL G 160 -54.32 -4.35 54.80
C VAL G 160 -53.35 -5.38 55.38
N SER G 161 -53.21 -5.33 56.73
CA SER G 161 -52.41 -6.24 57.53
C SER G 161 -53.36 -6.97 58.50
N TRP G 162 -52.88 -8.04 59.14
CA TRP G 162 -53.66 -8.83 60.10
C TRP G 162 -52.79 -9.04 61.32
N ASN G 163 -53.35 -8.80 62.52
CA ASN G 163 -52.70 -8.91 63.84
C ASN G 163 -51.38 -8.09 63.91
N SER G 164 -51.41 -6.85 63.35
CA SER G 164 -50.32 -5.87 63.25
C SER G 164 -49.11 -6.40 62.49
N GLY G 165 -49.33 -7.41 61.66
CA GLY G 165 -48.31 -8.07 60.86
C GLY G 165 -48.02 -9.49 61.27
N ALA G 166 -48.39 -9.88 62.52
CA ALA G 166 -48.19 -11.22 63.10
C ALA G 166 -48.97 -12.37 62.41
N LEU G 167 -49.78 -12.03 61.38
CA LEU G 167 -50.56 -12.99 60.60
C LEU G 167 -50.40 -12.69 59.13
N THR G 168 -49.68 -13.58 58.43
CA THR G 168 -49.39 -13.49 57.00
C THR G 168 -49.82 -14.78 56.29
N SER G 169 -49.89 -15.89 57.05
CA SER G 169 -50.25 -17.22 56.56
C SER G 169 -51.75 -17.34 56.27
N GLY G 170 -52.08 -17.49 54.98
CA GLY G 170 -53.45 -17.63 54.52
C GLY G 170 -54.10 -16.33 54.12
N VAL G 171 -53.36 -15.21 54.30
CA VAL G 171 -53.81 -13.86 53.99
C VAL G 171 -53.74 -13.61 52.49
N HIS G 172 -54.81 -13.03 51.94
CA HIS G 172 -54.88 -12.60 50.57
C HIS G 172 -55.73 -11.34 50.47
N THR G 173 -55.15 -10.29 49.93
CA THR G 173 -55.79 -9.01 49.73
C THR G 173 -56.02 -8.85 48.24
N PHE G 174 -57.29 -8.71 47.88
CA PHE G 174 -57.77 -8.62 46.51
C PHE G 174 -57.65 -7.21 45.96
N PRO G 175 -57.59 -7.04 44.61
CA PRO G 175 -57.51 -5.69 44.05
C PRO G 175 -58.79 -4.89 44.23
N ALA G 176 -58.65 -3.57 44.29
CA ALA G 176 -59.77 -2.66 44.49
C ALA G 176 -60.70 -2.54 43.28
N VAL G 177 -62.00 -2.84 43.50
CA VAL G 177 -63.03 -2.68 42.49
C VAL G 177 -63.43 -1.21 42.58
N LEU G 178 -63.66 -0.57 41.44
CA LEU G 178 -64.11 0.82 41.40
C LEU G 178 -65.61 0.78 41.14
N GLN G 179 -66.38 1.43 42.02
CA GLN G 179 -67.84 1.47 41.93
C GLN G 179 -68.31 2.56 40.96
N SER G 180 -69.60 2.50 40.57
CA SER G 180 -70.27 3.48 39.69
C SER G 180 -70.28 4.88 40.37
N SER G 181 -70.23 4.89 41.73
CA SER G 181 -70.20 6.04 42.63
C SER G 181 -68.88 6.85 42.53
N GLY G 182 -67.82 6.21 42.05
CA GLY G 182 -66.49 6.82 41.89
C GLY G 182 -65.50 6.47 42.98
N LEU G 183 -65.95 5.69 43.99
CA LEU G 183 -65.16 5.26 45.13
C LEU G 183 -64.76 3.79 45.02
N TYR G 184 -63.56 3.47 45.56
CA TYR G 184 -62.99 2.12 45.56
C TYR G 184 -63.44 1.24 46.72
N SER G 185 -63.44 -0.07 46.48
CA SER G 185 -63.78 -1.04 47.51
C SER G 185 -62.95 -2.30 47.35
N LEU G 186 -62.42 -2.84 48.46
CA LEU G 186 -61.68 -4.09 48.41
C LEU G 186 -61.92 -4.97 49.63
N SER G 187 -61.57 -6.25 49.51
CA SER G 187 -61.66 -7.21 50.58
C SER G 187 -60.27 -7.79 50.84
N SER G 188 -60.07 -8.30 52.05
CA SER G 188 -58.85 -8.97 52.49
C SER G 188 -59.29 -10.19 53.28
N VAL G 189 -58.99 -11.40 52.78
CA VAL G 189 -59.34 -12.64 53.47
C VAL G 189 -58.13 -13.29 54.11
N VAL G 190 -58.40 -14.19 55.07
CA VAL G 190 -57.45 -15.02 55.78
C VAL G 190 -58.14 -16.35 56.14
N THR G 191 -57.67 -17.45 55.53
CA THR G 191 -58.19 -18.80 55.77
C THR G 191 -57.41 -19.35 56.95
N VAL G 192 -58.11 -19.62 58.08
CA VAL G 192 -57.55 -20.01 59.37
C VAL G 192 -58.07 -21.39 59.87
N PRO G 193 -57.42 -22.05 60.88
CA PRO G 193 -57.97 -23.31 61.39
C PRO G 193 -59.30 -23.05 62.10
N SER G 194 -60.28 -23.95 61.90
CA SER G 194 -61.63 -23.82 62.49
C SER G 194 -61.64 -23.93 64.02
N SER G 195 -60.65 -24.64 64.59
CA SER G 195 -60.46 -24.82 66.04
C SER G 195 -60.06 -23.48 66.69
N SER G 196 -59.15 -22.74 66.03
CA SER G 196 -58.59 -21.45 66.44
C SER G 196 -59.63 -20.34 66.57
N LEU G 197 -60.78 -20.46 65.87
CA LEU G 197 -61.85 -19.46 65.83
C LEU G 197 -62.33 -18.98 67.21
N GLY G 198 -62.62 -19.92 68.10
CA GLY G 198 -63.10 -19.63 69.45
C GLY G 198 -62.09 -18.96 70.36
N THR G 199 -60.81 -19.37 70.27
CA THR G 199 -59.71 -18.87 71.10
C THR G 199 -58.98 -17.65 70.48
N GLN G 200 -58.25 -17.86 69.36
CA GLN G 200 -57.46 -16.85 68.65
C GLN G 200 -58.28 -15.64 68.15
N THR G 201 -57.74 -14.42 68.33
CA THR G 201 -58.36 -13.18 67.85
C THR G 201 -57.66 -12.68 66.59
N TYR G 202 -58.47 -12.27 65.60
CA TYR G 202 -58.03 -11.75 64.31
C TYR G 202 -58.50 -10.30 64.17
N ILE G 203 -57.54 -9.38 64.03
CA ILE G 203 -57.78 -7.95 63.86
C ILE G 203 -57.13 -7.50 62.56
N CYS G 204 -57.93 -6.93 61.63
CA CYS G 204 -57.36 -6.40 60.39
C CYS G 204 -56.99 -4.94 60.59
N ASN G 205 -55.82 -4.56 60.09
CA ASN G 205 -55.31 -3.21 60.22
C ASN G 205 -55.32 -2.58 58.84
N VAL G 206 -56.20 -1.59 58.69
CA VAL G 206 -56.40 -0.92 57.42
C VAL G 206 -55.74 0.46 57.47
N ASN G 207 -54.92 0.74 56.46
CA ASN G 207 -54.27 2.03 56.38
C ASN G 207 -54.53 2.65 55.03
N HIS G 208 -55.14 3.84 55.05
CA HIS G 208 -55.40 4.65 53.89
C HIS G 208 -54.59 5.90 54.19
N LYS G 209 -53.40 6.00 53.57
CA LYS G 209 -52.50 7.14 53.78
C LYS G 209 -53.00 8.44 53.11
N PRO G 210 -53.63 8.43 51.89
CA PRO G 210 -54.12 9.70 51.31
C PRO G 210 -55.02 10.56 52.22
N SER G 211 -55.98 9.93 52.95
CA SER G 211 -56.89 10.61 53.89
C SER G 211 -56.45 10.50 55.36
N ASN G 212 -55.29 9.86 55.61
CA ASN G 212 -54.67 9.66 56.94
C ASN G 212 -55.62 8.99 57.94
N THR G 213 -56.12 7.81 57.55
CA THR G 213 -57.05 6.98 58.30
C THR G 213 -56.42 5.63 58.58
N LYS G 214 -56.43 5.23 59.85
CA LYS G 214 -55.98 3.92 60.26
C LYS G 214 -57.14 3.26 61.00
N VAL G 215 -57.56 2.08 60.54
CA VAL G 215 -58.67 1.37 61.17
C VAL G 215 -58.27 -0.03 61.66
N ASP G 216 -58.51 -0.34 62.94
CA ASP G 216 -58.26 -1.65 63.53
C ASP G 216 -59.61 -2.27 63.85
N LYS G 217 -59.91 -3.42 63.25
CA LYS G 217 -61.21 -4.05 63.42
C LYS G 217 -61.09 -5.54 63.72
N LYS G 218 -61.65 -5.98 64.88
CA LYS G 218 -61.66 -7.39 65.25
C LYS G 218 -62.74 -8.10 64.44
N VAL G 219 -62.39 -9.25 63.83
CA VAL G 219 -63.32 -10.08 63.06
C VAL G 219 -63.72 -11.29 63.93
N GLU G 220 -64.99 -11.30 64.37
CA GLU G 220 -65.54 -12.35 65.25
C GLU G 220 -66.59 -13.22 64.52
N PRO G 221 -66.75 -14.53 64.87
CA PRO G 221 -67.80 -15.35 64.24
C PRO G 221 -69.19 -15.02 64.78
N LYS G 222 -70.22 -15.12 63.91
CA LYS G 222 -71.64 -14.87 64.21
C LYS G 222 -71.86 -13.41 64.65
N ALA H 2 -64.64 -2.07 14.40
CA ALA H 2 -63.25 -1.64 14.56
C ALA H 2 -62.47 -1.94 13.31
N VAL H 3 -61.45 -1.08 12.97
CA VAL H 3 -60.58 -1.21 11.78
C VAL H 3 -59.72 -2.46 11.87
N LEU H 4 -59.00 -2.63 13.00
CA LEU H 4 -58.14 -3.78 13.31
C LEU H 4 -58.75 -4.51 14.51
N THR H 5 -59.16 -5.77 14.31
CA THR H 5 -59.76 -6.58 15.37
C THR H 5 -58.86 -7.77 15.71
N GLN H 6 -58.46 -7.89 16.98
CA GLN H 6 -57.63 -8.97 17.49
C GLN H 6 -58.40 -9.83 18.49
N PRO H 7 -58.20 -11.17 18.56
CA PRO H 7 -58.90 -11.96 19.61
C PRO H 7 -58.45 -11.47 20.97
N SER H 8 -59.34 -11.42 21.99
CA SER H 8 -58.95 -10.92 23.31
C SER H 8 -57.89 -11.80 23.92
N SER H 9 -57.97 -13.13 23.65
CA SER H 9 -57.10 -14.07 24.28
C SER H 9 -56.84 -15.30 23.46
N LEU H 10 -55.71 -15.92 23.75
CA LEU H 10 -55.22 -17.13 23.17
C LEU H 10 -54.35 -17.75 24.24
N SER H 11 -54.39 -19.07 24.30
CA SER H 11 -53.63 -19.89 25.24
C SER H 11 -53.03 -21.02 24.45
N ALA H 12 -51.83 -21.45 24.85
CA ALA H 12 -51.09 -22.53 24.22
C ALA H 12 -49.99 -22.97 25.15
N SER H 13 -49.60 -24.23 25.02
CA SER H 13 -48.60 -24.92 25.84
C SER H 13 -47.17 -24.54 25.51
N PRO H 14 -46.21 -24.67 26.48
CA PRO H 14 -44.80 -24.46 26.16
C PRO H 14 -44.33 -25.47 25.09
N GLY H 15 -43.42 -25.05 24.23
CA GLY H 15 -42.91 -25.89 23.14
C GLY H 15 -43.75 -25.83 21.87
N ALA H 16 -45.04 -25.42 22.00
CA ALA H 16 -46.00 -25.30 20.89
C ALA H 16 -45.87 -23.96 20.12
N SER H 17 -46.80 -23.75 19.18
CA SER H 17 -46.88 -22.56 18.36
C SER H 17 -48.22 -21.86 18.58
N ALA H 18 -48.18 -20.53 18.74
CA ALA H 18 -49.35 -19.66 18.87
C ALA H 18 -49.36 -18.77 17.62
N SER H 19 -50.52 -18.70 16.97
CA SER H 19 -50.76 -17.91 15.76
C SER H 19 -51.70 -16.72 16.14
N LEU H 20 -51.13 -15.53 16.26
CA LEU H 20 -51.85 -14.32 16.69
C LEU H 20 -52.38 -13.56 15.48
N THR H 21 -53.70 -13.32 15.43
CA THR H 21 -54.30 -12.66 14.27
C THR H 21 -54.65 -11.19 14.51
N CYS H 22 -54.51 -10.40 13.44
CA CYS H 22 -54.83 -8.99 13.40
C CYS H 22 -55.65 -8.83 12.14
N THR H 23 -56.96 -8.85 12.25
CA THR H 23 -57.85 -8.78 11.09
C THR H 23 -58.21 -7.33 10.79
N LEU H 24 -58.13 -6.98 9.50
CA LEU H 24 -58.52 -5.70 8.94
C LEU H 24 -59.97 -5.77 8.50
N ARG H 25 -60.69 -4.68 8.77
CA ARG H 25 -62.09 -4.50 8.39
C ARG H 25 -62.25 -4.63 6.87
N SER H 26 -63.37 -5.23 6.43
CA SER H 26 -63.78 -5.42 5.03
C SER H 26 -63.64 -4.13 4.23
N GLY H 27 -63.15 -4.26 2.99
CA GLY H 27 -62.94 -3.15 2.08
C GLY H 27 -61.63 -2.40 2.25
N ILE H 28 -60.80 -2.80 3.26
CA ILE H 28 -59.48 -2.23 3.55
C ILE H 28 -58.55 -3.41 3.36
N ASN H 29 -57.91 -3.51 2.17
CA ASN H 29 -57.03 -4.63 1.82
C ASN H 29 -55.73 -4.63 2.62
N VAL H 30 -55.44 -5.79 3.20
CA VAL H 30 -54.31 -6.07 4.08
C VAL H 30 -52.95 -5.94 3.33
N GLY H 31 -52.90 -6.45 2.09
CA GLY H 31 -51.72 -6.46 1.20
C GLY H 31 -50.80 -5.24 1.22
N PRO H 32 -51.33 -4.03 0.86
CA PRO H 32 -50.48 -2.82 0.80
C PRO H 32 -49.87 -2.27 2.11
N TYR H 33 -50.51 -2.53 3.25
CA TYR H 33 -50.13 -2.04 4.56
C TYR H 33 -48.95 -2.72 5.25
N ASN H 34 -48.20 -1.93 6.05
CA ASN H 34 -47.15 -2.38 6.97
C ASN H 34 -47.89 -2.64 8.28
N ILE H 35 -47.76 -3.87 8.81
CA ILE H 35 -48.41 -4.30 10.06
C ILE H 35 -47.29 -4.35 11.07
N TYR H 36 -47.47 -3.64 12.16
CA TYR H 36 -46.48 -3.60 13.21
C TYR H 36 -46.98 -4.43 14.39
N TRP H 37 -46.08 -5.19 15.01
CA TRP H 37 -46.43 -5.92 16.21
C TRP H 37 -45.58 -5.33 17.31
N TYR H 38 -46.25 -5.03 18.45
CA TYR H 38 -45.63 -4.53 19.68
C TYR H 38 -46.01 -5.52 20.81
N GLN H 39 -45.04 -5.94 21.62
CA GLN H 39 -45.27 -6.82 22.77
C GLN H 39 -45.31 -5.96 24.06
N GLN H 40 -46.24 -6.26 24.98
CA GLN H 40 -46.36 -5.51 26.26
C GLN H 40 -46.41 -6.44 27.50
N LYS H 41 -45.32 -6.42 28.33
CA LYS H 41 -45.27 -7.22 29.57
C LYS H 41 -45.72 -6.32 30.78
N PRO H 42 -46.54 -6.86 31.71
CA PRO H 42 -47.13 -6.01 32.79
C PRO H 42 -46.21 -5.01 33.48
N GLY H 43 -46.76 -3.84 33.72
CA GLY H 43 -46.08 -2.69 34.31
C GLY H 43 -44.99 -2.07 33.45
N SER H 44 -44.94 -2.43 32.14
CA SER H 44 -43.94 -1.94 31.18
C SER H 44 -44.57 -1.30 29.93
N PRO H 45 -43.87 -0.33 29.27
CA PRO H 45 -44.42 0.25 28.05
C PRO H 45 -44.31 -0.78 26.90
N PRO H 46 -45.11 -0.58 25.79
CA PRO H 46 -45.05 -1.51 24.66
C PRO H 46 -43.68 -1.53 23.96
N GLN H 47 -43.34 -2.67 23.32
CA GLN H 47 -42.04 -2.81 22.67
C GLN H 47 -42.18 -3.44 21.31
N TYR H 48 -41.51 -2.81 20.32
CA TYR H 48 -41.48 -3.29 18.95
C TYR H 48 -41.02 -4.74 18.82
N LEU H 49 -41.67 -5.49 17.93
CA LEU H 49 -41.27 -6.85 17.60
C LEU H 49 -40.86 -6.90 16.12
N MET H 50 -41.80 -6.50 15.23
CA MET H 50 -41.59 -6.56 13.80
C MET H 50 -42.54 -5.70 13.01
N ARG H 51 -42.15 -5.45 11.74
CA ARG H 51 -42.92 -4.76 10.69
C ARG H 51 -43.01 -5.75 9.52
N TYR H 52 -44.21 -5.94 8.98
CA TYR H 52 -44.39 -6.86 7.89
C TYR H 52 -45.30 -6.25 6.86
N LYS H 53 -44.81 -6.14 5.62
CA LYS H 53 -45.65 -5.73 4.50
C LYS H 53 -45.82 -6.95 3.63
N SER H 54 -44.69 -7.56 3.26
CA SER H 54 -44.59 -8.75 2.42
C SER H 54 -43.24 -9.49 2.69
N ASP H 55 -43.11 -10.77 2.25
CA ASP H 55 -41.84 -11.53 2.40
C ASP H 55 -40.60 -10.75 1.89
N PRO H 56 -40.63 -10.03 0.73
CA PRO H 56 -39.50 -9.17 0.38
C PRO H 56 -39.51 -7.74 1.00
N ASP H 57 -40.49 -7.39 1.89
CA ASP H 57 -40.61 -6.09 2.58
C ASP H 57 -41.05 -6.25 4.07
N LYS H 58 -40.06 -6.58 4.92
CA LYS H 58 -40.26 -6.83 6.34
C LYS H 58 -39.04 -6.49 7.21
N HIS H 59 -39.28 -6.33 8.51
CA HIS H 59 -38.22 -6.05 9.47
C HIS H 59 -38.53 -6.80 10.73
N GLN H 60 -37.48 -7.23 11.42
CA GLN H 60 -37.58 -7.91 12.70
C GLN H 60 -36.55 -7.29 13.64
N GLY H 61 -36.96 -6.96 14.86
CA GLY H 61 -36.02 -6.40 15.84
C GLY H 61 -34.81 -7.28 16.12
N SER H 62 -33.64 -6.64 16.36
CA SER H 62 -32.34 -7.31 16.63
C SER H 62 -32.39 -8.27 17.83
N ALA H 63 -33.20 -7.93 18.82
CA ALA H 63 -33.42 -8.68 20.06
C ALA H 63 -34.59 -9.68 19.99
N VAL H 64 -35.27 -9.78 18.84
CA VAL H 64 -36.44 -10.64 18.61
C VAL H 64 -36.02 -12.01 17.96
N PRO H 65 -36.10 -13.14 18.69
CA PRO H 65 -35.72 -14.43 18.07
C PRO H 65 -36.46 -14.79 16.78
N SER H 66 -35.81 -15.62 15.92
CA SER H 66 -36.32 -16.08 14.62
C SER H 66 -37.60 -16.94 14.71
N ARG H 67 -37.96 -17.37 15.92
CA ARG H 67 -39.17 -18.16 16.23
C ARG H 67 -40.48 -17.31 16.24
N PHE H 68 -40.33 -15.99 16.15
CA PHE H 68 -41.36 -14.97 15.98
C PHE H 68 -41.27 -14.68 14.51
N SER H 69 -42.39 -14.76 13.81
CA SER H 69 -42.41 -14.53 12.36
C SER H 69 -43.75 -13.92 11.95
N GLY H 70 -43.71 -13.12 10.91
CA GLY H 70 -44.89 -12.47 10.38
C GLY H 70 -45.26 -12.95 9.01
N SER H 71 -46.57 -12.95 8.75
CA SER H 71 -47.17 -13.33 7.48
C SER H 71 -48.44 -12.53 7.38
N LYS H 72 -49.20 -12.73 6.31
CA LYS H 72 -50.50 -12.17 6.08
C LYS H 72 -51.34 -13.29 5.47
N ASP H 73 -52.60 -13.39 5.89
CA ASP H 73 -53.53 -14.36 5.29
C ASP H 73 -54.49 -13.48 4.53
N ALA H 74 -54.30 -13.39 3.22
CA ALA H 74 -55.10 -12.54 2.35
C ALA H 74 -56.55 -12.95 2.32
N SER H 75 -56.81 -14.29 2.32
CA SER H 75 -58.15 -14.88 2.29
C SER H 75 -58.97 -14.42 3.51
N ALA H 76 -58.32 -14.24 4.67
CA ALA H 76 -58.91 -13.76 5.93
C ALA H 76 -58.80 -12.24 6.11
N ASN H 77 -58.04 -11.53 5.23
CA ASN H 77 -57.74 -10.10 5.29
C ASN H 77 -57.03 -9.78 6.63
N ALA H 78 -56.03 -10.61 6.98
CA ALA H 78 -55.37 -10.51 8.27
C ALA H 78 -53.86 -10.54 8.28
N GLY H 79 -53.29 -9.98 9.34
CA GLY H 79 -51.86 -10.00 9.64
C GLY H 79 -51.64 -11.05 10.72
N ILE H 80 -50.57 -11.85 10.60
CA ILE H 80 -50.26 -12.92 11.56
C ILE H 80 -48.88 -12.78 12.17
N LEU H 81 -48.77 -12.97 13.46
CA LEU H 81 -47.52 -13.07 14.23
C LEU H 81 -47.53 -14.54 14.67
N LEU H 82 -46.56 -15.33 14.20
CA LEU H 82 -46.47 -16.72 14.59
C LEU H 82 -45.32 -16.93 15.59
N ILE H 83 -45.64 -17.32 16.83
CA ILE H 83 -44.61 -17.61 17.84
C ILE H 83 -44.45 -19.15 17.99
N SER H 84 -43.34 -19.71 17.50
CA SER H 84 -42.98 -21.14 17.56
C SER H 84 -42.18 -21.45 18.84
N GLY H 85 -42.11 -22.73 19.22
CA GLY H 85 -41.41 -23.17 20.42
C GLY H 85 -41.62 -22.23 21.58
N LEU H 86 -42.92 -22.04 21.95
CA LEU H 86 -43.41 -21.13 22.97
C LEU H 86 -42.65 -21.22 24.27
N GLN H 87 -42.43 -20.06 24.89
CA GLN H 87 -41.72 -19.92 26.16
C GLN H 87 -42.49 -19.09 27.13
N SER H 88 -42.14 -19.19 28.43
CA SER H 88 -42.81 -18.49 29.53
C SER H 88 -42.71 -16.97 29.41
N GLU H 89 -41.62 -16.49 28.79
CA GLU H 89 -41.34 -15.08 28.53
C GLU H 89 -42.20 -14.51 27.39
N ASP H 90 -42.89 -15.41 26.65
CA ASP H 90 -43.77 -15.04 25.53
C ASP H 90 -45.16 -14.68 26.02
N GLU H 91 -45.45 -14.92 27.31
CA GLU H 91 -46.71 -14.56 27.96
C GLU H 91 -46.70 -13.01 28.07
N ALA H 92 -47.58 -12.34 27.28
CA ALA H 92 -47.67 -10.88 27.21
C ALA H 92 -48.89 -10.51 26.41
N ASP H 93 -49.15 -9.17 26.29
CA ASP H 93 -50.19 -8.57 25.44
C ASP H 93 -49.52 -8.27 24.11
N TYR H 94 -50.22 -8.51 23.01
CA TYR H 94 -49.68 -8.31 21.67
C TYR H 94 -50.60 -7.43 20.86
N TYR H 95 -50.09 -6.25 20.45
CA TYR H 95 -50.81 -5.27 19.64
C TYR H 95 -50.23 -5.24 18.27
N CYS H 96 -51.12 -5.05 17.31
CA CYS H 96 -50.85 -4.88 15.90
C CYS H 96 -51.30 -3.45 15.60
N MET H 97 -50.56 -2.80 14.69
CA MET H 97 -50.88 -1.45 14.28
C MET H 97 -50.55 -1.22 12.80
N ILE H 98 -51.32 -0.28 12.25
CA ILE H 98 -51.23 0.20 10.89
C ILE H 98 -51.47 1.71 10.95
N TRP H 99 -50.94 2.42 9.90
CA TRP H 99 -51.18 3.81 9.65
C TRP H 99 -52.36 3.84 8.64
N HIS H 100 -53.53 4.23 9.14
CA HIS H 100 -54.76 4.25 8.38
C HIS H 100 -55.48 5.53 8.69
N ASN H 101 -56.03 6.15 7.62
CA ASN H 101 -56.84 7.36 7.67
C ASN H 101 -56.21 8.50 8.50
N ASN H 102 -54.91 8.78 8.26
CA ASN H 102 -54.11 9.84 8.87
C ASN H 102 -53.97 9.74 10.38
N ALA H 103 -53.84 8.48 10.89
CA ALA H 103 -53.68 8.18 12.32
C ALA H 103 -53.14 6.78 12.51
N TRP H 104 -52.43 6.56 13.64
CA TRP H 104 -51.94 5.25 14.08
C TRP H 104 -53.16 4.51 14.69
N VAL H 105 -53.42 3.30 14.22
CA VAL H 105 -54.59 2.51 14.60
C VAL H 105 -54.08 1.21 15.19
N PHE H 106 -54.56 0.88 16.39
CA PHE H 106 -54.18 -0.34 17.08
C PHE H 106 -55.35 -1.28 17.18
N GLY H 107 -55.03 -2.57 17.23
CA GLY H 107 -56.01 -3.61 17.49
C GLY H 107 -56.17 -3.57 18.99
N GLY H 108 -57.22 -4.20 19.54
CA GLY H 108 -57.44 -4.21 20.99
C GLY H 108 -56.37 -4.91 21.83
N GLY H 109 -55.57 -5.77 21.22
CA GLY H 109 -54.54 -6.54 21.89
C GLY H 109 -55.08 -7.93 22.14
N THR H 110 -54.19 -8.92 22.26
CA THR H 110 -54.48 -10.32 22.58
C THR H 110 -53.61 -10.65 23.76
N LYS H 111 -54.21 -11.23 24.83
CA LYS H 111 -53.42 -11.72 25.95
C LYS H 111 -53.05 -13.14 25.62
N LEU H 112 -51.75 -13.39 25.60
CA LEU H 112 -51.25 -14.70 25.32
C LEU H 112 -50.78 -15.33 26.60
N THR H 113 -51.31 -16.51 26.87
CA THR H 113 -51.01 -17.34 28.02
C THR H 113 -50.25 -18.62 27.56
N VAL H 114 -49.05 -18.83 28.12
CA VAL H 114 -48.25 -20.03 27.92
C VAL H 114 -48.66 -20.95 29.08
N LEU H 115 -49.26 -22.13 28.76
CA LEU H 115 -49.80 -23.04 29.78
C LEU H 115 -48.71 -23.84 30.54
N GLY H 116 -48.16 -23.23 31.59
CA GLY H 116 -47.12 -23.81 32.44
C GLY H 116 -47.58 -24.33 33.79
N GLN H 117 -48.86 -24.75 33.88
CA GLN H 117 -49.53 -25.29 35.06
C GLN H 117 -50.78 -26.06 34.63
N PRO H 118 -51.28 -27.02 35.43
CA PRO H 118 -52.55 -27.67 35.06
C PRO H 118 -53.75 -26.75 35.40
N LYS H 119 -54.93 -27.12 34.87
CA LYS H 119 -56.21 -26.45 35.10
C LYS H 119 -56.57 -26.65 36.58
N ALA H 120 -56.61 -25.53 37.34
CA ALA H 120 -56.93 -25.53 38.76
C ALA H 120 -58.33 -25.02 38.95
N ALA H 121 -59.21 -25.89 39.51
CA ALA H 121 -60.61 -25.60 39.82
C ALA H 121 -60.64 -24.53 40.92
N PRO H 122 -61.42 -23.44 40.72
CA PRO H 122 -61.44 -22.38 41.74
C PRO H 122 -62.19 -22.72 43.02
N SER H 123 -61.74 -22.10 44.13
CA SER H 123 -62.35 -22.22 45.45
C SER H 123 -63.16 -20.95 45.61
N VAL H 124 -64.48 -21.09 45.81
CA VAL H 124 -65.39 -19.94 45.93
C VAL H 124 -65.91 -19.79 47.36
N THR H 125 -65.88 -18.54 47.91
CA THR H 125 -66.37 -18.20 49.25
C THR H 125 -67.37 -17.05 49.12
N LEU H 126 -68.60 -17.23 49.64
CA LEU H 126 -69.63 -16.20 49.60
C LEU H 126 -70.01 -15.68 51.00
N PHE H 127 -69.74 -14.37 51.24
CA PHE H 127 -70.03 -13.68 52.51
C PHE H 127 -71.32 -12.89 52.39
N PRO H 128 -72.20 -12.98 53.41
CA PRO H 128 -73.44 -12.19 53.38
C PRO H 128 -73.21 -10.79 53.94
N PRO H 129 -74.17 -9.82 53.77
CA PRO H 129 -73.95 -8.49 54.34
C PRO H 129 -73.75 -8.58 55.86
N SER H 130 -72.75 -7.89 56.38
CA SER H 130 -72.51 -7.91 57.82
C SER H 130 -73.61 -7.09 58.50
N SER H 131 -73.85 -7.36 59.80
CA SER H 131 -74.84 -6.65 60.62
C SER H 131 -74.48 -5.17 60.75
N GLU H 132 -73.19 -4.83 61.00
CA GLU H 132 -72.67 -3.45 61.11
C GLU H 132 -73.04 -2.60 59.90
N GLU H 133 -72.94 -3.22 58.70
CA GLU H 133 -73.23 -2.66 57.39
C GLU H 133 -74.70 -2.47 57.12
N LEU H 134 -75.56 -3.41 57.58
CA LEU H 134 -77.01 -3.34 57.48
C LEU H 134 -77.54 -2.19 58.37
N GLN H 135 -76.79 -1.87 59.44
CA GLN H 135 -77.08 -0.75 60.33
C GLN H 135 -76.75 0.60 59.65
N ALA H 136 -75.85 0.58 58.65
CA ALA H 136 -75.45 1.73 57.83
C ALA H 136 -76.42 1.95 56.65
N ASN H 137 -77.47 1.08 56.59
CA ASN H 137 -78.53 0.95 55.59
C ASN H 137 -77.95 0.51 54.23
N LYS H 138 -76.95 -0.37 54.28
CA LYS H 138 -76.29 -0.92 53.09
C LYS H 138 -76.20 -2.46 53.14
N ALA H 139 -76.01 -3.09 51.97
CA ALA H 139 -75.89 -4.53 51.85
C ALA H 139 -74.91 -4.89 50.74
N THR H 140 -73.82 -5.62 51.07
CA THR H 140 -72.84 -6.06 50.08
C THR H 140 -72.49 -7.53 50.28
N LEU H 141 -72.85 -8.35 49.28
CA LEU H 141 -72.53 -9.76 49.20
C LEU H 141 -71.17 -9.84 48.53
N VAL H 142 -70.20 -10.50 49.19
CA VAL H 142 -68.81 -10.58 48.74
C VAL H 142 -68.45 -12.01 48.26
N CYS H 143 -68.23 -12.15 46.94
CA CYS H 143 -67.83 -13.42 46.36
C CYS H 143 -66.33 -13.38 46.13
N LEU H 144 -65.57 -14.30 46.76
CA LEU H 144 -64.10 -14.39 46.61
C LEU H 144 -63.74 -15.72 45.96
N ILE H 145 -63.15 -15.61 44.78
CA ILE H 145 -62.74 -16.73 43.95
C ILE H 145 -61.22 -16.75 43.98
N SER H 146 -60.64 -17.84 44.50
CA SER H 146 -59.19 -17.99 44.66
C SER H 146 -58.69 -19.33 44.08
N ASP H 147 -57.36 -19.40 43.83
CA ASP H 147 -56.60 -20.57 43.39
C ASP H 147 -57.15 -21.25 42.10
N PHE H 148 -57.14 -20.50 41.00
CA PHE H 148 -57.58 -21.01 39.70
C PHE H 148 -56.57 -20.73 38.59
N TYR H 149 -56.39 -21.68 37.66
CA TYR H 149 -55.53 -21.54 36.46
C TYR H 149 -56.32 -22.15 35.29
N PRO H 150 -56.40 -21.57 34.05
CA PRO H 150 -55.61 -20.49 33.41
C PRO H 150 -55.88 -19.00 33.73
N GLY H 151 -56.62 -18.70 34.78
CA GLY H 151 -56.84 -17.30 35.16
C GLY H 151 -57.91 -16.54 34.41
N ALA H 152 -59.06 -17.20 34.18
CA ALA H 152 -60.23 -16.65 33.50
C ALA H 152 -61.51 -17.22 34.10
N VAL H 153 -62.40 -16.32 34.56
CA VAL H 153 -63.69 -16.70 35.14
C VAL H 153 -64.85 -15.83 34.60
N THR H 154 -66.07 -16.34 34.81
CA THR H 154 -67.37 -15.70 34.54
C THR H 154 -68.16 -15.87 35.84
N VAL H 155 -68.77 -14.78 36.33
CA VAL H 155 -69.58 -14.83 37.56
C VAL H 155 -71.02 -14.47 37.28
N ALA H 156 -71.95 -15.18 37.94
CA ALA H 156 -73.39 -14.96 37.79
C ALA H 156 -74.06 -14.99 39.14
N TRP H 157 -74.99 -14.05 39.39
CA TRP H 157 -75.73 -14.01 40.65
C TRP H 157 -77.20 -14.38 40.44
N LYS H 158 -77.77 -15.10 41.43
CA LYS H 158 -79.16 -15.58 41.43
C LYS H 158 -79.94 -15.08 42.66
N ALA H 159 -81.06 -14.36 42.41
CA ALA H 159 -81.98 -13.86 43.43
C ALA H 159 -83.19 -14.79 43.36
N ASP H 160 -83.33 -15.70 44.37
CA ASP H 160 -84.37 -16.74 44.45
C ASP H 160 -84.46 -17.59 43.15
N SER H 161 -83.27 -17.85 42.52
CA SER H 161 -82.99 -18.59 41.27
C SER H 161 -83.16 -17.73 39.98
N SER H 162 -83.56 -16.44 40.14
CA SER H 162 -83.73 -15.52 39.02
C SER H 162 -82.42 -14.73 38.76
N PRO H 163 -81.98 -14.60 37.48
CA PRO H 163 -80.73 -13.85 37.22
C PRO H 163 -80.80 -12.36 37.54
N VAL H 164 -79.78 -11.86 38.26
CA VAL H 164 -79.61 -10.46 38.65
C VAL H 164 -78.31 -9.92 38.02
N LYS H 165 -78.44 -8.86 37.18
CA LYS H 165 -77.31 -8.21 36.51
C LYS H 165 -76.99 -6.81 37.08
N ALA H 166 -77.96 -6.18 37.77
CA ALA H 166 -77.81 -4.86 38.40
C ALA H 166 -77.14 -4.99 39.75
N GLY H 167 -76.28 -4.02 40.08
CA GLY H 167 -75.55 -3.97 41.34
C GLY H 167 -74.40 -4.96 41.49
N VAL H 168 -73.84 -5.47 40.35
CA VAL H 168 -72.71 -6.41 40.29
C VAL H 168 -71.43 -5.70 39.84
N GLU H 169 -70.33 -5.88 40.60
CA GLU H 169 -69.03 -5.28 40.30
C GLU H 169 -67.96 -6.36 40.42
N THR H 170 -67.36 -6.75 39.29
CA THR H 170 -66.38 -7.84 39.24
C THR H 170 -64.97 -7.32 38.90
N THR H 171 -63.96 -7.96 39.53
CA THR H 171 -62.54 -7.68 39.38
C THR H 171 -61.92 -8.67 38.35
N THR H 172 -61.05 -8.14 37.47
CA THR H 172 -60.32 -8.95 36.48
C THR H 172 -59.34 -9.83 37.26
N PRO H 173 -59.30 -11.17 37.01
CA PRO H 173 -58.40 -12.03 37.79
C PRO H 173 -56.97 -11.49 37.91
N SER H 174 -56.42 -11.55 39.14
CA SER H 174 -55.09 -11.06 39.49
C SER H 174 -54.22 -12.24 39.87
N LYS H 175 -52.93 -12.13 39.54
CA LYS H 175 -51.96 -13.21 39.79
C LYS H 175 -51.59 -13.29 41.25
N GLN H 176 -51.90 -14.43 41.89
CA GLN H 176 -51.56 -14.74 43.28
C GLN H 176 -50.04 -15.04 43.35
N SER H 177 -49.50 -15.23 44.57
CA SER H 177 -48.09 -15.59 44.79
C SER H 177 -47.83 -17.02 44.25
N ASN H 178 -48.73 -17.96 44.60
CA ASN H 178 -48.64 -19.39 44.22
C ASN H 178 -48.90 -19.66 42.71
N ASN H 179 -48.67 -18.64 41.84
CA ASN H 179 -48.83 -18.64 40.39
C ASN H 179 -50.28 -18.75 39.89
N LYS H 180 -51.23 -19.18 40.76
CA LYS H 180 -52.66 -19.26 40.44
C LYS H 180 -53.30 -17.86 40.46
N TYR H 181 -54.58 -17.73 40.05
CA TYR H 181 -55.26 -16.43 39.93
C TYR H 181 -56.43 -16.26 40.90
N ALA H 182 -56.80 -15.00 41.19
CA ALA H 182 -57.90 -14.71 42.11
C ALA H 182 -58.74 -13.48 41.75
N ALA H 183 -60.08 -13.64 41.81
CA ALA H 183 -61.04 -12.58 41.53
C ALA H 183 -62.11 -12.38 42.66
N SER H 184 -62.73 -11.18 42.69
CA SER H 184 -63.83 -10.78 43.61
C SER H 184 -65.02 -10.14 42.87
N SER H 185 -66.25 -10.52 43.24
CA SER H 185 -67.50 -9.98 42.69
C SER H 185 -68.28 -9.30 43.85
N TYR H 186 -69.05 -8.22 43.56
CA TYR H 186 -69.75 -7.48 44.62
C TYR H 186 -71.24 -7.17 44.35
N LEU H 187 -72.14 -8.02 44.90
CA LEU H 187 -73.58 -7.79 44.78
C LEU H 187 -74.10 -6.81 45.87
N SER H 188 -74.17 -5.53 45.47
CA SER H 188 -74.65 -4.40 46.26
C SER H 188 -76.19 -4.33 46.22
N LEU H 189 -76.81 -4.30 47.41
CA LEU H 189 -78.25 -4.24 47.57
C LEU H 189 -78.67 -3.19 48.60
N THR H 190 -79.99 -2.96 48.69
CA THR H 190 -80.60 -2.13 49.71
C THR H 190 -80.85 -3.19 50.80
N PRO H 191 -80.83 -2.86 52.12
CA PRO H 191 -81.04 -3.90 53.13
C PRO H 191 -82.39 -4.62 53.01
N GLU H 192 -83.33 -3.98 52.29
CA GLU H 192 -84.67 -4.48 51.99
C GLU H 192 -84.59 -5.69 51.04
N GLN H 193 -83.82 -5.56 49.92
CA GLN H 193 -83.57 -6.60 48.91
C GLN H 193 -82.99 -7.88 49.54
N TRP H 194 -82.00 -7.73 50.43
CA TRP H 194 -81.36 -8.86 51.14
C TRP H 194 -82.39 -9.73 51.93
N LYS H 195 -83.25 -9.06 52.75
CA LYS H 195 -84.28 -9.67 53.61
C LYS H 195 -85.55 -10.14 52.86
N SER H 196 -85.78 -9.64 51.61
CA SER H 196 -86.96 -9.96 50.81
C SER H 196 -86.82 -11.25 49.97
N HIS H 197 -85.65 -11.91 50.01
CA HIS H 197 -85.38 -13.16 49.29
C HIS H 197 -84.95 -14.29 50.23
N LYS H 198 -85.30 -15.54 49.87
CA LYS H 198 -84.98 -16.74 50.68
C LYS H 198 -83.48 -17.11 50.61
N SER H 199 -82.85 -16.96 49.41
CA SER H 199 -81.44 -17.26 49.16
C SER H 199 -80.85 -16.51 47.95
N TYR H 200 -79.53 -16.24 47.99
CA TYR H 200 -78.73 -15.60 46.93
C TYR H 200 -77.54 -16.53 46.60
N SER H 201 -77.28 -16.77 45.30
CA SER H 201 -76.22 -17.68 44.83
C SER H 201 -75.11 -17.00 44.03
N CYS H 202 -73.86 -17.42 44.28
CA CYS H 202 -72.70 -16.96 43.52
C CYS H 202 -72.18 -18.14 42.68
N GLN H 203 -72.37 -18.05 41.34
CA GLN H 203 -71.96 -19.07 40.38
C GLN H 203 -70.71 -18.62 39.65
N VAL H 204 -69.62 -19.38 39.80
CA VAL H 204 -68.35 -19.07 39.15
C VAL H 204 -68.02 -20.17 38.15
N THR H 205 -68.13 -19.84 36.86
CA THR H 205 -67.84 -20.79 35.80
C THR H 205 -66.44 -20.54 35.25
N HIS H 206 -65.61 -21.59 35.37
CA HIS H 206 -64.21 -21.63 34.98
C HIS H 206 -63.99 -22.93 34.19
N GLU H 207 -63.62 -22.77 32.89
CA GLU H 207 -63.35 -23.86 31.92
C GLU H 207 -64.53 -24.85 31.79
N GLY H 208 -65.75 -24.30 31.62
CA GLY H 208 -66.98 -25.08 31.51
C GLY H 208 -67.57 -25.55 32.83
N SER H 209 -66.71 -25.89 33.80
CA SER H 209 -67.10 -26.35 35.14
C SER H 209 -67.64 -25.16 35.96
N THR H 210 -68.78 -25.35 36.66
CA THR H 210 -69.40 -24.30 37.46
C THR H 210 -69.42 -24.63 38.98
N VAL H 211 -68.90 -23.69 39.77
CA VAL H 211 -68.85 -23.79 41.23
C VAL H 211 -69.85 -22.75 41.78
N GLU H 212 -70.78 -23.21 42.63
CA GLU H 212 -71.79 -22.35 43.23
C GLU H 212 -71.74 -22.35 44.75
N LYS H 213 -71.91 -21.16 45.34
CA LYS H 213 -71.99 -20.93 46.79
C LYS H 213 -73.28 -20.18 47.08
N THR H 214 -74.05 -20.65 48.06
CA THR H 214 -75.32 -20.02 48.36
C THR H 214 -75.31 -19.46 49.77
N VAL H 215 -75.98 -18.32 49.99
CA VAL H 215 -76.18 -17.66 51.29
C VAL H 215 -77.66 -17.32 51.51
N ALA H 216 -78.12 -17.42 52.76
CA ALA H 216 -79.49 -17.17 53.13
C ALA H 216 -79.56 -16.26 54.37
N PRO H 217 -80.61 -15.39 54.49
CA PRO H 217 -80.72 -14.54 55.69
C PRO H 217 -81.33 -15.31 56.86
N ALA I 1 65.94 -1.47 -43.14
CA ALA I 1 66.22 -2.28 -41.97
C ALA I 1 66.53 -1.42 -40.75
N ILE I 2 66.09 -1.90 -39.55
CA ILE I 2 66.24 -1.25 -38.26
C ILE I 2 67.70 -1.25 -37.76
N PHE I 3 68.00 -0.28 -36.87
CA PHE I 3 69.27 -0.11 -36.18
C PHE I 3 69.50 -1.39 -35.42
N GLN I 4 70.58 -2.11 -35.75
CA GLN I 4 70.71 -3.44 -35.21
C GLN I 4 71.68 -3.62 -34.03
N SER I 5 71.54 -2.78 -32.94
CA SER I 5 72.35 -2.90 -31.71
C SER I 5 72.07 -1.82 -30.60
N SER I 6 70.77 -1.65 -30.19
CA SER I 6 70.40 -0.63 -29.19
C SER I 6 70.86 -0.93 -27.74
N MET I 7 71.48 0.07 -27.08
CA MET I 7 72.00 -0.09 -25.73
C MET I 7 71.12 0.55 -24.65
N THR I 8 71.13 -0.11 -23.49
CA THR I 8 70.33 0.23 -22.31
C THR I 8 70.65 1.62 -21.74
N LYS I 9 69.62 2.28 -21.18
CA LYS I 9 69.66 3.62 -20.58
C LYS I 9 70.20 3.64 -19.16
N ALA J 1 -31.68 34.43 -6.01
CA ALA J 1 -33.06 34.26 -5.56
C ALA J 1 -33.75 33.13 -6.32
N ILE J 2 -34.63 32.38 -5.62
CA ILE J 2 -35.37 31.22 -6.11
C ILE J 2 -36.45 31.59 -7.15
N PHE J 3 -36.80 30.60 -7.97
CA PHE J 3 -37.85 30.66 -8.95
C PHE J 3 -39.16 30.94 -8.19
N GLN J 4 -39.85 32.00 -8.59
CA GLN J 4 -41.05 32.57 -7.98
C GLN J 4 -42.28 31.64 -7.85
N SER J 5 -42.98 31.31 -8.98
CA SER J 5 -44.27 30.57 -8.95
C SER J 5 -44.29 29.12 -9.51
N SER J 6 -43.83 28.09 -8.70
CA SER J 6 -43.83 26.69 -9.17
C SER J 6 -45.24 26.06 -9.36
N MET J 7 -45.39 25.34 -10.47
CA MET J 7 -46.58 24.70 -11.03
C MET J 7 -46.79 23.27 -10.46
N THR J 8 -48.04 22.86 -10.16
CA THR J 8 -48.33 21.51 -9.64
C THR J 8 -48.21 20.44 -10.76
N LYS J 9 -47.78 19.23 -10.37
CA LYS J 9 -47.59 18.03 -11.22
C LYS J 9 -48.87 17.27 -11.49
#